data_3WWP
#
_entry.id   3WWP
#
_cell.length_a   191.962
_cell.length_b   261.581
_cell.length_c   91.987
_cell.angle_alpha   90.00
_cell.angle_beta   90.00
_cell.angle_gamma   90.00
#
_symmetry.space_group_name_H-M   'C 2 2 2'
#
loop_
_entity.id
_entity.type
_entity.pdbx_description
1 polymer '(S)-hydroxynitrile lyase'
2 non-polymer 'CITRIC ACID'
3 non-polymer 1,2-ETHANEDIOL
4 non-polymer 'SULFATE ION'
5 non-polymer 'CHLORIDE ION'
6 water water
#
_entity_poly.entity_id   1
_entity_poly.type   'polypeptide(L)'
_entity_poly.pdbx_seq_one_letter_code
;MNHKVHHHHHHIEGRHMELGTLEGFMVSAHFILIHTICHGAWLWYKLIPLLQSAGHNATAIDLVASGIDPRQLEQIGTWE
QYSEPLFTLIESIPEGKKVILVGESGGGINIALAAEKYPEKVSALVFHNALMPDIDHSPAFVYKKFSEVFTDWKDSIFSN
YTYGNDTVTAVELGDRTLAENIFSNSPIEDVELAKHLVRKGSFFEQDLDTLPNFTSEGYGSIRRVYVYGEEDQIFSRDFQ
LWQINNYKPDKVYCVPSADHKIQISKVNELAQILQEVANSASDLLAVA
;
_entity_poly.pdbx_strand_id   A,B,G,L,M,R
#
loop_
_chem_comp.id
_chem_comp.type
_chem_comp.name
_chem_comp.formula
CIT non-polymer 'CITRIC ACID' 'C6 H8 O7'
CL non-polymer 'CHLORIDE ION' 'Cl -1'
EDO non-polymer 1,2-ETHANEDIOL 'C2 H6 O2'
SO4 non-polymer 'SULFATE ION' 'O4 S -2'
#
# COMPACT_ATOMS: atom_id res chain seq x y z
N GLU A 23 -20.81 -14.92 -27.28
CA GLU A 23 -19.42 -14.42 -27.64
C GLU A 23 -19.28 -14.32 -29.17
N GLY A 24 -18.68 -13.22 -29.65
CA GLY A 24 -18.45 -12.98 -31.10
C GLY A 24 -17.07 -12.38 -31.38
N PHE A 25 -16.97 -11.50 -32.37
CA PHE A 25 -15.69 -10.89 -32.72
C PHE A 25 -15.84 -9.38 -32.89
N MET A 26 -14.73 -8.69 -32.74
CA MET A 26 -14.70 -7.27 -33.04
C MET A 26 -13.29 -6.93 -33.52
N VAL A 27 -13.15 -5.74 -34.09
CA VAL A 27 -11.87 -5.31 -34.59
C VAL A 27 -10.89 -4.99 -33.47
N SER A 28 -9.70 -5.57 -33.61
CA SER A 28 -8.51 -5.36 -32.78
C SER A 28 -7.73 -4.24 -33.42
N ALA A 29 -7.60 -3.10 -32.75
CA ALA A 29 -6.96 -1.94 -33.35
C ALA A 29 -5.45 -2.03 -33.25
N HIS A 30 -4.78 -1.31 -34.13
CA HIS A 30 -3.34 -1.16 -34.03
C HIS A 30 -3.08 0.31 -33.73
N PHE A 31 -2.72 0.57 -32.48
CA PHE A 31 -2.37 1.92 -32.04
C PHE A 31 -0.88 2.19 -32.29
N ILE A 32 -0.60 3.36 -32.82
CA ILE A 32 0.77 3.85 -32.89
C ILE A 32 0.86 5.09 -31.99
N LEU A 33 1.78 5.02 -31.02
CA LEU A 33 1.85 5.96 -29.90
C LEU A 33 3.08 6.84 -30.11
N ILE A 34 2.88 8.16 -30.13
CA ILE A 34 3.88 9.13 -30.55
C ILE A 34 4.11 10.19 -29.46
N HIS A 35 5.31 10.16 -28.93
CA HIS A 35 5.79 11.04 -27.86
C HIS A 35 5.92 12.47 -28.36
N THR A 36 6.09 13.40 -27.41
CA THR A 36 6.36 14.79 -27.68
C THR A 36 7.85 15.06 -27.74
N ILE A 37 8.21 16.28 -28.10
CA ILE A 37 9.64 16.61 -28.14
C ILE A 37 10.30 16.41 -26.76
N CYS A 38 11.55 16.02 -26.80
CA CYS A 38 12.39 15.77 -25.60
C CYS A 38 12.15 14.40 -25.00
N HIS A 39 11.03 13.76 -25.33
CA HIS A 39 10.67 12.45 -24.77
C HIS A 39 10.88 11.36 -25.81
N GLY A 40 10.40 10.17 -25.51
CA GLY A 40 10.64 9.00 -26.37
C GLY A 40 9.62 7.90 -26.11
N ALA A 41 9.77 6.81 -26.84
CA ALA A 41 8.86 5.69 -26.79
C ALA A 41 8.68 5.17 -25.37
N TRP A 42 9.74 5.25 -24.56
CA TRP A 42 9.70 4.83 -23.16
C TRP A 42 8.52 5.38 -22.35
N LEU A 43 8.01 6.55 -22.72
CA LEU A 43 6.98 7.23 -21.94
C LEU A 43 5.67 6.43 -21.94
N TRP A 44 5.50 5.58 -22.96
CA TRP A 44 4.31 4.78 -23.14
C TRP A 44 4.36 3.39 -22.46
N TYR A 45 5.32 3.20 -21.55
CA TYR A 45 5.56 1.90 -20.94
C TYR A 45 4.42 1.39 -20.11
N LYS A 46 3.61 2.28 -19.51
CA LYS A 46 2.46 1.80 -18.74
C LYS A 46 1.26 1.37 -19.62
N LEU A 47 1.09 2.09 -20.71
CA LEU A 47 -0.11 1.95 -21.55
C LEU A 47 -0.06 0.72 -22.46
N ILE A 48 1.13 0.43 -23.00
CA ILE A 48 1.24 -0.63 -24.00
C ILE A 48 0.75 -1.99 -23.49
N PRO A 49 1.16 -2.43 -22.28
CA PRO A 49 0.70 -3.73 -21.78
C PRO A 49 -0.81 -3.81 -21.59
N LEU A 50 -1.45 -2.72 -21.20
CA LEU A 50 -2.91 -2.69 -21.03
C LEU A 50 -3.62 -2.86 -22.36
N LEU A 51 -3.10 -2.24 -23.39
CA LEU A 51 -3.74 -2.34 -24.71
C LEU A 51 -3.51 -3.71 -25.29
N GLN A 52 -2.31 -4.25 -25.11
CA GLN A 52 -2.02 -5.60 -25.57
C GLN A 52 -2.77 -6.68 -24.79
N SER A 53 -2.85 -6.52 -23.47
CA SER A 53 -3.55 -7.47 -22.61
C SER A 53 -5.00 -7.58 -23.08
N ALA A 54 -5.58 -6.43 -23.41
CA ALA A 54 -6.95 -6.31 -23.79
C ALA A 54 -7.21 -6.92 -25.17
N GLY A 55 -6.17 -7.11 -25.95
CA GLY A 55 -6.34 -7.72 -27.26
C GLY A 55 -6.03 -6.86 -28.45
N HIS A 56 -5.64 -5.61 -28.23
CA HIS A 56 -5.18 -4.75 -29.29
C HIS A 56 -3.66 -4.81 -29.49
N ASN A 57 -3.20 -4.20 -30.55
CA ASN A 57 -1.80 -4.03 -30.83
C ASN A 57 -1.40 -2.58 -30.51
N ALA A 58 -0.24 -2.36 -29.90
CA ALA A 58 0.21 -1.00 -29.59
C ALA A 58 1.70 -0.89 -29.80
N THR A 59 2.11 0.05 -30.65
CA THR A 59 3.51 0.23 -31.00
C THR A 59 3.92 1.65 -30.62
N ALA A 60 5.01 1.76 -29.91
CA ALA A 60 5.58 3.11 -29.67
C ALA A 60 6.96 3.13 -30.28
N ILE A 61 7.31 4.23 -30.93
CA ILE A 61 8.60 4.38 -31.55
C ILE A 61 9.28 5.66 -31.09
N ASP A 62 10.60 5.72 -31.24
CA ASP A 62 11.36 6.94 -31.01
C ASP A 62 11.38 7.71 -32.32
N LEU A 63 11.02 8.98 -32.27
CA LEU A 63 11.28 9.88 -33.40
C LEU A 63 12.78 10.27 -33.46
N VAL A 64 13.17 11.00 -34.49
CA VAL A 64 14.59 11.30 -34.68
C VAL A 64 15.10 12.06 -33.45
N ALA A 65 16.31 11.71 -33.01
CA ALA A 65 17.03 12.38 -31.93
C ALA A 65 16.27 12.33 -30.61
N SER A 66 15.39 11.36 -30.48
CA SER A 66 14.56 11.23 -29.29
C SER A 66 14.78 9.81 -28.68
N GLY A 67 14.46 9.66 -27.38
CA GLY A 67 14.63 8.39 -26.69
C GLY A 67 16.01 7.88 -26.92
N ILE A 68 16.16 6.66 -27.42
CA ILE A 68 17.49 6.12 -27.67
C ILE A 68 17.89 6.17 -29.14
N ASP A 69 17.17 6.96 -29.96
CA ASP A 69 17.57 7.12 -31.35
C ASP A 69 18.97 7.74 -31.39
N PRO A 70 19.85 7.23 -32.25
CA PRO A 70 21.25 7.68 -32.13
C PRO A 70 21.58 9.02 -32.82
N ARG A 71 20.66 9.56 -33.59
CA ARG A 71 20.87 10.87 -34.18
C ARG A 71 20.86 11.93 -33.09
N GLN A 72 21.51 13.03 -33.38
CA GLN A 72 21.43 14.15 -32.49
C GLN A 72 20.64 15.29 -33.18
N LEU A 73 20.15 16.22 -32.38
CA LEU A 73 19.09 17.12 -32.84
C LEU A 73 19.63 18.03 -33.94
N GLU A 74 20.91 18.33 -33.89
CA GLU A 74 21.53 19.23 -34.90
C GLU A 74 21.55 18.69 -36.33
N GLN A 75 21.29 17.40 -36.48
CA GLN A 75 21.18 16.75 -37.79
C GLN A 75 19.89 17.00 -38.51
N ILE A 76 18.91 17.56 -37.80
CA ILE A 76 17.61 17.88 -38.41
C ILE A 76 17.16 19.29 -38.07
N GLY A 77 16.28 19.82 -38.92
CA GLY A 77 15.68 21.12 -38.67
C GLY A 77 14.22 21.27 -39.05
N THR A 78 13.54 20.16 -39.34
CA THR A 78 12.20 20.21 -39.87
C THR A 78 11.36 19.08 -39.30
N TRP A 79 10.06 19.29 -39.32
CA TRP A 79 9.10 18.27 -38.93
C TRP A 79 9.10 17.06 -39.83
N GLU A 80 9.34 17.28 -41.12
CA GLU A 80 9.32 16.15 -42.09
C GLU A 80 10.46 15.21 -41.74
N GLN A 81 11.62 15.77 -41.42
CA GLN A 81 12.75 14.96 -41.00
C GLN A 81 12.51 14.27 -39.65
N TYR A 82 12.03 15.06 -38.69
CA TYR A 82 11.74 14.57 -37.33
C TYR A 82 10.78 13.39 -37.32
N SER A 83 9.82 13.40 -38.24
CA SER A 83 8.72 12.46 -38.29
C SER A 83 9.01 11.21 -39.08
N GLU A 84 10.19 11.15 -39.72
CA GLU A 84 10.47 10.03 -40.64
C GLU A 84 10.18 8.64 -40.06
N PRO A 85 10.50 8.42 -38.76
CA PRO A 85 10.27 7.07 -38.25
C PRO A 85 8.81 6.70 -38.24
N LEU A 86 7.94 7.69 -38.04
CA LEU A 86 6.51 7.46 -38.06
C LEU A 86 6.03 7.22 -39.51
N PHE A 87 6.56 7.97 -40.45
CA PHE A 87 6.20 7.79 -41.86
C PHE A 87 6.64 6.42 -42.36
N THR A 88 7.85 6.02 -41.99
CA THR A 88 8.39 4.70 -42.33
C THR A 88 7.56 3.54 -41.75
N LEU A 89 7.11 3.69 -40.51
CA LEU A 89 6.22 2.71 -39.88
C LEU A 89 4.92 2.58 -40.66
N ILE A 90 4.31 3.70 -40.97
CA ILE A 90 3.02 3.73 -41.61
C ILE A 90 3.12 3.08 -43.00
N GLU A 91 4.23 3.30 -43.68
CA GLU A 91 4.48 2.70 -44.99
C GLU A 91 4.59 1.18 -44.93
N SER A 92 4.93 0.64 -43.77
CA SER A 92 5.05 -0.79 -43.58
C SER A 92 3.72 -1.46 -43.27
N ILE A 93 2.67 -0.69 -43.04
CA ILE A 93 1.38 -1.26 -42.68
C ILE A 93 0.80 -1.91 -43.94
N PRO A 94 0.33 -3.16 -43.84
CA PRO A 94 -0.14 -3.84 -45.05
C PRO A 94 -1.33 -3.17 -45.69
N GLU A 95 -1.48 -3.38 -46.99
CA GLU A 95 -2.47 -2.69 -47.78
C GLU A 95 -3.83 -3.05 -47.24
N GLY A 96 -4.72 -2.07 -47.21
CA GLY A 96 -6.03 -2.24 -46.59
C GLY A 96 -6.11 -2.36 -45.07
N LYS A 97 -4.99 -2.43 -44.35
CA LYS A 97 -5.03 -2.27 -42.88
C LYS A 97 -4.85 -0.79 -42.49
N LYS A 98 -5.39 -0.42 -41.33
CA LYS A 98 -5.32 0.99 -40.89
C LYS A 98 -4.86 1.02 -39.43
N VAL A 99 -4.40 2.19 -38.98
CA VAL A 99 -3.95 2.37 -37.61
C VAL A 99 -4.65 3.57 -36.93
N ILE A 100 -4.61 3.59 -35.62
CA ILE A 100 -5.06 4.72 -34.84
C ILE A 100 -3.82 5.40 -34.27
N LEU A 101 -3.61 6.67 -34.62
CA LEU A 101 -2.44 7.42 -34.17
C LEU A 101 -2.80 8.16 -32.92
N VAL A 102 -2.00 7.96 -31.88
CA VAL A 102 -2.16 8.69 -30.63
C VAL A 102 -0.93 9.56 -30.45
N GLY A 103 -1.13 10.88 -30.42
CA GLY A 103 -0.03 11.82 -30.20
C GLY A 103 -0.20 12.63 -28.91
N GLU A 104 0.86 12.71 -28.11
CA GLU A 104 0.83 13.42 -26.81
C GLU A 104 1.61 14.72 -26.93
N SER A 105 1.04 15.78 -26.39
CA SER A 105 1.61 17.11 -26.43
C SER A 105 2.00 17.54 -27.85
N GLY A 106 3.28 17.80 -28.11
CA GLY A 106 3.75 18.15 -29.45
C GLY A 106 3.65 17.04 -30.50
N GLY A 107 3.52 15.81 -30.04
CA GLY A 107 3.19 14.66 -30.91
C GLY A 107 1.90 14.82 -31.70
N GLY A 108 1.03 15.70 -31.25
CA GLY A 108 -0.15 16.04 -32.08
C GLY A 108 0.23 16.55 -33.47
N ILE A 109 1.31 17.32 -33.58
CA ILE A 109 1.77 17.82 -34.88
C ILE A 109 2.20 16.64 -35.77
N ASN A 110 2.97 15.72 -35.19
CA ASN A 110 3.43 14.55 -35.95
C ASN A 110 2.27 13.75 -36.49
N ILE A 111 1.27 13.49 -35.66
CA ILE A 111 0.16 12.66 -36.12
C ILE A 111 -0.71 13.37 -37.19
N ALA A 112 -0.80 14.69 -37.10
CA ALA A 112 -1.48 15.47 -38.12
C ALA A 112 -0.76 15.41 -39.46
N LEU A 113 0.55 15.61 -39.42
CA LEU A 113 1.38 15.42 -40.60
C LEU A 113 1.24 14.04 -41.21
N ALA A 114 1.28 12.98 -40.41
CA ALA A 114 1.14 11.64 -40.93
C ALA A 114 -0.23 11.43 -41.59
N ALA A 115 -1.30 11.93 -40.96
CA ALA A 115 -2.65 11.81 -41.50
C ALA A 115 -2.75 12.52 -42.85
N GLU A 116 -2.13 13.69 -42.93
CA GLU A 116 -2.09 14.42 -44.19
C GLU A 116 -1.40 13.63 -45.32
N LYS A 117 -0.30 12.98 -44.99
CA LYS A 117 0.49 12.25 -45.96
C LYS A 117 -0.10 10.90 -46.30
N TYR A 118 -0.70 10.22 -45.33
CA TYR A 118 -1.24 8.89 -45.51
C TYR A 118 -2.66 8.74 -44.96
N PRO A 119 -3.59 9.57 -45.43
CA PRO A 119 -4.93 9.51 -44.84
C PRO A 119 -5.61 8.15 -45.03
N GLU A 120 -5.21 7.42 -46.08
CA GLU A 120 -5.81 6.13 -46.36
C GLU A 120 -5.36 5.05 -45.35
N LYS A 121 -4.35 5.34 -44.54
CA LYS A 121 -3.81 4.36 -43.58
C LYS A 121 -4.31 4.57 -42.15
N VAL A 122 -4.98 5.70 -41.92
CA VAL A 122 -5.34 6.13 -40.57
C VAL A 122 -6.86 6.08 -40.36
N SER A 123 -7.29 5.30 -39.38
CA SER A 123 -8.70 5.27 -39.00
C SER A 123 -9.14 6.36 -38.06
N ALA A 124 -8.27 6.77 -37.15
CA ALA A 124 -8.60 7.87 -36.22
C ALA A 124 -7.31 8.49 -35.68
N LEU A 125 -7.43 9.73 -35.26
CA LEU A 125 -6.37 10.46 -34.55
C LEU A 125 -6.82 10.72 -33.13
N VAL A 126 -5.98 10.42 -32.16
CA VAL A 126 -6.29 10.73 -30.77
C VAL A 126 -5.22 11.66 -30.23
N PHE A 127 -5.67 12.86 -29.89
CA PHE A 127 -4.87 13.90 -29.30
C PHE A 127 -4.91 13.75 -27.77
N HIS A 128 -3.73 13.66 -27.17
CA HIS A 128 -3.56 13.38 -25.73
C HIS A 128 -2.89 14.60 -25.12
N ASN A 129 -3.67 15.50 -24.53
CA ASN A 129 -3.15 16.87 -24.16
C ASN A 129 -2.21 17.42 -25.24
N ALA A 130 -2.69 17.43 -26.50
CA ALA A 130 -1.80 17.58 -27.62
C ALA A 130 -2.18 18.75 -28.49
N LEU A 131 -1.17 19.39 -29.07
CA LEU A 131 -1.41 20.38 -30.09
C LEU A 131 -2.20 19.79 -31.26
N MET A 132 -3.33 20.42 -31.58
CA MET A 132 -4.24 19.93 -32.60
C MET A 132 -4.44 21.01 -33.66
N PRO A 133 -3.74 20.85 -34.79
CA PRO A 133 -3.80 21.87 -35.82
C PRO A 133 -5.14 21.92 -36.47
N ASP A 134 -5.32 22.92 -37.33
CA ASP A 134 -6.53 23.05 -38.13
C ASP A 134 -6.17 23.06 -39.63
N ILE A 135 -7.15 23.29 -40.49
CA ILE A 135 -6.88 23.26 -41.93
C ILE A 135 -7.00 24.64 -42.61
N ASP A 136 -7.15 25.70 -41.84
CA ASP A 136 -7.28 27.01 -42.45
C ASP A 136 -6.21 27.97 -42.03
N HIS A 137 -5.38 27.59 -41.05
CA HIS A 137 -4.22 28.39 -40.67
C HIS A 137 -2.95 27.57 -40.89
N SER A 138 -1.82 28.27 -40.84
CA SER A 138 -0.52 27.64 -40.89
C SER A 138 -0.37 26.55 -39.82
N PRO A 139 0.41 25.51 -40.14
CA PRO A 139 0.50 24.43 -39.18
C PRO A 139 1.00 24.87 -37.82
N ALA A 140 1.65 26.03 -37.74
CA ALA A 140 2.15 26.49 -36.46
C ALA A 140 1.11 27.16 -35.57
N PHE A 141 -0.03 27.49 -36.14
CA PHE A 141 -1.05 28.33 -35.47
C PHE A 141 -1.30 27.97 -34.00
N VAL A 142 -1.59 26.69 -33.72
CA VAL A 142 -1.83 26.29 -32.30
C VAL A 142 -0.59 26.34 -31.41
N TYR A 143 0.59 26.14 -32.00
CA TYR A 143 1.82 26.21 -31.26
C TYR A 143 2.11 27.64 -30.89
N LYS A 144 1.86 28.54 -31.83
CA LYS A 144 2.09 29.97 -31.56
C LYS A 144 1.16 30.46 -30.46
N LYS A 145 -0.07 29.97 -30.45
CA LYS A 145 -0.99 30.29 -29.38
C LYS A 145 -0.47 29.74 -28.03
N PHE A 146 -0.10 28.45 -28.02
CA PHE A 146 0.48 27.90 -26.78
C PHE A 146 1.60 28.79 -26.27
N SER A 147 2.50 29.16 -27.19
CA SER A 147 3.67 29.93 -26.82
C SER A 147 3.34 31.30 -26.26
N GLU A 148 2.23 31.91 -26.72
CA GLU A 148 1.77 33.20 -26.18
C GLU A 148 1.23 33.04 -24.77
N VAL A 149 0.63 31.89 -24.51
CA VAL A 149 -0.25 31.70 -23.38
C VAL A 149 0.45 30.99 -22.21
N PHE A 150 1.59 30.35 -22.50
CA PHE A 150 2.45 29.70 -21.47
C PHE A 150 3.91 30.11 -21.65
N THR A 151 4.47 30.79 -20.66
CA THR A 151 5.87 31.24 -20.74
C THR A 151 6.60 30.94 -19.44
N ASP A 152 6.02 30.12 -18.59
CA ASP A 152 6.61 29.89 -17.27
C ASP A 152 7.57 28.70 -17.28
N TRP A 153 8.74 28.87 -17.93
CA TRP A 153 9.62 27.74 -18.29
C TRP A 153 10.65 27.44 -17.20
N LYS A 154 10.63 28.24 -16.15
CA LYS A 154 11.41 27.95 -14.94
C LYS A 154 12.86 27.60 -15.22
N ASP A 155 13.26 26.37 -14.90
CA ASP A 155 14.66 25.99 -15.00
C ASP A 155 14.99 25.26 -16.31
N SER A 156 14.06 25.24 -17.24
CA SER A 156 14.36 24.67 -18.56
C SER A 156 15.35 25.57 -19.29
N ILE A 157 16.21 24.96 -20.11
CA ILE A 157 17.32 25.66 -20.74
C ILE A 157 17.12 25.74 -22.23
N PHE A 158 17.09 26.97 -22.76
CA PHE A 158 16.95 27.17 -24.18
C PHE A 158 18.30 27.45 -24.81
N SER A 159 18.50 26.91 -26.00
CA SER A 159 19.76 27.05 -26.68
C SER A 159 19.44 27.19 -28.16
N ASN A 160 20.44 27.41 -28.98
CA ASN A 160 20.17 27.28 -30.40
C ASN A 160 21.31 26.77 -31.25
N TYR A 161 20.96 26.32 -32.44
CA TYR A 161 21.92 25.84 -33.39
C TYR A 161 21.52 26.29 -34.78
N THR A 162 22.44 26.17 -35.73
CA THR A 162 22.16 26.53 -37.11
C THR A 162 21.75 25.34 -37.94
N TYR A 163 20.65 25.47 -38.67
CA TYR A 163 20.26 24.48 -39.63
C TYR A 163 19.84 25.21 -40.91
N GLY A 164 20.58 24.99 -42.00
CA GLY A 164 20.43 25.81 -43.21
C GLY A 164 20.67 27.28 -42.90
N ASN A 165 19.79 28.16 -43.37
CA ASN A 165 19.90 29.59 -43.10
C ASN A 165 19.36 30.00 -41.74
N ASP A 166 18.74 29.06 -41.02
CA ASP A 166 17.95 29.39 -39.82
C ASP A 166 18.68 29.13 -38.53
N THR A 167 18.42 29.91 -37.49
CA THR A 167 18.81 29.47 -36.17
C THR A 167 17.62 28.92 -35.42
N VAL A 168 17.79 27.67 -35.00
CA VAL A 168 16.72 26.84 -34.47
C VAL A 168 16.86 26.87 -32.96
N THR A 169 15.74 27.13 -32.29
CA THR A 169 15.70 27.13 -30.85
C THR A 169 15.35 25.73 -30.32
N ALA A 170 16.16 25.32 -29.38
CA ALA A 170 16.04 24.00 -28.74
C ALA A 170 15.81 24.20 -27.25
N VAL A 171 15.22 23.19 -26.59
CA VAL A 171 14.95 23.24 -25.15
C VAL A 171 15.38 21.94 -24.48
N GLU A 172 15.92 22.07 -23.28
CA GLU A 172 16.18 20.94 -22.38
C GLU A 172 15.35 21.12 -21.12
N LEU A 173 14.44 20.19 -20.87
CA LEU A 173 13.43 20.41 -19.84
C LEU A 173 14.07 20.38 -18.44
N GLY A 174 13.74 21.37 -17.63
CA GLY A 174 14.31 21.47 -16.29
C GLY A 174 13.63 20.51 -15.30
N ASP A 175 14.27 20.35 -14.15
CA ASP A 175 13.71 19.47 -13.10
C ASP A 175 12.37 20.02 -12.57
N ARG A 176 12.31 21.32 -12.33
CA ARG A 176 11.06 21.93 -11.85
C ARG A 176 9.98 21.93 -12.91
N THR A 177 10.35 22.19 -14.16
CA THR A 177 9.40 22.04 -15.24
C THR A 177 8.78 20.64 -15.25
N LEU A 178 9.63 19.63 -15.13
CA LEU A 178 9.16 18.23 -15.17
C LEU A 178 8.25 17.93 -13.97
N ALA A 179 8.70 18.30 -12.78
CA ALA A 179 7.95 18.01 -11.57
C ALA A 179 6.65 18.79 -11.43
N GLU A 180 6.67 20.08 -11.80
CA GLU A 180 5.64 21.01 -11.39
C GLU A 180 4.66 21.31 -12.53
N ASN A 181 5.14 21.22 -13.75
CA ASN A 181 4.30 21.52 -14.90
C ASN A 181 3.86 20.30 -15.79
N ILE A 182 4.72 19.32 -15.96
CA ILE A 182 4.48 18.23 -16.91
C ILE A 182 3.99 16.98 -16.18
N PHE A 183 4.78 16.48 -15.23
CA PHE A 183 4.41 15.29 -14.45
C PHE A 183 3.82 15.66 -13.08
N SER A 184 2.97 16.66 -13.06
CA SER A 184 2.53 17.27 -11.85
C SER A 184 1.60 16.47 -10.95
N ASN A 185 0.96 15.41 -11.45
CA ASN A 185 0.20 14.49 -10.62
C ASN A 185 0.59 13.05 -10.85
N SER A 186 1.87 12.88 -11.18
CA SER A 186 2.46 11.58 -11.47
C SER A 186 3.33 11.13 -10.29
N PRO A 187 3.60 9.83 -10.21
CA PRO A 187 4.46 9.31 -9.15
C PRO A 187 5.84 9.93 -9.22
N ILE A 188 6.50 10.19 -8.07
CA ILE A 188 7.78 10.89 -8.17
C ILE A 188 8.79 10.04 -8.90
N GLU A 189 8.65 8.71 -8.83
CA GLU A 189 9.49 7.79 -9.63
C GLU A 189 9.44 8.12 -11.13
N ASP A 190 8.25 8.44 -11.63
CA ASP A 190 8.16 8.84 -13.04
C ASP A 190 8.84 10.14 -13.36
N VAL A 191 8.89 11.04 -12.39
CA VAL A 191 9.66 12.28 -12.58
C VAL A 191 11.12 11.93 -12.68
N GLU A 192 11.59 11.07 -11.79
CA GLU A 192 12.97 10.67 -11.82
C GLU A 192 13.33 9.96 -13.14
N LEU A 193 12.44 9.09 -13.60
CA LEU A 193 12.64 8.39 -14.87
C LEU A 193 12.85 9.39 -15.99
N ALA A 194 11.92 10.34 -16.11
CA ALA A 194 12.05 11.40 -17.08
C ALA A 194 13.36 12.17 -16.96
N LYS A 195 13.77 12.51 -15.72
CA LYS A 195 15.03 13.22 -15.53
C LYS A 195 16.22 12.54 -16.18
N HIS A 196 16.22 11.21 -16.21
CA HIS A 196 17.34 10.43 -16.73
C HIS A 196 17.21 10.11 -18.21
N LEU A 197 16.10 10.55 -18.81
CA LEU A 197 15.83 10.19 -20.20
C LEU A 197 15.54 11.34 -21.17
N VAL A 198 15.01 12.45 -20.65
CA VAL A 198 14.69 13.57 -21.57
C VAL A 198 15.93 14.17 -22.23
N ARG A 199 15.75 14.53 -23.50
CA ARG A 199 16.84 14.97 -24.32
C ARG A 199 16.47 16.32 -24.92
N LYS A 200 17.46 16.99 -25.49
CA LYS A 200 17.22 18.25 -26.19
C LYS A 200 16.22 18.06 -27.31
N GLY A 201 15.30 19.02 -27.47
CA GLY A 201 14.25 18.91 -28.46
C GLY A 201 14.02 20.30 -29.03
N SER A 202 13.27 20.36 -30.12
CA SER A 202 12.86 21.61 -30.76
C SER A 202 11.48 21.46 -31.35
N PHE A 203 10.74 22.58 -31.37
CA PHE A 203 9.51 22.69 -32.14
C PHE A 203 9.67 23.18 -33.59
N PHE A 204 10.90 23.41 -34.03
CA PHE A 204 11.19 23.77 -35.43
C PHE A 204 10.20 24.82 -35.95
N GLU A 205 10.05 25.89 -35.18
CA GLU A 205 8.93 26.82 -35.41
C GLU A 205 9.03 27.46 -36.79
N GLN A 206 10.25 27.77 -37.23
CA GLN A 206 10.40 28.40 -38.53
C GLN A 206 9.98 27.50 -39.69
N ASP A 207 10.23 26.19 -39.57
CA ASP A 207 9.69 25.23 -40.49
C ASP A 207 8.18 25.17 -40.38
N LEU A 208 7.70 24.91 -39.18
CA LEU A 208 6.28 24.66 -38.95
C LEU A 208 5.43 25.83 -39.49
N ASP A 209 5.87 27.07 -39.28
CA ASP A 209 5.09 28.22 -39.67
C ASP A 209 5.16 28.52 -41.18
N THR A 210 6.06 27.86 -41.90
CA THR A 210 6.15 28.05 -43.33
C THR A 210 5.70 26.86 -44.13
N LEU A 211 5.25 25.80 -43.47
CA LEU A 211 4.69 24.67 -44.20
C LEU A 211 3.34 25.01 -44.84
N PRO A 212 2.97 24.30 -45.93
CA PRO A 212 1.63 24.55 -46.45
C PRO A 212 0.60 24.10 -45.43
N ASN A 213 -0.58 24.69 -45.48
CA ASN A 213 -1.65 24.31 -44.56
C ASN A 213 -2.03 22.85 -44.78
N PHE A 214 -2.54 22.22 -43.72
CA PHE A 214 -3.19 20.97 -43.84
C PHE A 214 -4.42 21.13 -44.71
N THR A 215 -4.92 20.04 -45.22
CA THR A 215 -6.06 20.09 -46.13
C THR A 215 -7.24 19.25 -45.69
N SER A 216 -8.42 19.57 -46.23
CA SER A 216 -9.62 18.85 -45.89
C SER A 216 -9.58 17.41 -46.33
N GLU A 217 -8.90 17.11 -47.44
CA GLU A 217 -8.82 15.73 -47.92
C GLU A 217 -7.76 14.91 -47.24
N GLY A 218 -6.75 15.55 -46.68
CA GLY A 218 -5.74 14.83 -45.90
C GLY A 218 -6.14 14.74 -44.42
N TYR A 219 -5.44 15.54 -43.59
CA TYR A 219 -5.62 15.59 -42.13
C TYR A 219 -7.09 15.84 -41.77
N GLY A 220 -7.75 16.65 -42.60
CA GLY A 220 -9.12 17.06 -42.32
C GLY A 220 -10.19 16.05 -42.66
N SER A 221 -9.79 14.85 -43.08
CA SER A 221 -10.72 13.78 -43.42
C SER A 221 -10.82 12.69 -42.37
N ILE A 222 -9.99 12.77 -41.34
CA ILE A 222 -9.85 11.66 -40.41
C ILE A 222 -10.57 11.98 -39.10
N ARG A 223 -11.23 10.98 -38.52
CA ARG A 223 -11.88 11.17 -37.20
C ARG A 223 -10.83 11.63 -36.16
N ARG A 224 -11.14 12.70 -35.43
CA ARG A 224 -10.25 13.29 -34.41
C ARG A 224 -10.94 13.23 -33.04
N VAL A 225 -10.23 12.65 -32.09
CA VAL A 225 -10.68 12.55 -30.70
C VAL A 225 -9.72 13.38 -29.83
N TYR A 226 -10.28 14.32 -29.06
CA TYR A 226 -9.45 15.18 -28.21
C TYR A 226 -9.59 14.78 -26.73
N VAL A 227 -8.50 14.26 -26.17
CA VAL A 227 -8.44 13.81 -24.79
C VAL A 227 -7.57 14.77 -23.98
N TYR A 228 -8.07 15.23 -22.84
CA TYR A 228 -7.27 16.10 -21.99
C TYR A 228 -7.43 15.79 -20.50
N GLY A 229 -6.38 16.10 -19.76
CA GLY A 229 -6.33 15.86 -18.32
C GLY A 229 -6.87 17.06 -17.56
N GLU A 230 -7.75 16.81 -16.61
CA GLU A 230 -8.37 17.86 -15.81
C GLU A 230 -7.36 18.80 -15.15
N GLU A 231 -6.23 18.25 -14.70
CA GLU A 231 -5.24 19.02 -13.91
C GLU A 231 -3.93 19.25 -14.66
N ASP A 232 -4.01 19.45 -15.98
CA ASP A 232 -2.82 19.74 -16.76
C ASP A 232 -2.24 21.08 -16.33
N GLN A 233 -0.96 21.10 -15.97
CA GLN A 233 -0.30 22.29 -15.47
C GLN A 233 0.64 22.90 -16.50
N ILE A 234 0.47 22.52 -17.78
CA ILE A 234 1.17 23.22 -18.83
C ILE A 234 0.24 23.65 -19.97
N PHE A 235 -0.68 22.78 -20.39
CA PHE A 235 -1.79 23.17 -21.31
C PHE A 235 -3.03 23.45 -20.45
N SER A 236 -3.23 24.75 -20.13
CA SER A 236 -4.41 25.37 -19.41
C SER A 236 -5.67 24.71 -19.82
N ARG A 237 -6.66 24.71 -18.95
CA ARG A 237 -8.04 24.45 -19.35
C ARG A 237 -8.47 25.39 -20.49
N ASP A 238 -8.18 26.68 -20.33
CA ASP A 238 -8.59 27.64 -21.36
C ASP A 238 -7.92 27.36 -22.71
N PHE A 239 -6.64 27.03 -22.70
CA PHE A 239 -5.93 26.69 -23.94
C PHE A 239 -6.52 25.45 -24.58
N GLN A 240 -6.77 24.42 -23.78
CA GLN A 240 -7.33 23.21 -24.36
C GLN A 240 -8.72 23.43 -24.95
N LEU A 241 -9.58 24.15 -24.23
CA LEU A 241 -10.87 24.51 -24.79
C LEU A 241 -10.72 25.41 -26.02
N TRP A 242 -9.72 26.28 -26.04
CA TRP A 242 -9.46 27.11 -27.22
C TRP A 242 -9.11 26.21 -28.41
N GLN A 243 -8.34 25.13 -28.20
CA GLN A 243 -8.01 24.23 -29.31
C GLN A 243 -9.22 23.45 -29.80
N ILE A 244 -10.02 22.98 -28.86
CA ILE A 244 -11.15 22.15 -29.18
C ILE A 244 -12.13 23.01 -30.05
N ASN A 245 -12.33 24.24 -29.62
CA ASN A 245 -13.27 25.15 -30.27
C ASN A 245 -12.67 25.67 -31.59
N ASN A 246 -11.36 25.77 -31.67
CA ASN A 246 -10.71 26.17 -32.92
C ASN A 246 -10.99 25.22 -34.09
N TYR A 247 -10.97 23.93 -33.82
CA TYR A 247 -11.23 22.95 -34.85
C TYR A 247 -11.98 21.74 -34.30
N LYS A 248 -13.31 21.83 -34.34
CA LYS A 248 -14.13 20.97 -33.50
C LYS A 248 -13.83 19.51 -33.82
N PRO A 249 -13.50 18.72 -32.80
CA PRO A 249 -13.27 17.30 -33.01
C PRO A 249 -14.53 16.46 -33.01
N ASP A 250 -14.42 15.21 -33.40
CA ASP A 250 -15.55 14.33 -33.36
C ASP A 250 -15.96 13.95 -31.95
N LYS A 251 -15.02 13.91 -31.01
CA LYS A 251 -15.37 13.55 -29.64
C LYS A 251 -14.32 14.11 -28.71
N VAL A 252 -14.74 14.39 -27.49
CA VAL A 252 -13.88 15.02 -26.46
C VAL A 252 -13.98 14.15 -25.21
N TYR A 253 -12.84 13.87 -24.59
CA TYR A 253 -12.82 13.23 -23.28
C TYR A 253 -11.97 14.06 -22.32
N CYS A 254 -12.46 14.26 -21.10
CA CYS A 254 -11.65 14.87 -20.04
C CYS A 254 -11.40 13.81 -18.99
N VAL A 255 -10.16 13.66 -18.57
CA VAL A 255 -9.82 12.62 -17.60
C VAL A 255 -9.65 13.28 -16.24
N PRO A 256 -10.52 12.90 -15.28
CA PRO A 256 -10.39 13.49 -13.95
C PRO A 256 -9.06 13.21 -13.27
N SER A 257 -8.50 14.27 -12.70
CA SER A 257 -7.27 14.26 -11.90
C SER A 257 -6.00 13.95 -12.70
N ALA A 258 -6.10 13.90 -14.01
CA ALA A 258 -4.92 13.63 -14.80
C ALA A 258 -4.10 14.88 -15.01
N ASP A 259 -2.80 14.70 -15.09
CA ASP A 259 -1.88 15.78 -15.44
C ASP A 259 -1.59 15.79 -16.95
N HIS A 260 -0.56 16.51 -17.35
CA HIS A 260 -0.21 16.60 -18.75
C HIS A 260 0.13 15.23 -19.33
N LYS A 261 0.61 14.33 -18.47
CA LYS A 261 1.03 12.99 -18.93
C LYS A 261 0.01 11.93 -18.49
N ILE A 262 -1.15 11.93 -19.13
CA ILE A 262 -2.22 11.01 -18.81
C ILE A 262 -1.73 9.57 -18.81
N GLN A 263 -0.84 9.24 -19.76
CA GLN A 263 -0.35 7.87 -19.88
C GLN A 263 0.50 7.47 -18.74
N ILE A 264 0.89 8.44 -17.90
CA ILE A 264 1.67 8.16 -16.69
C ILE A 264 0.82 8.27 -15.43
N SER A 265 -0.01 9.32 -15.35
CA SER A 265 -0.80 9.61 -14.12
C SER A 265 -2.14 8.88 -13.97
N LYS A 266 -2.80 8.60 -15.11
CA LYS A 266 -4.12 7.94 -15.17
C LYS A 266 -4.21 6.98 -16.36
N VAL A 267 -3.29 6.02 -16.37
CA VAL A 267 -3.15 5.15 -17.52
C VAL A 267 -4.34 4.22 -17.68
N ASN A 268 -4.95 3.79 -16.57
CA ASN A 268 -6.10 2.89 -16.65
C ASN A 268 -7.25 3.53 -17.44
N GLU A 269 -7.51 4.79 -17.10
CA GLU A 269 -8.54 5.60 -17.68
C GLU A 269 -8.23 5.92 -19.14
N LEU A 270 -6.95 6.18 -19.45
CA LEU A 270 -6.54 6.40 -20.84
C LEU A 270 -6.75 5.14 -21.68
N ALA A 271 -6.41 3.98 -21.13
CA ALA A 271 -6.60 2.72 -21.88
C ALA A 271 -8.08 2.53 -22.19
N GLN A 272 -8.94 2.77 -21.20
CA GLN A 272 -10.39 2.65 -21.40
C GLN A 272 -10.88 3.54 -22.55
N ILE A 273 -10.43 4.79 -22.58
CA ILE A 273 -10.79 5.72 -23.65
C ILE A 273 -10.30 5.24 -25.02
N LEU A 274 -9.07 4.75 -25.09
CA LEU A 274 -8.54 4.30 -26.36
C LEU A 274 -9.32 3.09 -26.86
N GLN A 275 -9.67 2.18 -25.95
CA GLN A 275 -10.42 1.01 -26.33
C GLN A 275 -11.80 1.37 -26.86
N GLU A 276 -12.43 2.38 -26.25
CA GLU A 276 -13.72 2.85 -26.71
C GLU A 276 -13.61 3.49 -28.10
N VAL A 277 -12.53 4.21 -28.35
CA VAL A 277 -12.23 4.74 -29.67
C VAL A 277 -12.03 3.62 -30.70
N ALA A 278 -11.36 2.54 -30.33
CA ALA A 278 -11.14 1.40 -31.24
C ALA A 278 -12.47 0.71 -31.55
N ASN A 279 -13.31 0.59 -30.56
CA ASN A 279 -14.57 -0.09 -30.75
C ASN A 279 -15.50 0.71 -31.60
N SER A 280 -15.47 2.02 -31.47
CA SER A 280 -16.14 2.89 -32.41
C SER A 280 -15.68 2.65 -33.88
N ALA A 281 -14.37 2.56 -34.12
CA ALA A 281 -13.85 2.16 -35.44
C ALA A 281 -14.30 0.72 -35.82
N SER A 282 -14.39 -0.19 -34.84
CA SER A 282 -14.87 -1.59 -35.13
C SER A 282 -16.35 -1.60 -35.60
N ASP A 283 -17.19 -0.85 -34.88
CA ASP A 283 -18.62 -0.65 -35.25
C ASP A 283 -18.81 0.00 -36.64
N LEU A 284 -17.89 0.89 -37.04
CA LEU A 284 -17.95 1.51 -38.39
C LEU A 284 -17.74 0.47 -39.49
N LEU A 285 -16.77 -0.42 -39.28
CA LEU A 285 -16.50 -1.51 -40.23
C LEU A 285 -17.66 -2.47 -40.30
N ALA A 286 -18.33 -2.69 -39.16
CA ALA A 286 -19.47 -3.61 -39.11
C ALA A 286 -20.57 -3.18 -40.10
N VAL A 287 -20.47 -1.94 -40.58
CA VAL A 287 -21.56 -1.28 -41.32
C VAL A 287 -21.03 -0.66 -42.62
N GLY B 24 15.77 5.53 15.50
CA GLY B 24 17.10 4.99 15.86
C GLY B 24 18.27 5.56 15.09
N PHE B 25 19.41 4.91 15.20
CA PHE B 25 20.62 5.38 14.51
C PHE B 25 20.42 5.26 13.01
N MET B 26 20.57 6.40 12.34
CA MET B 26 20.44 6.51 10.87
C MET B 26 21.40 7.59 10.40
N VAL B 27 22.15 7.29 9.36
CA VAL B 27 22.97 8.33 8.75
C VAL B 27 22.59 8.48 7.29
N SER B 28 22.96 9.62 6.74
CA SER B 28 22.79 9.83 5.32
C SER B 28 24.13 9.65 4.64
N ALA B 29 24.12 9.03 3.47
CA ALA B 29 25.32 8.75 2.70
C ALA B 29 25.18 9.23 1.24
N HIS B 30 26.26 9.22 0.47
CA HIS B 30 26.17 9.43 -0.98
C HIS B 30 26.36 8.09 -1.71
N PHE B 31 25.32 7.67 -2.42
CA PHE B 31 25.35 6.45 -3.24
C PHE B 31 25.56 6.85 -4.70
N ILE B 32 26.38 6.08 -5.40
CA ILE B 32 26.44 6.12 -6.85
C ILE B 32 25.98 4.76 -7.35
N LEU B 33 25.00 4.81 -8.25
CA LEU B 33 24.29 3.63 -8.68
C LEU B 33 24.71 3.38 -10.13
N ILE B 34 25.15 2.16 -10.41
CA ILE B 34 25.75 1.82 -11.71
C ILE B 34 25.06 0.62 -12.36
N HIS B 35 24.45 0.87 -13.51
CA HIS B 35 23.75 -0.12 -14.31
C HIS B 35 24.70 -1.13 -14.98
N THR B 36 24.11 -2.21 -15.47
CA THR B 36 24.84 -3.25 -16.20
C THR B 36 24.85 -2.94 -17.70
N ILE B 37 25.54 -3.76 -18.47
CA ILE B 37 25.61 -3.50 -19.90
C ILE B 37 24.20 -3.56 -20.49
N CYS B 38 23.98 -2.77 -21.53
CA CYS B 38 22.69 -2.69 -22.22
C CYS B 38 21.68 -1.78 -21.53
N HIS B 39 21.93 -1.42 -20.27
CA HIS B 39 20.97 -0.67 -19.49
C HIS B 39 21.50 0.75 -19.30
N GLY B 40 20.87 1.51 -18.42
CA GLY B 40 21.24 2.90 -18.22
C GLY B 40 20.72 3.39 -16.89
N ALA B 41 21.05 4.64 -16.59
CA ALA B 41 20.67 5.27 -15.33
C ALA B 41 19.18 5.14 -15.03
N TRP B 42 18.37 5.17 -16.10
CA TRP B 42 16.91 5.03 -16.02
C TRP B 42 16.45 3.86 -15.16
N LEU B 43 17.26 2.81 -15.09
CA LEU B 43 16.89 1.57 -14.38
C LEU B 43 16.71 1.83 -12.87
N TRP B 44 17.36 2.87 -12.38
CA TRP B 44 17.35 3.20 -10.95
C TRP B 44 16.21 4.14 -10.54
N TYR B 45 15.24 4.35 -11.44
CA TYR B 45 14.19 5.37 -11.24
C TYR B 45 13.34 5.20 -9.99
N LYS B 46 13.13 3.96 -9.55
CA LYS B 46 12.32 3.69 -8.35
C LYS B 46 13.14 3.89 -7.09
N LEU B 47 14.42 3.57 -7.15
CA LEU B 47 15.27 3.54 -5.96
C LEU B 47 15.65 4.95 -5.56
N ILE B 48 15.92 5.80 -6.55
CA ILE B 48 16.49 7.12 -6.24
C ILE B 48 15.60 7.93 -5.30
N PRO B 49 14.29 8.03 -5.57
CA PRO B 49 13.49 8.88 -4.67
C PRO B 49 13.37 8.29 -3.26
N LEU B 50 13.38 6.96 -3.16
CA LEU B 50 13.34 6.30 -1.83
C LEU B 50 14.56 6.65 -1.03
N LEU B 51 15.73 6.60 -1.66
CA LEU B 51 16.96 6.98 -0.97
C LEU B 51 16.99 8.45 -0.61
N GLN B 52 16.53 9.29 -1.55
CA GLN B 52 16.51 10.72 -1.31
C GLN B 52 15.55 11.11 -0.21
N SER B 53 14.44 10.40 -0.09
CA SER B 53 13.47 10.64 0.99
C SER B 53 14.07 10.41 2.34
N ALA B 54 15.03 9.49 2.43
CA ALA B 54 15.70 9.24 3.71
C ALA B 54 16.93 10.12 3.93
N GLY B 55 17.15 11.10 3.07
CA GLY B 55 18.20 12.09 3.26
C GLY B 55 19.49 11.75 2.56
N HIS B 56 19.53 10.65 1.82
CA HIS B 56 20.72 10.29 1.06
C HIS B 56 20.80 11.08 -0.23
N ASN B 57 22.01 11.25 -0.71
CA ASN B 57 22.28 11.69 -2.06
C ASN B 57 22.46 10.44 -2.91
N ALA B 58 21.67 10.30 -3.95
CA ALA B 58 21.77 9.11 -4.78
C ALA B 58 21.94 9.57 -6.22
N THR B 59 23.00 9.12 -6.86
CA THR B 59 23.34 9.58 -8.19
C THR B 59 23.42 8.38 -9.11
N ALA B 60 22.59 8.38 -10.16
CA ALA B 60 22.72 7.37 -11.21
C ALA B 60 23.21 8.03 -12.48
N ILE B 61 24.15 7.39 -13.16
CA ILE B 61 24.68 7.95 -14.41
C ILE B 61 24.63 6.90 -15.52
N ASP B 62 24.63 7.36 -16.76
CA ASP B 62 24.84 6.50 -17.93
C ASP B 62 26.33 6.34 -18.16
N LEU B 63 26.77 5.09 -18.25
CA LEU B 63 28.10 4.81 -18.76
C LEU B 63 28.13 5.04 -20.27
N VAL B 64 29.32 4.95 -20.85
CA VAL B 64 29.47 5.23 -22.26
C VAL B 64 28.57 4.30 -23.08
N ALA B 65 27.94 4.87 -24.11
CA ALA B 65 27.08 4.15 -25.03
C ALA B 65 25.94 3.42 -24.36
N SER B 66 25.50 3.97 -23.22
CA SER B 66 24.43 3.39 -22.43
C SER B 66 23.36 4.45 -22.17
N GLY B 67 22.14 4.02 -21.90
CA GLY B 67 21.09 4.96 -21.64
C GLY B 67 20.95 5.94 -22.80
N ILE B 68 20.94 7.24 -22.48
CA ILE B 68 20.91 8.24 -23.51
C ILE B 68 22.27 8.85 -23.84
N ASP B 69 23.34 8.22 -23.38
CA ASP B 69 24.66 8.66 -23.78
C ASP B 69 24.81 8.69 -25.30
N PRO B 70 25.40 9.76 -25.84
CA PRO B 70 25.35 9.87 -27.30
C PRO B 70 26.43 9.10 -28.05
N ARG B 71 27.37 8.46 -27.35
CA ARG B 71 28.31 7.58 -28.05
C ARG B 71 27.63 6.30 -28.47
N GLN B 72 28.15 5.68 -29.53
CA GLN B 72 27.75 4.34 -29.90
C GLN B 72 28.81 3.31 -29.50
N LEU B 73 28.37 2.07 -29.34
CA LEU B 73 29.23 1.06 -28.70
C LEU B 73 30.52 0.91 -29.53
N GLU B 74 30.42 1.05 -30.86
CA GLU B 74 31.59 0.86 -31.76
C GLU B 74 32.71 1.83 -31.49
N GLN B 75 32.44 2.88 -30.70
CA GLN B 75 33.41 3.87 -30.35
C GLN B 75 34.25 3.49 -29.15
N ILE B 76 33.96 2.35 -28.51
CA ILE B 76 34.78 1.90 -27.40
C ILE B 76 35.03 0.38 -27.52
N GLY B 77 36.07 -0.07 -26.83
CA GLY B 77 36.39 -1.48 -26.78
C GLY B 77 36.98 -1.99 -25.46
N THR B 78 36.91 -1.18 -24.42
CA THR B 78 37.57 -1.45 -23.15
C THR B 78 36.74 -1.01 -21.93
N TRP B 79 36.94 -1.66 -20.79
CA TRP B 79 36.29 -1.25 -19.55
C TRP B 79 36.74 0.13 -19.08
N GLU B 80 37.99 0.47 -19.35
CA GLU B 80 38.45 1.81 -18.97
C GLU B 80 37.66 2.92 -19.65
N GLN B 81 37.49 2.80 -20.95
CA GLN B 81 36.70 3.78 -21.71
C GLN B 81 35.25 3.76 -21.22
N TYR B 82 34.66 2.56 -21.17
CA TYR B 82 33.25 2.34 -20.75
C TYR B 82 32.94 3.04 -19.41
N SER B 83 33.89 2.92 -18.47
CA SER B 83 33.74 3.36 -17.10
C SER B 83 34.04 4.82 -16.89
N GLU B 84 34.53 5.51 -17.93
CA GLU B 84 34.96 6.91 -17.74
C GLU B 84 33.97 7.81 -16.98
N PRO B 85 32.65 7.71 -17.26
CA PRO B 85 31.75 8.58 -16.53
C PRO B 85 31.74 8.36 -15.03
N LEU B 86 31.92 7.12 -14.62
CA LEU B 86 32.00 6.78 -13.21
C LEU B 86 33.28 7.32 -12.57
N PHE B 87 34.41 7.20 -13.27
CA PHE B 87 35.69 7.68 -12.75
C PHE B 87 35.69 9.20 -12.63
N THR B 88 35.14 9.87 -13.64
CA THR B 88 34.99 11.33 -13.60
C THR B 88 34.16 11.81 -12.44
N LEU B 89 33.05 11.13 -12.20
CA LEU B 89 32.18 11.49 -11.09
C LEU B 89 32.89 11.31 -9.77
N ILE B 90 33.59 10.21 -9.62
CA ILE B 90 34.36 9.96 -8.39
C ILE B 90 35.45 11.01 -8.17
N GLU B 91 36.06 11.45 -9.26
CA GLU B 91 37.06 12.53 -9.17
C GLU B 91 36.47 13.84 -8.74
N SER B 92 35.15 13.99 -8.84
CA SER B 92 34.52 15.22 -8.39
C SER B 92 34.13 15.22 -6.91
N ILE B 93 34.19 14.08 -6.24
CA ILE B 93 33.83 14.02 -4.82
C ILE B 93 34.82 14.85 -3.96
N PRO B 94 34.30 15.69 -3.04
CA PRO B 94 35.24 16.53 -2.25
C PRO B 94 36.24 15.73 -1.41
N GLU B 95 37.45 16.27 -1.30
CA GLU B 95 38.43 15.77 -0.33
C GLU B 95 37.74 15.44 0.99
N GLY B 96 38.09 14.29 1.56
CA GLY B 96 37.50 13.85 2.81
C GLY B 96 36.19 13.09 2.72
N LYS B 97 35.50 13.15 1.58
CA LYS B 97 34.19 12.51 1.47
C LYS B 97 34.33 11.19 0.72
N LYS B 98 33.46 10.24 1.06
CA LYS B 98 33.42 8.94 0.42
C LYS B 98 32.02 8.59 -0.10
N VAL B 99 31.99 7.63 -1.01
CA VAL B 99 30.74 7.18 -1.61
C VAL B 99 30.59 5.68 -1.46
N ILE B 100 29.34 5.26 -1.46
CA ILE B 100 28.97 3.87 -1.58
C ILE B 100 28.60 3.61 -3.06
N LEU B 101 29.28 2.66 -3.67
CA LEU B 101 29.02 2.27 -5.04
C LEU B 101 28.15 1.08 -5.02
N VAL B 102 27.08 1.15 -5.80
CA VAL B 102 26.17 0.07 -5.93
C VAL B 102 26.16 -0.38 -7.41
N GLY B 103 26.58 -1.60 -7.67
CA GLY B 103 26.63 -2.11 -9.05
C GLY B 103 25.71 -3.28 -9.25
N GLU B 104 24.93 -3.25 -10.35
CA GLU B 104 23.95 -4.34 -10.60
C GLU B 104 24.43 -5.14 -11.78
N SER B 105 24.35 -6.46 -11.65
CA SER B 105 24.75 -7.39 -12.68
C SER B 105 26.20 -7.15 -13.11
N GLY B 106 26.44 -6.81 -14.37
CA GLY B 106 27.78 -6.51 -14.87
C GLY B 106 28.39 -5.23 -14.36
N GLY B 107 27.57 -4.36 -13.78
CA GLY B 107 28.06 -3.18 -13.09
C GLY B 107 28.91 -3.47 -11.86
N GLY B 108 28.90 -4.71 -11.42
CA GLY B 108 29.87 -5.18 -10.42
C GLY B 108 31.31 -5.00 -10.87
N ILE B 109 31.59 -5.25 -12.15
CA ILE B 109 32.94 -5.03 -12.69
C ILE B 109 33.33 -3.56 -12.66
N ASN B 110 32.39 -2.69 -13.04
CA ASN B 110 32.69 -1.25 -12.99
C ASN B 110 33.02 -0.77 -11.58
N ILE B 111 32.23 -1.17 -10.58
CA ILE B 111 32.48 -0.66 -9.23
C ILE B 111 33.80 -1.21 -8.65
N ALA B 112 34.18 -2.43 -8.99
CA ALA B 112 35.47 -2.99 -8.60
C ALA B 112 36.66 -2.24 -9.24
N LEU B 113 36.52 -1.88 -10.51
CA LEU B 113 37.53 -1.08 -11.21
C LEU B 113 37.66 0.27 -10.57
N ALA B 114 36.52 0.87 -10.20
CA ALA B 114 36.54 2.15 -9.54
C ALA B 114 37.22 2.06 -8.17
N ALA B 115 36.89 1.01 -7.42
CA ALA B 115 37.48 0.81 -6.09
C ALA B 115 39.01 0.64 -6.17
N GLU B 116 39.47 -0.09 -7.19
CA GLU B 116 40.90 -0.32 -7.42
C GLU B 116 41.62 0.98 -7.71
N LYS B 117 40.95 1.88 -8.40
CA LYS B 117 41.54 3.13 -8.86
C LYS B 117 41.45 4.22 -7.82
N TYR B 118 40.36 4.25 -7.04
CA TYR B 118 40.08 5.34 -6.09
C TYR B 118 39.68 4.77 -4.73
N PRO B 119 40.48 3.85 -4.20
CA PRO B 119 40.07 3.18 -2.96
C PRO B 119 39.78 4.14 -1.83
N GLU B 120 40.48 5.28 -1.84
CA GLU B 120 40.33 6.29 -0.81
C GLU B 120 38.99 7.04 -0.83
N LYS B 121 38.22 6.89 -1.91
CA LYS B 121 36.98 7.64 -2.10
C LYS B 121 35.74 6.77 -1.81
N VAL B 122 35.94 5.48 -1.59
CA VAL B 122 34.82 4.50 -1.55
C VAL B 122 34.73 3.86 -0.14
N SER B 123 33.59 4.07 0.52
CA SER B 123 33.33 3.47 1.83
C SER B 123 32.86 2.05 1.76
N ALA B 124 32.11 1.70 0.71
CA ALA B 124 31.61 0.37 0.62
C ALA B 124 31.21 0.08 -0.82
N LEU B 125 31.30 -1.19 -1.19
CA LEU B 125 30.75 -1.70 -2.45
C LEU B 125 29.54 -2.57 -2.19
N VAL B 126 28.49 -2.36 -2.97
CA VAL B 126 27.30 -3.18 -2.89
C VAL B 126 27.06 -3.84 -4.22
N PHE B 127 27.21 -5.14 -4.21
CA PHE B 127 26.95 -5.97 -5.38
C PHE B 127 25.49 -6.45 -5.39
N HIS B 128 24.75 -5.99 -6.40
CA HIS B 128 23.32 -6.22 -6.53
C HIS B 128 23.14 -7.25 -7.63
N ASN B 129 22.91 -8.52 -7.26
CA ASN B 129 22.97 -9.62 -8.19
C ASN B 129 24.08 -9.40 -9.22
N ALA B 130 25.31 -9.22 -8.74
CA ALA B 130 26.33 -8.58 -9.56
C ALA B 130 27.55 -9.48 -9.64
N LEU B 131 28.27 -9.38 -10.75
CA LEU B 131 29.58 -10.02 -10.85
C LEU B 131 30.51 -9.39 -9.86
N MET B 132 31.13 -10.24 -9.07
CA MET B 132 31.96 -9.80 -7.94
C MET B 132 33.32 -10.43 -8.12
N PRO B 133 34.26 -9.68 -8.71
CA PRO B 133 35.61 -10.19 -8.99
C PRO B 133 36.41 -10.49 -7.69
N ASP B 134 37.57 -11.08 -7.86
CA ASP B 134 38.46 -11.42 -6.77
C ASP B 134 39.85 -10.86 -7.05
N ILE B 135 40.84 -11.19 -6.19
CA ILE B 135 42.19 -10.68 -6.40
C ILE B 135 43.21 -11.71 -6.97
N ASP B 136 42.90 -12.99 -6.85
CA ASP B 136 43.85 -14.06 -7.28
C ASP B 136 43.71 -14.48 -8.73
N HIS B 137 42.61 -14.11 -9.37
CA HIS B 137 42.42 -14.45 -10.76
C HIS B 137 42.20 -13.21 -11.63
N SER B 138 42.21 -13.43 -12.93
CA SER B 138 42.05 -12.33 -13.87
C SER B 138 40.71 -11.66 -13.60
N PRO B 139 40.61 -10.35 -13.87
CA PRO B 139 39.32 -9.67 -13.67
C PRO B 139 38.14 -10.34 -14.37
N ALA B 140 38.41 -11.10 -15.41
CA ALA B 140 37.37 -11.79 -16.17
C ALA B 140 36.83 -13.07 -15.51
N PHE B 141 37.51 -13.54 -14.48
CA PHE B 141 37.29 -14.88 -13.93
C PHE B 141 35.79 -15.16 -13.64
N VAL B 142 35.12 -14.26 -12.93
CA VAL B 142 33.68 -14.51 -12.63
C VAL B 142 32.74 -14.44 -13.83
N TYR B 143 33.10 -13.61 -14.81
CA TYR B 143 32.36 -13.52 -16.05
C TYR B 143 32.49 -14.78 -16.91
N LYS B 144 33.71 -15.32 -16.99
CA LYS B 144 33.88 -16.60 -17.68
C LYS B 144 33.07 -17.72 -17.03
N LYS B 145 32.99 -17.70 -15.71
CA LYS B 145 32.21 -18.72 -14.97
C LYS B 145 30.72 -18.56 -15.27
N PHE B 146 30.25 -17.32 -15.24
CA PHE B 146 28.87 -17.06 -15.60
C PHE B 146 28.61 -17.58 -17.01
N SER B 147 29.48 -17.21 -17.94
CA SER B 147 29.28 -17.56 -19.33
C SER B 147 29.25 -19.08 -19.54
N GLU B 148 30.00 -19.80 -18.71
CA GLU B 148 30.08 -21.26 -18.73
C GLU B 148 28.76 -21.93 -18.27
N VAL B 149 28.13 -21.30 -17.32
CA VAL B 149 27.07 -21.87 -16.53
C VAL B 149 25.68 -21.41 -17.02
N PHE B 150 25.65 -20.32 -17.79
CA PHE B 150 24.39 -19.80 -18.35
C PHE B 150 24.57 -19.54 -19.81
N THR B 151 23.76 -20.21 -20.65
CA THR B 151 23.85 -20.08 -22.09
C THR B 151 22.46 -20.03 -22.72
N ASP B 152 21.44 -19.84 -21.90
CA ASP B 152 20.07 -19.85 -22.38
C ASP B 152 19.59 -18.44 -22.82
N TRP B 153 20.13 -17.97 -23.94
CA TRP B 153 20.00 -16.56 -24.35
C TRP B 153 18.82 -16.33 -25.25
N LYS B 154 18.16 -17.41 -25.68
CA LYS B 154 16.86 -17.29 -26.28
C LYS B 154 16.88 -16.35 -27.49
N ASP B 155 16.06 -15.30 -27.49
CA ASP B 155 15.96 -14.41 -28.62
C ASP B 155 16.92 -13.20 -28.57
N SER B 156 17.85 -13.20 -27.63
CA SER B 156 18.88 -12.17 -27.64
C SER B 156 19.77 -12.37 -28.84
N ILE B 157 20.31 -11.26 -29.35
CA ILE B 157 21.04 -11.27 -30.62
C ILE B 157 22.49 -10.88 -30.40
N PHE B 158 23.39 -11.75 -30.83
CA PHE B 158 24.82 -11.55 -30.64
C PHE B 158 25.39 -11.11 -31.98
N SER B 159 26.25 -10.11 -31.94
CA SER B 159 26.83 -9.56 -33.13
C SER B 159 28.30 -9.27 -32.85
N ASN B 160 29.05 -8.84 -33.85
CA ASN B 160 30.34 -8.28 -33.54
C ASN B 160 30.82 -7.06 -34.33
N TYR B 161 31.79 -6.39 -33.74
CA TYR B 161 32.38 -5.25 -34.42
C TYR B 161 33.89 -5.25 -34.18
N THR B 162 34.61 -4.47 -34.98
CA THR B 162 36.05 -4.37 -34.85
C THR B 162 36.40 -3.19 -33.98
N TYR B 163 37.23 -3.43 -32.99
CA TYR B 163 37.85 -2.35 -32.23
C TYR B 163 39.34 -2.63 -32.08
N GLY B 164 40.15 -1.78 -32.70
CA GLY B 164 41.58 -2.02 -32.84
C GLY B 164 41.79 -3.28 -33.63
N ASN B 165 42.59 -4.19 -33.07
CA ASN B 165 42.84 -5.52 -33.67
C ASN B 165 41.76 -6.56 -33.34
N ASP B 166 40.87 -6.21 -32.43
CA ASP B 166 39.96 -7.20 -31.84
C ASP B 166 38.59 -7.27 -32.50
N THR B 167 38.01 -8.47 -32.53
CA THR B 167 36.61 -8.54 -32.78
C THR B 167 35.82 -8.70 -31.52
N VAL B 168 35.08 -7.65 -31.28
CA VAL B 168 34.34 -7.52 -30.05
C VAL B 168 32.92 -8.05 -30.21
N THR B 169 32.52 -8.90 -29.27
CA THR B 169 31.18 -9.47 -29.28
C THR B 169 30.20 -8.58 -28.48
N ALA B 170 29.06 -8.29 -29.10
CA ALA B 170 28.02 -7.43 -28.51
C ALA B 170 26.72 -8.21 -28.46
N VAL B 171 25.81 -7.77 -27.59
CA VAL B 171 24.52 -8.43 -27.41
C VAL B 171 23.42 -7.39 -27.35
N GLU B 172 22.31 -7.71 -28.00
CA GLU B 172 21.07 -6.97 -27.87
C GLU B 172 20.03 -7.88 -27.23
N LEU B 173 19.56 -7.48 -26.05
CA LEU B 173 18.71 -8.33 -25.24
C LEU B 173 17.35 -8.55 -25.88
N GLY B 174 16.95 -9.83 -25.94
CA GLY B 174 15.69 -10.20 -26.53
C GLY B 174 14.49 -9.97 -25.62
N ASP B 175 13.30 -9.90 -26.19
CA ASP B 175 12.07 -9.72 -25.41
C ASP B 175 11.86 -10.86 -24.44
N ARG B 176 12.07 -12.10 -24.89
CA ARG B 176 11.94 -13.26 -23.98
C ARG B 176 12.99 -13.28 -22.92
N THR B 177 14.23 -12.94 -23.27
CA THR B 177 15.27 -12.79 -22.26
C THR B 177 14.88 -11.77 -21.18
N LEU B 178 14.37 -10.63 -21.61
CA LEU B 178 13.98 -9.61 -20.66
C LEU B 178 12.84 -10.11 -19.74
N ALA B 179 11.81 -10.69 -20.35
CA ALA B 179 10.58 -11.02 -19.61
C ALA B 179 10.81 -12.25 -18.72
N GLU B 180 11.66 -13.17 -19.19
CA GLU B 180 11.74 -14.53 -18.60
C GLU B 180 12.94 -14.73 -17.74
N ASN B 181 14.04 -14.02 -18.02
CA ASN B 181 15.28 -14.24 -17.33
C ASN B 181 15.71 -13.03 -16.48
N ILE B 182 15.43 -11.80 -16.94
CA ILE B 182 15.99 -10.61 -16.32
C ILE B 182 14.98 -9.92 -15.43
N PHE B 183 13.81 -9.58 -15.98
CA PHE B 183 12.74 -8.89 -15.24
C PHE B 183 11.62 -9.89 -14.92
N SER B 184 12.01 -11.06 -14.41
CA SER B 184 11.14 -12.26 -14.41
C SER B 184 10.12 -12.22 -13.27
N ASN B 185 10.29 -11.30 -12.34
CA ASN B 185 9.24 -11.06 -11.34
C ASN B 185 9.00 -9.58 -11.12
N SER B 186 9.09 -8.81 -12.19
CA SER B 186 8.89 -7.38 -12.21
C SER B 186 7.54 -7.04 -12.86
N PRO B 187 7.01 -5.85 -12.59
CA PRO B 187 5.77 -5.46 -13.26
C PRO B 187 5.92 -5.51 -14.78
N ILE B 188 4.85 -5.89 -15.46
CA ILE B 188 4.93 -6.05 -16.89
C ILE B 188 5.24 -4.70 -17.57
N GLU B 189 4.90 -3.59 -16.93
CA GLU B 189 5.26 -2.28 -17.50
C GLU B 189 6.77 -1.98 -17.45
N ASP B 190 7.47 -2.56 -16.50
CA ASP B 190 8.91 -2.48 -16.47
C ASP B 190 9.60 -3.29 -17.52
N VAL B 191 9.00 -4.41 -17.93
CA VAL B 191 9.52 -5.18 -19.03
C VAL B 191 9.40 -4.36 -20.32
N GLU B 192 8.25 -3.71 -20.50
CA GLU B 192 8.02 -2.85 -21.63
C GLU B 192 8.93 -1.63 -21.64
N LEU B 193 9.16 -1.03 -20.47
CA LEU B 193 10.07 0.10 -20.40
C LEU B 193 11.47 -0.31 -20.90
N ALA B 194 11.95 -1.43 -20.40
CA ALA B 194 13.24 -1.96 -20.79
C ALA B 194 13.31 -2.24 -22.28
N LYS B 195 12.24 -2.80 -22.81
CA LYS B 195 12.19 -3.04 -24.25
C LYS B 195 12.47 -1.81 -25.09
N HIS B 196 12.00 -0.65 -24.63
CA HIS B 196 12.17 0.58 -25.37
C HIS B 196 13.46 1.35 -25.07
N LEU B 197 14.27 0.84 -24.15
CA LEU B 197 15.46 1.50 -23.71
C LEU B 197 16.79 0.74 -23.82
N VAL B 198 16.76 -0.59 -23.72
CA VAL B 198 18.01 -1.32 -23.77
C VAL B 198 18.69 -1.15 -25.14
N ARG B 199 20.01 -1.06 -25.07
CA ARG B 199 20.86 -0.81 -26.21
C ARG B 199 21.87 -1.94 -26.33
N LYS B 200 22.52 -2.01 -27.49
CA LYS B 200 23.61 -2.94 -27.69
C LYS B 200 24.71 -2.73 -26.65
N GLY B 201 25.21 -3.84 -26.11
CA GLY B 201 26.22 -3.80 -25.07
C GLY B 201 27.28 -4.87 -25.28
N SER B 202 28.44 -4.67 -24.65
CA SER B 202 29.49 -5.69 -24.60
C SER B 202 30.12 -5.81 -23.23
N PHE B 203 30.61 -7.02 -22.93
CA PHE B 203 31.47 -7.27 -21.78
C PHE B 203 32.98 -7.18 -22.07
N PHE B 204 33.33 -6.82 -23.31
CA PHE B 204 34.73 -6.52 -23.66
C PHE B 204 35.67 -7.61 -23.11
N GLU B 205 35.35 -8.87 -23.39
CA GLU B 205 35.97 -9.95 -22.62
C GLU B 205 37.49 -9.98 -22.86
N GLN B 206 37.89 -9.69 -24.09
CA GLN B 206 39.31 -9.74 -24.43
C GLN B 206 40.07 -8.70 -23.64
N ASP B 207 39.48 -7.53 -23.44
CA ASP B 207 40.10 -6.54 -22.59
C ASP B 207 40.11 -7.01 -21.13
N LEU B 208 38.94 -7.43 -20.63
CA LEU B 208 38.76 -7.78 -19.22
C LEU B 208 39.74 -8.88 -18.81
N ASP B 209 39.88 -9.88 -19.67
CA ASP B 209 40.73 -11.02 -19.40
C ASP B 209 42.21 -10.74 -19.52
N THR B 210 42.58 -9.61 -20.10
CA THR B 210 44.00 -9.25 -20.16
C THR B 210 44.37 -8.12 -19.25
N LEU B 211 43.43 -7.63 -18.45
CA LEU B 211 43.77 -6.59 -17.50
C LEU B 211 44.56 -7.14 -16.28
N PRO B 212 45.41 -6.31 -15.66
CA PRO B 212 46.07 -6.77 -14.43
C PRO B 212 45.05 -7.10 -13.35
N ASN B 213 45.40 -8.06 -12.51
CA ASN B 213 44.51 -8.52 -11.45
C ASN B 213 44.22 -7.38 -10.54
N PHE B 214 43.01 -7.33 -9.97
CA PHE B 214 42.74 -6.44 -8.85
C PHE B 214 43.71 -6.76 -7.70
N THR B 215 43.87 -5.85 -6.76
CA THR B 215 44.84 -6.03 -5.68
C THR B 215 44.24 -5.88 -4.28
N SER B 216 44.95 -6.44 -3.29
CA SER B 216 44.55 -6.32 -1.87
C SER B 216 44.43 -4.90 -1.39
N GLU B 217 45.37 -4.05 -1.80
CA GLU B 217 45.37 -2.69 -1.31
C GLU B 217 44.34 -1.81 -2.01
N GLY B 218 43.86 -2.24 -3.19
CA GLY B 218 42.88 -1.44 -3.92
C GLY B 218 41.48 -1.98 -3.69
N TYR B 219 40.96 -2.69 -4.67
CA TYR B 219 39.61 -3.27 -4.59
C TYR B 219 39.46 -4.17 -3.36
N GLY B 220 40.53 -4.89 -3.04
CA GLY B 220 40.55 -5.76 -1.86
C GLY B 220 40.49 -5.09 -0.50
N SER B 221 40.63 -3.78 -0.44
CA SER B 221 40.62 -3.08 0.83
C SER B 221 39.27 -2.54 1.27
N ILE B 222 38.25 -2.64 0.40
CA ILE B 222 36.97 -1.99 0.63
C ILE B 222 35.91 -2.96 1.16
N ARG B 223 35.12 -2.52 2.10
CA ARG B 223 34.01 -3.35 2.61
C ARG B 223 33.08 -3.73 1.44
N ARG B 224 32.83 -5.02 1.25
CA ARG B 224 32.01 -5.53 0.16
C ARG B 224 30.76 -6.19 0.74
N VAL B 225 29.60 -5.73 0.26
CA VAL B 225 28.30 -6.30 0.60
C VAL B 225 27.67 -6.95 -0.63
N TYR B 226 27.22 -8.17 -0.48
CA TYR B 226 26.66 -8.92 -1.61
C TYR B 226 25.15 -9.14 -1.41
N VAL B 227 24.33 -8.66 -2.34
CA VAL B 227 22.90 -8.70 -2.16
C VAL B 227 22.36 -9.49 -3.31
N TYR B 228 21.59 -10.53 -3.02
CA TYR B 228 20.97 -11.29 -4.09
C TYR B 228 19.47 -11.50 -3.94
N GLY B 229 18.84 -11.68 -5.09
CA GLY B 229 17.40 -11.87 -5.20
C GLY B 229 17.15 -13.37 -5.23
N GLU B 230 16.24 -13.80 -4.37
CA GLU B 230 15.93 -15.21 -4.21
C GLU B 230 15.45 -15.85 -5.50
N GLU B 231 14.80 -15.09 -6.37
CA GLU B 231 14.24 -15.70 -7.58
C GLU B 231 14.87 -15.17 -8.87
N ASP B 232 16.18 -14.93 -8.85
CA ASP B 232 16.97 -14.47 -10.01
C ASP B 232 17.03 -15.60 -11.04
N GLN B 233 16.48 -15.36 -12.23
CA GLN B 233 16.43 -16.36 -13.29
C GLN B 233 17.48 -16.20 -14.39
N ILE B 234 18.55 -15.49 -14.08
CA ILE B 234 19.72 -15.50 -14.95
C ILE B 234 21.03 -15.75 -14.19
N PHE B 235 21.22 -15.13 -13.03
CA PHE B 235 22.33 -15.50 -12.11
C PHE B 235 21.74 -16.48 -11.08
N SER B 236 21.97 -17.76 -11.30
CA SER B 236 21.37 -18.83 -10.50
C SER B 236 21.84 -18.77 -9.04
N ARG B 237 21.13 -19.48 -8.18
CA ARG B 237 21.52 -19.51 -6.77
C ARG B 237 22.93 -20.12 -6.65
N ASP B 238 23.15 -21.21 -7.36
CA ASP B 238 24.46 -21.87 -7.33
C ASP B 238 25.57 -20.93 -7.83
N PHE B 239 25.31 -20.16 -8.90
CA PHE B 239 26.34 -19.25 -9.41
C PHE B 239 26.65 -18.18 -8.38
N GLN B 240 25.60 -17.60 -7.80
CA GLN B 240 25.79 -16.55 -6.81
C GLN B 240 26.47 -17.01 -5.54
N LEU B 241 26.07 -18.18 -5.05
CA LEU B 241 26.77 -18.78 -3.91
C LEU B 241 28.23 -19.12 -4.26
N TRP B 242 28.48 -19.54 -5.49
CA TRP B 242 29.84 -19.76 -5.98
C TRP B 242 30.66 -18.48 -5.92
N GLN B 243 30.05 -17.33 -6.25
CA GLN B 243 30.79 -16.08 -6.22
C GLN B 243 31.06 -15.70 -4.79
N ILE B 244 30.07 -15.93 -3.93
CA ILE B 244 30.23 -15.55 -2.53
C ILE B 244 31.37 -16.38 -1.89
N ASN B 245 31.37 -17.68 -2.19
CA ASN B 245 32.43 -18.56 -1.66
C ASN B 245 33.81 -18.26 -2.27
N ASN B 246 33.82 -17.81 -3.52
CA ASN B 246 35.07 -17.48 -4.22
C ASN B 246 35.85 -16.34 -3.60
N TYR B 247 35.13 -15.35 -3.07
CA TYR B 247 35.78 -14.16 -2.50
C TYR B 247 34.90 -13.58 -1.42
N LYS B 248 35.05 -14.12 -0.22
CA LYS B 248 34.03 -13.94 0.79
C LYS B 248 33.80 -12.46 1.06
N PRO B 249 32.54 -12.03 0.99
CA PRO B 249 32.28 -10.64 1.37
C PRO B 249 32.09 -10.42 2.87
N ASP B 250 31.92 -9.16 3.23
CA ASP B 250 31.69 -8.80 4.60
C ASP B 250 30.28 -9.07 5.09
N LYS B 251 29.28 -8.97 4.21
CA LYS B 251 27.91 -9.32 4.55
C LYS B 251 27.16 -9.75 3.30
N VAL B 252 26.26 -10.71 3.46
CA VAL B 252 25.41 -11.20 2.37
C VAL B 252 23.95 -10.95 2.76
N TYR B 253 23.22 -10.22 1.92
CA TYR B 253 21.78 -10.04 2.09
C TYR B 253 21.01 -10.80 0.99
N CYS B 254 19.81 -11.27 1.34
CA CYS B 254 18.96 -11.99 0.40
C CYS B 254 17.61 -11.28 0.40
N VAL B 255 16.98 -11.20 -0.77
CA VAL B 255 15.70 -10.51 -0.89
C VAL B 255 14.72 -11.50 -1.45
N PRO B 256 13.80 -11.95 -0.58
CA PRO B 256 12.78 -12.90 -0.97
C PRO B 256 11.98 -12.40 -2.17
N SER B 257 11.68 -13.30 -3.08
CA SER B 257 10.87 -13.01 -4.26
C SER B 257 11.43 -12.04 -5.27
N ALA B 258 12.64 -11.54 -5.05
CA ALA B 258 13.24 -10.59 -6.00
C ALA B 258 13.82 -11.32 -7.21
N ASP B 259 13.62 -10.75 -8.38
CA ASP B 259 14.30 -11.23 -9.55
C ASP B 259 15.70 -10.63 -9.71
N HIS B 260 16.26 -10.72 -10.92
CA HIS B 260 17.59 -10.18 -11.17
C HIS B 260 17.65 -8.67 -10.97
N LYS B 261 16.51 -8.00 -11.14
CA LYS B 261 16.43 -6.53 -11.06
C LYS B 261 15.76 -6.13 -9.74
N ILE B 262 16.47 -6.34 -8.61
CA ILE B 262 15.92 -6.04 -7.29
C ILE B 262 15.40 -4.60 -7.23
N GLN B 263 16.09 -3.68 -7.90
CA GLN B 263 15.75 -2.26 -7.83
C GLN B 263 14.46 -1.94 -8.58
N ILE B 264 13.98 -2.91 -9.35
CA ILE B 264 12.69 -2.86 -10.00
C ILE B 264 11.62 -3.69 -9.27
N SER B 265 11.97 -4.91 -8.86
CA SER B 265 10.96 -5.86 -8.38
C SER B 265 10.71 -5.80 -6.89
N LYS B 266 11.74 -5.40 -6.12
CA LYS B 266 11.65 -5.30 -4.65
C LYS B 266 12.42 -4.10 -4.16
N VAL B 267 12.04 -2.91 -4.61
CA VAL B 267 12.87 -1.74 -4.43
C VAL B 267 12.89 -1.27 -2.94
N ASN B 268 11.78 -1.40 -2.24
CA ASN B 268 11.75 -0.99 -0.83
C ASN B 268 12.66 -1.86 0.02
N GLU B 269 12.66 -3.16 -0.24
CA GLU B 269 13.58 -4.09 0.41
C GLU B 269 15.03 -3.77 0.10
N LEU B 270 15.32 -3.40 -1.14
CA LEU B 270 16.64 -2.94 -1.49
C LEU B 270 17.02 -1.71 -0.69
N ALA B 271 16.13 -0.75 -0.59
CA ALA B 271 16.47 0.49 0.07
C ALA B 271 16.76 0.26 1.56
N GLN B 272 16.01 -0.63 2.18
CA GLN B 272 16.23 -1.00 3.60
C GLN B 272 17.65 -1.50 3.79
N ILE B 273 18.07 -2.40 2.91
CA ILE B 273 19.42 -2.92 2.93
C ILE B 273 20.49 -1.84 2.73
N LEU B 274 20.27 -0.94 1.76
CA LEU B 274 21.21 0.15 1.55
C LEU B 274 21.28 1.09 2.72
N GLN B 275 20.18 1.30 3.43
CA GLN B 275 20.26 2.06 4.67
C GLN B 275 21.17 1.40 5.74
N GLU B 276 21.07 0.09 5.89
CA GLU B 276 21.96 -0.66 6.79
C GLU B 276 23.42 -0.55 6.37
N VAL B 277 23.65 -0.58 5.06
CA VAL B 277 24.99 -0.41 4.55
C VAL B 277 25.53 0.98 4.87
N ALA B 278 24.72 2.01 4.66
CA ALA B 278 25.18 3.35 4.99
C ALA B 278 25.51 3.42 6.47
N ASN B 279 24.64 2.88 7.32
CA ASN B 279 24.88 2.90 8.78
C ASN B 279 26.17 2.20 9.13
N SER B 280 26.42 1.04 8.51
CA SER B 280 27.64 0.30 8.73
C SER B 280 28.85 1.03 8.20
N ALA B 281 28.71 1.70 7.07
CA ALA B 281 29.83 2.46 6.52
C ALA B 281 30.16 3.70 7.33
N SER B 282 29.30 4.10 8.26
CA SER B 282 29.39 5.44 8.82
C SER B 282 30.58 5.69 9.73
N ASP B 283 31.03 6.94 9.66
CA ASP B 283 32.29 7.42 10.26
C ASP B 283 32.18 8.95 10.36
N LEU B 284 33.14 9.60 11.01
CA LEU B 284 33.00 10.99 11.46
C LEU B 284 33.26 12.04 10.35
N GLU C 23 -6.06 26.53 18.26
CA GLU C 23 -5.19 26.84 19.41
C GLU C 23 -4.06 27.83 19.02
N GLY C 24 -2.84 27.57 19.49
CA GLY C 24 -1.82 28.61 19.61
C GLY C 24 -0.47 28.25 19.01
N PHE C 25 0.56 29.01 19.37
CA PHE C 25 1.89 28.85 18.77
C PHE C 25 2.49 27.50 19.16
N MET C 26 2.63 26.61 18.18
CA MET C 26 3.15 25.27 18.40
C MET C 26 4.03 24.94 17.22
N VAL C 27 5.16 24.32 17.51
CA VAL C 27 6.14 23.95 16.50
C VAL C 27 6.61 22.52 16.76
N SER C 28 6.92 21.79 15.69
CA SER C 28 7.57 20.48 15.83
C SER C 28 9.09 20.60 15.67
N ALA C 29 9.81 19.78 16.43
CA ALA C 29 11.28 19.80 16.42
C ALA C 29 11.84 18.39 16.24
N HIS C 30 13.13 18.31 15.95
CA HIS C 30 13.86 17.04 16.04
C HIS C 30 14.63 16.95 17.35
N PHE C 31 14.30 15.92 18.14
CA PHE C 31 14.94 15.62 19.40
C PHE C 31 15.89 14.44 19.23
N ILE C 32 17.08 14.55 19.80
CA ILE C 32 17.95 13.40 19.98
C ILE C 32 18.11 13.13 21.47
N LEU C 33 17.80 11.90 21.86
CA LEU C 33 17.72 11.54 23.27
C LEU C 33 18.90 10.66 23.65
N ILE C 34 19.63 11.05 24.69
CA ILE C 34 20.88 10.40 25.04
C ILE C 34 20.90 9.91 26.48
N HIS C 35 21.02 8.59 26.61
CA HIS C 35 21.03 7.88 27.89
C HIS C 35 22.34 8.11 28.66
N THR C 36 22.32 7.71 29.92
CA THR C 36 23.49 7.83 30.81
C THR C 36 24.27 6.54 30.78
N ILE C 37 25.39 6.49 31.49
CA ILE C 37 26.19 5.27 31.49
C ILE C 37 25.43 4.07 32.06
N CYS C 38 25.72 2.88 31.52
CA CYS C 38 25.07 1.65 31.92
C CYS C 38 23.70 1.45 31.28
N HIS C 39 23.13 2.49 30.69
CA HIS C 39 21.82 2.36 30.09
C HIS C 39 21.91 2.36 28.56
N GLY C 40 20.82 2.66 27.87
CA GLY C 40 20.80 2.59 26.42
C GLY C 40 19.55 3.22 25.88
N ALA C 41 19.39 3.18 24.57
CA ALA C 41 18.28 3.84 23.90
C ALA C 41 16.94 3.36 24.41
N TRP C 42 16.89 2.09 24.80
CA TRP C 42 15.69 1.43 25.33
C TRP C 42 14.98 2.24 26.43
N LEU C 43 15.77 3.00 27.18
CA LEU C 43 15.23 3.76 28.29
C LEU C 43 14.22 4.85 27.84
N TRP C 44 14.34 5.30 26.59
CA TRP C 44 13.46 6.33 26.02
C TRP C 44 12.15 5.83 25.43
N TYR C 45 11.85 4.57 25.66
CA TYR C 45 10.78 3.87 25.00
C TYR C 45 9.40 4.49 25.22
N LYS C 46 9.17 5.08 26.39
CA LYS C 46 7.85 5.70 26.68
C LYS C 46 7.76 7.10 26.05
N LEU C 47 8.89 7.80 25.99
CA LEU C 47 8.89 9.20 25.56
C LEU C 47 8.74 9.32 24.04
N ILE C 48 9.38 8.43 23.29
CA ILE C 48 9.44 8.58 21.84
C ILE C 48 8.06 8.65 21.20
N PRO C 49 7.15 7.73 21.56
CA PRO C 49 5.84 7.75 20.87
C PRO C 49 5.00 8.97 21.23
N LEU C 50 5.22 9.53 22.42
CA LEU C 50 4.52 10.73 22.84
C LEU C 50 4.99 11.93 22.03
N LEU C 51 6.30 12.04 21.84
CA LEU C 51 6.85 13.11 21.03
C LEU C 51 6.41 12.99 19.59
N GLN C 52 6.42 11.78 19.06
CA GLN C 52 5.95 11.55 17.70
C GLN C 52 4.48 11.92 17.50
N SER C 53 3.61 11.50 18.41
CA SER C 53 2.21 11.84 18.31
C SER C 53 1.96 13.33 18.21
N ALA C 54 2.85 14.13 18.81
CA ALA C 54 2.72 15.58 18.83
C ALA C 54 3.37 16.22 17.62
N GLY C 55 3.94 15.41 16.74
CA GLY C 55 4.43 15.90 15.49
C GLY C 55 5.93 16.07 15.42
N HIS C 56 6.62 15.73 16.50
CA HIS C 56 8.08 15.80 16.52
C HIS C 56 8.74 14.57 15.92
N ASN C 57 10.00 14.73 15.58
CA ASN C 57 10.89 13.63 15.23
C ASN C 57 11.76 13.37 16.46
N ALA C 58 11.83 12.12 16.92
CA ALA C 58 12.53 11.83 18.18
C ALA C 58 13.40 10.59 17.93
N THR C 59 14.69 10.72 18.14
CA THR C 59 15.65 9.64 17.87
C THR C 59 16.34 9.27 19.16
N ALA C 60 16.47 7.98 19.48
CA ALA C 60 17.35 7.57 20.57
C ALA C 60 18.34 6.55 20.05
N ILE C 61 19.60 6.67 20.46
CA ILE C 61 20.64 5.73 20.04
C ILE C 61 21.38 5.14 21.23
N ASP C 62 22.05 4.02 20.99
CA ASP C 62 23.02 3.44 21.92
C ASP C 62 24.36 4.09 21.72
N LEU C 63 24.95 4.60 22.79
CA LEU C 63 26.35 4.98 22.72
C LEU C 63 27.21 3.70 22.73
N VAL C 64 28.52 3.83 22.54
CA VAL C 64 29.39 2.67 22.53
C VAL C 64 29.31 1.84 23.80
N ALA C 65 29.26 0.53 23.59
CA ALA C 65 29.23 -0.45 24.67
C ALA C 65 28.01 -0.28 25.57
N SER C 66 26.94 0.30 25.02
CA SER C 66 25.70 0.53 25.76
C SER C 66 24.53 -0.14 25.04
N GLY C 67 23.47 -0.43 25.78
CA GLY C 67 22.28 -1.03 25.18
C GLY C 67 22.68 -2.31 24.44
N ILE C 68 22.28 -2.42 23.18
CA ILE C 68 22.69 -3.58 22.37
C ILE C 68 23.89 -3.30 21.45
N ASP C 69 24.64 -2.24 21.71
CA ASP C 69 25.86 -2.03 20.95
C ASP C 69 26.84 -3.19 21.17
N PRO C 70 27.45 -3.70 20.10
CA PRO C 70 28.22 -4.94 20.22
C PRO C 70 29.60 -4.80 20.85
N ARG C 71 30.08 -3.57 21.03
CA ARG C 71 31.37 -3.37 21.70
C ARG C 71 31.25 -3.59 23.17
N GLN C 72 32.36 -3.98 23.80
CA GLN C 72 32.35 -4.14 25.24
C GLN C 72 33.19 -3.00 25.79
N LEU C 73 32.98 -2.69 27.07
CA LEU C 73 33.48 -1.44 27.65
C LEU C 73 35.00 -1.34 27.59
N GLU C 74 35.68 -2.47 27.73
CA GLU C 74 37.16 -2.50 27.77
C GLU C 74 37.76 -2.07 26.44
N GLN C 75 36.95 -2.01 25.39
CA GLN C 75 37.47 -1.56 24.11
C GLN C 75 37.56 -0.05 23.98
N ILE C 76 37.11 0.71 24.97
CA ILE C 76 37.23 2.17 24.91
C ILE C 76 37.67 2.74 26.26
N GLY C 77 38.18 3.98 26.24
CA GLY C 77 38.64 4.65 27.47
C GLY C 77 38.42 6.15 27.53
N THR C 78 37.77 6.70 26.51
CA THR C 78 37.54 8.14 26.42
C THR C 78 36.11 8.52 25.99
N TRP C 79 35.78 9.77 26.21
CA TRP C 79 34.46 10.32 25.93
C TRP C 79 34.27 10.53 24.46
N GLU C 80 35.38 10.84 23.77
CA GLU C 80 35.39 10.96 22.33
C GLU C 80 34.98 9.65 21.67
N GLN C 81 35.52 8.55 22.18
CA GLN C 81 35.11 7.21 21.72
C GLN C 81 33.68 6.87 22.09
N TYR C 82 33.35 7.02 23.37
CA TYR C 82 32.03 6.71 23.91
C TYR C 82 30.96 7.49 23.15
N SER C 83 31.26 8.74 22.78
CA SER C 83 30.26 9.65 22.17
C SER C 83 30.14 9.53 20.66
N GLU C 84 31.00 8.72 20.03
CA GLU C 84 31.12 8.76 18.58
C GLU C 84 29.79 8.57 17.83
N PRO C 85 28.93 7.64 18.27
CA PRO C 85 27.64 7.51 17.58
C PRO C 85 26.80 8.79 17.59
N LEU C 86 26.85 9.57 18.67
CA LEU C 86 26.12 10.84 18.72
C LEU C 86 26.69 11.87 17.73
N PHE C 87 28.03 11.95 17.68
CA PHE C 87 28.72 12.85 16.77
C PHE C 87 28.41 12.51 15.31
N THR C 88 28.47 11.21 14.99
CA THR C 88 28.19 10.73 13.64
C THR C 88 26.75 11.05 13.24
N LEU C 89 25.81 10.82 14.14
CA LEU C 89 24.41 11.13 13.89
C LEU C 89 24.23 12.62 13.58
N ILE C 90 24.85 13.47 14.39
CA ILE C 90 24.76 14.92 14.21
C ILE C 90 25.34 15.40 12.87
N GLU C 91 26.37 14.72 12.40
CA GLU C 91 26.96 15.05 11.11
C GLU C 91 26.02 14.70 9.94
N SER C 92 24.96 13.96 10.20
CA SER C 92 23.99 13.69 9.14
C SER C 92 22.82 14.62 9.19
N ILE C 93 22.81 15.57 10.12
CA ILE C 93 21.70 16.52 10.16
C ILE C 93 21.85 17.44 8.96
N PRO C 94 20.78 17.62 8.19
CA PRO C 94 20.86 18.42 6.96
C PRO C 94 21.27 19.87 7.20
N GLU C 95 21.97 20.44 6.22
CA GLU C 95 22.42 21.82 6.29
C GLU C 95 21.28 22.74 6.71
N GLY C 96 21.55 23.61 7.67
CA GLY C 96 20.56 24.58 8.12
C GLY C 96 19.47 24.06 9.05
N LYS C 97 19.46 22.75 9.34
CA LYS C 97 18.53 22.24 10.36
C LYS C 97 19.25 22.12 11.68
N LYS C 98 18.48 22.10 12.76
CA LYS C 98 19.03 21.89 14.07
C LYS C 98 18.21 20.89 14.86
N VAL C 99 18.80 20.42 15.95
CA VAL C 99 18.18 19.48 16.86
C VAL C 99 18.24 19.95 18.30
N ILE C 100 17.33 19.43 19.10
CA ILE C 100 17.39 19.59 20.53
C ILE C 100 17.97 18.30 21.11
N LEU C 101 19.05 18.43 21.85
CA LEU C 101 19.65 17.28 22.52
C LEU C 101 19.12 17.18 23.94
N VAL C 102 18.62 16.00 24.31
CA VAL C 102 18.17 15.77 25.66
C VAL C 102 19.06 14.71 26.29
N GLY C 103 19.76 15.09 27.35
CA GLY C 103 20.66 14.18 28.01
C GLY C 103 20.18 13.87 29.41
N GLU C 104 20.14 12.59 29.76
CA GLU C 104 19.67 12.18 31.10
C GLU C 104 20.86 11.76 31.95
N SER C 105 20.87 12.19 33.20
CA SER C 105 21.96 11.90 34.13
C SER C 105 23.36 12.18 33.54
N GLY C 106 24.20 11.16 33.44
CA GLY C 106 25.52 11.32 32.84
C GLY C 106 25.53 11.73 31.39
N GLY C 107 24.40 11.50 30.69
CA GLY C 107 24.25 11.94 29.31
C GLY C 107 24.32 13.45 29.11
N GLY C 108 24.20 14.23 30.19
CA GLY C 108 24.47 15.66 30.11
C GLY C 108 25.89 15.96 29.63
N ILE C 109 26.86 15.16 30.02
CA ILE C 109 28.22 15.34 29.51
C ILE C 109 28.27 15.10 27.98
N ASN C 110 27.66 14.03 27.49
CA ASN C 110 27.67 13.81 26.04
C ASN C 110 27.06 14.97 25.29
N ILE C 111 25.95 15.51 25.76
CA ILE C 111 25.26 16.52 24.95
C ILE C 111 26.05 17.83 24.99
N ALA C 112 26.76 18.04 26.09
CA ALA C 112 27.67 19.18 26.18
C ALA C 112 28.87 19.05 25.21
N LEU C 113 29.50 17.88 25.21
CA LEU C 113 30.54 17.58 24.22
C LEU C 113 30.04 17.82 22.81
N ALA C 114 28.84 17.33 22.50
CA ALA C 114 28.29 17.52 21.16
C ALA C 114 28.06 19.01 20.85
N ALA C 115 27.50 19.73 21.79
CA ALA C 115 27.28 21.18 21.62
C ALA C 115 28.58 21.95 21.35
N GLU C 116 29.65 21.55 22.02
CA GLU C 116 30.93 22.18 21.83
C GLU C 116 31.51 21.90 20.45
N LYS C 117 31.23 20.73 19.90
CA LYS C 117 31.83 20.32 18.65
C LYS C 117 30.95 20.78 17.48
N TYR C 118 29.64 20.85 17.70
CA TYR C 118 28.70 21.18 16.61
C TYR C 118 27.68 22.23 17.04
N PRO C 119 28.15 23.39 17.52
CA PRO C 119 27.19 24.37 18.01
C PRO C 119 26.17 24.82 16.98
N GLU C 120 26.56 24.86 15.71
CA GLU C 120 25.71 25.32 14.63
C GLU C 120 24.52 24.36 14.38
N LYS C 121 24.59 23.16 14.96
CA LYS C 121 23.58 22.12 14.71
C LYS C 121 22.56 21.98 15.82
N VAL C 122 22.78 22.66 16.95
CA VAL C 122 22.04 22.37 18.19
C VAL C 122 21.25 23.60 18.56
N SER C 123 19.92 23.48 18.59
CA SER C 123 19.08 24.61 18.91
C SER C 123 18.86 24.77 20.40
N ALA C 124 18.94 23.67 21.14
CA ALA C 124 18.83 23.70 22.59
C ALA C 124 19.35 22.42 23.19
N LEU C 125 19.79 22.53 24.43
CA LEU C 125 20.16 21.44 25.28
C LEU C 125 19.18 21.30 26.42
N VAL C 126 18.69 20.08 26.63
CA VAL C 126 17.85 19.79 27.78
C VAL C 126 18.54 18.79 28.71
N PHE C 127 18.85 19.25 29.91
CA PHE C 127 19.36 18.41 30.97
C PHE C 127 18.22 17.84 31.80
N HIS C 128 18.18 16.51 31.85
CA HIS C 128 17.11 15.72 32.47
C HIS C 128 17.75 15.03 33.67
N ASN C 129 17.57 15.60 34.87
CA ASN C 129 18.34 15.22 36.07
C ASN C 129 19.80 14.89 35.73
N ALA C 130 20.47 15.83 35.06
CA ALA C 130 21.66 15.54 34.30
C ALA C 130 22.82 16.39 34.81
N LEU C 131 24.01 15.82 34.74
CA LEU C 131 25.23 16.58 34.89
C LEU C 131 25.29 17.69 33.87
N MET C 132 25.44 18.93 34.36
CA MET C 132 25.45 20.11 33.54
C MET C 132 26.76 20.87 33.75
N PRO C 133 27.71 20.71 32.81
CA PRO C 133 29.02 21.29 33.03
C PRO C 133 28.99 22.79 32.82
N ASP C 134 30.10 23.44 33.17
CA ASP C 134 30.25 24.88 32.94
C ASP C 134 31.43 25.14 32.00
N ILE C 135 31.88 26.39 31.93
CA ILE C 135 33.01 26.75 31.06
C ILE C 135 34.26 27.19 31.83
N ASP C 136 34.11 27.58 33.09
CA ASP C 136 35.25 28.04 33.86
C ASP C 136 36.02 26.90 34.48
N HIS C 137 35.35 25.78 34.70
CA HIS C 137 36.06 24.62 35.25
C HIS C 137 36.29 23.50 34.25
N SER C 138 37.11 22.54 34.66
CA SER C 138 37.31 21.29 33.94
C SER C 138 35.96 20.64 33.61
N PRO C 139 35.88 19.99 32.43
CA PRO C 139 34.67 19.24 32.11
C PRO C 139 34.25 18.23 33.18
N ALA C 140 35.19 17.73 33.99
CA ALA C 140 34.84 16.77 35.04
C ALA C 140 34.27 17.41 36.31
N PHE C 141 34.22 18.74 36.35
CA PHE C 141 33.91 19.47 37.59
C PHE C 141 32.62 18.98 38.31
N VAL C 142 31.49 19.00 37.60
CA VAL C 142 30.23 18.63 38.23
C VAL C 142 30.16 17.14 38.57
N TYR C 143 30.90 16.31 37.83
CA TYR C 143 30.97 14.87 38.13
C TYR C 143 31.70 14.65 39.45
N LYS C 144 32.78 15.41 39.64
CA LYS C 144 33.56 15.27 40.89
C LYS C 144 32.75 15.73 42.09
N LYS C 145 31.94 16.76 41.88
CA LYS C 145 31.04 17.24 42.92
C LYS C 145 29.99 16.20 43.24
N PHE C 146 29.36 15.66 42.20
CA PHE C 146 28.47 14.55 42.40
C PHE C 146 29.16 13.46 43.21
N SER C 147 30.38 13.10 42.82
CA SER C 147 31.07 11.93 43.40
C SER C 147 31.43 12.14 44.87
N GLU C 148 31.69 13.40 45.20
CA GLU C 148 31.95 13.87 46.55
C GLU C 148 30.68 13.77 47.39
N VAL C 149 29.58 14.16 46.78
CA VAL C 149 28.35 14.43 47.48
C VAL C 149 27.45 13.20 47.60
N PHE C 150 27.55 12.24 46.68
CA PHE C 150 26.81 10.97 46.77
C PHE C 150 27.79 9.80 46.80
N THR C 151 27.71 8.96 47.82
CA THR C 151 28.62 7.81 47.91
C THR C 151 27.89 6.56 48.35
N ASP C 152 26.57 6.61 48.39
CA ASP C 152 25.73 5.51 48.90
C ASP C 152 25.38 4.48 47.79
N TRP C 153 26.35 3.66 47.39
CA TRP C 153 26.22 2.84 46.17
C TRP C 153 25.69 1.44 46.42
N LYS C 154 25.54 1.12 47.69
CA LYS C 154 24.84 -0.06 48.08
C LYS C 154 25.44 -1.26 47.38
N ASP C 155 24.64 -1.98 46.58
CA ASP C 155 25.10 -3.21 45.95
C ASP C 155 25.67 -3.05 44.54
N SER C 156 25.92 -1.82 44.11
CA SER C 156 26.57 -1.63 42.83
C SER C 156 28.03 -2.04 42.95
N ILE C 157 28.61 -2.47 41.86
CA ILE C 157 29.93 -3.11 41.90
C ILE C 157 30.90 -2.29 41.07
N PHE C 158 31.96 -1.82 41.73
CA PHE C 158 33.00 -1.07 41.05
C PHE C 158 34.16 -1.98 40.66
N SER C 159 34.77 -1.71 39.51
CA SER C 159 35.89 -2.49 39.02
C SER C 159 36.79 -1.56 38.23
N ASN C 160 37.96 -2.03 37.82
CA ASN C 160 38.66 -1.30 36.80
C ASN C 160 39.54 -2.11 35.92
N TYR C 161 39.95 -1.43 34.86
CA TYR C 161 40.65 -2.06 33.79
C TYR C 161 41.59 -1.01 33.24
N THR C 162 42.56 -1.47 32.46
CA THR C 162 43.54 -0.57 31.88
C THR C 162 43.18 -0.28 30.43
N TYR C 163 43.24 1.00 30.07
CA TYR C 163 43.11 1.40 28.68
C TYR C 163 44.27 2.35 28.37
N GLY C 164 45.26 1.88 27.61
CA GLY C 164 46.48 2.64 27.36
C GLY C 164 47.12 3.20 28.64
N ASN C 165 47.15 4.52 28.76
CA ASN C 165 47.80 5.19 29.90
C ASN C 165 46.92 5.41 31.12
N ASP C 166 45.62 5.18 30.97
CA ASP C 166 44.69 5.35 32.09
C ASP C 166 44.36 4.00 32.71
N THR C 167 43.95 4.03 33.98
CA THR C 167 43.12 2.96 34.49
C THR C 167 41.72 3.48 34.70
N VAL C 168 40.77 2.71 34.19
CA VAL C 168 39.40 3.17 34.03
C VAL C 168 38.59 2.49 35.10
N THR C 169 37.87 3.28 35.89
CA THR C 169 36.95 2.76 36.89
C THR C 169 35.58 2.61 36.25
N ALA C 170 35.03 1.40 36.38
CA ALA C 170 33.71 1.05 35.86
C ALA C 170 32.75 0.67 36.99
N VAL C 171 31.46 0.65 36.69
CA VAL C 171 30.46 0.31 37.68
C VAL C 171 29.41 -0.59 37.03
N GLU C 172 28.95 -1.58 37.77
CA GLU C 172 27.74 -2.29 37.39
C GLU C 172 26.67 -2.03 38.44
N LEU C 173 25.52 -1.56 37.99
CA LEU C 173 24.53 -1.04 38.91
C LEU C 173 23.80 -2.19 39.60
N GLY C 174 23.69 -2.11 40.93
CA GLY C 174 23.06 -3.17 41.70
C GLY C 174 21.56 -3.05 41.82
N ASP C 175 20.93 -4.17 42.15
CA ASP C 175 19.49 -4.24 42.24
C ASP C 175 18.93 -3.17 43.20
N ARG C 176 19.57 -2.99 44.35
CA ARG C 176 19.09 -2.02 45.33
C ARG C 176 19.30 -0.59 44.83
N THR C 177 20.44 -0.33 44.21
CA THR C 177 20.68 0.96 43.58
C THR C 177 19.56 1.28 42.58
N LEU C 178 19.17 0.32 41.75
CA LEU C 178 18.18 0.59 40.71
C LEU C 178 16.84 0.86 41.33
N ALA C 179 16.43 -0.01 42.24
CA ALA C 179 15.11 0.05 42.85
C ALA C 179 14.95 1.23 43.79
N GLU C 180 16.03 1.60 44.49
CA GLU C 180 15.90 2.53 45.60
C GLU C 180 16.39 3.93 45.28
N ASN C 181 17.37 4.04 44.39
CA ASN C 181 18.03 5.30 44.15
C ASN C 181 17.75 5.85 42.77
N ILE C 182 17.60 4.97 41.78
CA ILE C 182 17.49 5.42 40.40
C ILE C 182 16.06 5.40 39.89
N PHE C 183 15.40 4.25 39.96
CA PHE C 183 14.01 4.12 39.55
C PHE C 183 13.09 4.13 40.78
N SER C 184 13.29 5.08 41.68
CA SER C 184 12.68 5.02 43.02
C SER C 184 11.19 5.34 43.06
N ASN C 185 10.64 5.94 42.01
CA ASN C 185 9.21 6.12 41.91
C ASN C 185 8.66 5.65 40.58
N SER C 186 9.25 4.59 40.05
CA SER C 186 8.85 4.03 38.74
C SER C 186 8.13 2.73 38.93
N PRO C 187 7.37 2.28 37.93
CA PRO C 187 6.69 1.02 38.08
C PRO C 187 7.67 -0.13 38.32
N ILE C 188 7.29 -1.14 39.10
CA ILE C 188 8.27 -2.23 39.39
C ILE C 188 8.69 -2.89 38.10
N GLU C 189 7.77 -3.03 37.14
CA GLU C 189 8.16 -3.64 35.84
C GLU C 189 9.35 -2.95 35.22
N ASP C 190 9.41 -1.62 35.34
CA ASP C 190 10.55 -0.88 34.78
C ASP C 190 11.86 -1.14 35.49
N VAL C 191 11.78 -1.35 36.80
CA VAL C 191 12.93 -1.76 37.55
C VAL C 191 13.41 -3.13 37.07
N GLU C 192 12.47 -4.03 36.82
CA GLU C 192 12.80 -5.34 36.28
C GLU C 192 13.43 -5.25 34.87
N LEU C 193 12.80 -4.46 34.01
CA LEU C 193 13.35 -4.15 32.69
C LEU C 193 14.82 -3.73 32.77
N ALA C 194 15.12 -2.74 33.61
CA ALA C 194 16.46 -2.28 33.76
C ALA C 194 17.38 -3.40 34.15
N LYS C 195 16.95 -4.21 35.11
CA LYS C 195 17.80 -5.27 35.63
C LYS C 195 18.27 -6.22 34.54
N HIS C 196 17.46 -6.38 33.49
CA HIS C 196 17.84 -7.23 32.38
C HIS C 196 18.61 -6.56 31.24
N LEU C 197 18.86 -5.26 31.39
CA LEU C 197 19.47 -4.48 30.33
C LEU C 197 20.68 -3.67 30.71
N VAL C 198 20.82 -3.27 31.97
CA VAL C 198 21.93 -2.39 32.29
C VAL C 198 23.23 -3.17 32.13
N ARG C 199 24.25 -2.45 31.70
CA ARG C 199 25.57 -3.00 31.43
C ARG C 199 26.65 -2.22 32.17
N LYS C 200 27.84 -2.79 32.20
CA LYS C 200 28.94 -2.11 32.78
C LYS C 200 29.17 -0.80 32.07
N GLY C 201 29.45 0.24 32.85
CA GLY C 201 29.70 1.56 32.33
C GLY C 201 30.82 2.30 33.04
N SER C 202 31.28 3.39 32.46
CA SER C 202 32.27 4.25 33.08
C SER C 202 32.05 5.73 32.75
N PHE C 203 32.46 6.60 33.67
CA PHE C 203 32.59 8.02 33.41
C PHE C 203 33.97 8.45 32.94
N PHE C 204 34.88 7.51 32.75
CA PHE C 204 36.20 7.82 32.19
C PHE C 204 36.78 9.10 32.80
N GLU C 205 36.79 9.21 34.12
CA GLU C 205 37.10 10.50 34.77
C GLU C 205 38.48 11.04 34.40
N GLN C 206 39.45 10.15 34.21
CA GLN C 206 40.82 10.62 33.92
C GLN C 206 40.87 11.26 32.55
N ASP C 207 40.06 10.76 31.62
CA ASP C 207 39.94 11.40 30.33
C ASP C 207 39.18 12.73 30.47
N LEU C 208 38.03 12.68 31.14
CA LEU C 208 37.18 13.85 31.34
C LEU C 208 38.01 14.99 31.90
N ASP C 209 38.74 14.71 32.97
CA ASP C 209 39.32 15.76 33.79
C ASP C 209 40.52 16.38 33.08
N THR C 210 40.78 15.88 31.89
CA THR C 210 41.96 16.17 31.13
C THR C 210 41.57 16.92 29.84
N LEU C 211 40.30 16.94 29.51
CA LEU C 211 39.86 17.57 28.28
C LEU C 211 39.87 19.08 28.48
N PRO C 212 40.08 19.83 27.39
CA PRO C 212 39.97 21.28 27.46
C PRO C 212 38.59 21.73 27.93
N ASN C 213 38.56 22.89 28.58
CA ASN C 213 37.33 23.46 29.10
C ASN C 213 36.36 23.72 27.93
N PHE C 214 35.06 23.57 28.19
CA PHE C 214 34.04 24.03 27.24
C PHE C 214 34.16 25.55 27.11
N THR C 215 33.71 26.10 26.00
CA THR C 215 33.92 27.49 25.70
C THR C 215 32.63 28.22 25.56
N SER C 216 32.71 29.53 25.75
CA SER C 216 31.63 30.45 25.47
C SER C 216 30.96 30.22 24.15
N GLU C 217 31.79 30.05 23.11
CA GLU C 217 31.31 30.13 21.74
C GLU C 217 30.80 28.78 21.27
N GLY C 218 31.13 27.73 22.03
CA GLY C 218 30.69 26.36 21.75
C GLY C 218 29.46 26.03 22.57
N TYR C 219 29.66 25.21 23.61
CA TYR C 219 28.62 24.79 24.54
C TYR C 219 27.95 26.00 25.18
N GLY C 220 28.77 27.00 25.51
CA GLY C 220 28.26 28.17 26.23
C GLY C 220 27.30 29.04 25.43
N SER C 221 27.19 28.79 24.12
CA SER C 221 26.37 29.60 23.23
C SER C 221 24.96 29.07 23.07
N ILE C 222 24.69 27.87 23.58
CA ILE C 222 23.44 27.17 23.29
C ILE C 222 22.43 27.35 24.43
N ARG C 223 21.17 27.59 24.08
CA ARG C 223 20.09 27.63 25.07
C ARG C 223 20.09 26.35 25.90
N ARG C 224 20.07 26.51 27.23
CA ARG C 224 20.10 25.40 28.17
C ARG C 224 18.90 25.40 29.10
N VAL C 225 18.22 24.26 29.13
CA VAL C 225 17.06 24.05 29.96
C VAL C 225 17.35 22.94 30.92
N TYR C 226 17.09 23.17 32.20
CA TYR C 226 17.37 22.18 33.23
C TYR C 226 16.06 21.66 33.80
N VAL C 227 15.88 20.33 33.75
CA VAL C 227 14.65 19.67 34.18
C VAL C 227 15.02 18.72 35.31
N TYR C 228 14.37 18.84 36.47
CA TYR C 228 14.62 17.90 37.56
C TYR C 228 13.37 17.34 38.17
N GLY C 229 13.51 16.11 38.64
CA GLY C 229 12.43 15.40 39.29
C GLY C 229 12.45 15.74 40.77
N GLU C 230 11.27 16.04 41.29
CA GLU C 230 11.11 16.50 42.66
C GLU C 230 11.60 15.46 43.67
N GLU C 231 11.48 14.18 43.32
CA GLU C 231 11.80 13.08 44.23
C GLU C 231 13.00 12.24 43.74
N ASP C 232 13.98 12.91 43.13
CA ASP C 232 15.19 12.23 42.65
C ASP C 232 15.98 11.74 43.85
N GLN C 233 16.21 10.43 43.94
CA GLN C 233 16.92 9.84 45.06
C GLN C 233 18.39 9.51 44.82
N ILE C 234 18.99 10.09 43.79
CA ILE C 234 20.44 9.98 43.57
C ILE C 234 21.13 11.31 43.29
N PHE C 235 20.48 12.17 42.51
CA PHE C 235 20.90 13.57 42.40
C PHE C 235 20.01 14.36 43.33
N SER C 236 20.53 14.73 44.51
CA SER C 236 19.75 15.41 45.53
C SER C 236 19.30 16.81 45.09
N ARG C 237 18.24 17.31 45.73
CA ARG C 237 17.81 18.69 45.50
C ARG C 237 18.98 19.65 45.68
N ASP C 238 19.81 19.39 46.65
CA ASP C 238 20.88 20.34 46.91
C ASP C 238 21.91 20.28 45.82
N PHE C 239 22.21 19.06 45.37
CA PHE C 239 23.17 18.90 44.28
C PHE C 239 22.63 19.59 43.04
N GLN C 240 21.37 19.32 42.70
CA GLN C 240 20.81 19.85 41.46
C GLN C 240 20.67 21.39 41.50
N LEU C 241 20.27 21.93 42.65
CA LEU C 241 20.31 23.39 42.85
C LEU C 241 21.73 23.94 42.75
N TRP C 242 22.68 23.21 43.32
CA TRP C 242 24.07 23.57 43.16
C TRP C 242 24.51 23.69 41.70
N GLN C 243 24.17 22.70 40.87
CA GLN C 243 24.50 22.78 39.44
C GLN C 243 23.86 24.01 38.81
N ILE C 244 22.59 24.23 39.13
CA ILE C 244 21.82 25.30 38.53
C ILE C 244 22.47 26.63 38.86
N ASN C 245 22.88 26.77 40.12
CA ASN C 245 23.51 28.01 40.59
C ASN C 245 24.90 28.16 40.04
N ASN C 246 25.54 27.03 39.76
CA ASN C 246 26.92 27.05 39.30
C ASN C 246 27.02 27.58 37.87
N TYR C 247 25.99 27.34 37.06
CA TYR C 247 26.01 27.80 35.67
C TYR C 247 24.58 27.98 35.18
N LYS C 248 24.04 29.15 35.49
CA LYS C 248 22.62 29.44 35.38
C LYS C 248 22.13 29.05 34.00
N PRO C 249 21.09 28.21 33.92
CA PRO C 249 20.46 27.95 32.63
C PRO C 249 19.41 28.99 32.25
N ASP C 250 18.87 28.87 31.05
CA ASP C 250 17.83 29.77 30.60
C ASP C 250 16.48 29.51 31.25
N LYS C 251 16.21 28.27 31.63
CA LYS C 251 14.97 27.92 32.32
C LYS C 251 15.18 26.65 33.11
N VAL C 252 14.55 26.60 34.26
CA VAL C 252 14.52 25.43 35.12
C VAL C 252 13.08 24.93 35.24
N TYR C 253 12.83 23.69 34.81
CA TYR C 253 11.57 23.00 35.10
C TYR C 253 11.67 21.97 36.22
N CYS C 254 10.57 21.78 36.95
CA CYS C 254 10.47 20.77 37.99
C CYS C 254 9.29 19.87 37.68
N VAL C 255 9.48 18.56 37.89
CA VAL C 255 8.40 17.58 37.73
C VAL C 255 8.01 16.95 39.04
N PRO C 256 6.81 17.30 39.53
CA PRO C 256 6.33 16.74 40.79
C PRO C 256 6.38 15.20 40.81
N SER C 257 6.86 14.65 41.91
CA SER C 257 6.81 13.22 42.18
C SER C 257 7.69 12.39 41.23
N ALA C 258 8.47 13.04 40.37
CA ALA C 258 9.35 12.30 39.45
C ALA C 258 10.60 11.84 40.18
N ASP C 259 11.03 10.62 39.88
CA ASP C 259 12.33 10.17 40.32
C ASP C 259 13.41 10.61 39.36
N HIS C 260 14.58 10.03 39.50
CA HIS C 260 15.71 10.33 38.63
C HIS C 260 15.42 9.99 37.16
N LYS C 261 14.55 9.02 36.92
CA LYS C 261 14.19 8.64 35.55
C LYS C 261 12.82 9.21 35.15
N ILE C 262 12.81 10.52 34.90
CA ILE C 262 11.57 11.22 34.58
C ILE C 262 10.91 10.61 33.38
N GLN C 263 11.71 10.22 32.40
CA GLN C 263 11.17 9.61 31.15
C GLN C 263 10.53 8.25 31.39
N ILE C 264 10.71 7.69 32.57
CA ILE C 264 10.02 6.47 32.98
C ILE C 264 8.85 6.75 33.97
N SER C 265 9.10 7.61 34.96
CA SER C 265 8.18 7.79 36.10
C SER C 265 7.13 8.88 35.85
N LYS C 266 7.46 9.89 35.07
CA LYS C 266 6.53 10.95 34.74
C LYS C 266 6.68 11.41 33.29
N VAL C 267 6.41 10.50 32.37
CA VAL C 267 6.81 10.74 31.01
C VAL C 267 5.90 11.76 30.34
N ASN C 268 4.63 11.77 30.69
CA ASN C 268 3.73 12.77 30.09
C ASN C 268 4.13 14.20 30.44
N GLU C 269 4.49 14.39 31.69
CA GLU C 269 4.96 15.67 32.19
C GLU C 269 6.25 16.09 31.49
N LEU C 270 7.17 15.14 31.27
CA LEU C 270 8.38 15.45 30.52
C LEU C 270 8.05 15.88 29.09
N ALA C 271 7.15 15.16 28.43
CA ALA C 271 6.82 15.51 27.06
C ALA C 271 6.21 16.92 26.94
N GLN C 272 5.40 17.31 27.92
CA GLN C 272 4.75 18.63 27.91
C GLN C 272 5.85 19.67 27.99
N ILE C 273 6.85 19.41 28.82
CA ILE C 273 8.00 20.31 28.95
C ILE C 273 8.80 20.41 27.66
N LEU C 274 8.95 19.28 26.99
CA LEU C 274 9.72 19.30 25.75
C LEU C 274 9.00 20.04 24.63
N GLN C 275 7.67 20.03 24.65
CA GLN C 275 6.93 20.84 23.70
C GLN C 275 7.22 22.31 23.92
N GLU C 276 7.33 22.72 25.18
CA GLU C 276 7.65 24.13 25.52
C GLU C 276 9.05 24.45 25.04
N VAL C 277 9.99 23.53 25.24
CA VAL C 277 11.33 23.71 24.70
C VAL C 277 11.36 23.83 23.18
N ALA C 278 10.61 22.99 22.47
CA ALA C 278 10.53 23.13 21.02
C ALA C 278 10.04 24.52 20.62
N ASN C 279 8.95 24.99 21.23
CA ASN C 279 8.46 26.35 20.94
C ASN C 279 9.51 27.42 21.21
N SER C 280 10.21 27.32 22.32
CA SER C 280 11.14 28.37 22.70
C SER C 280 12.42 28.30 21.88
N ALA C 281 12.71 27.13 21.33
CA ALA C 281 13.89 26.97 20.50
C ALA C 281 13.64 27.41 19.06
N SER C 282 12.38 27.62 18.70
CA SER C 282 11.98 27.91 17.33
C SER C 282 12.58 29.20 16.75
N ASP C 283 12.88 29.20 15.45
CA ASP C 283 13.55 30.34 14.81
C ASP C 283 13.28 30.49 13.30
N LEU C 284 13.35 31.76 12.86
CA LEU C 284 13.45 32.18 11.44
C LEU C 284 12.09 32.45 10.77
N GLY D 24 -2.89 -25.51 54.56
CA GLY D 24 -2.96 -24.42 53.55
C GLY D 24 -1.60 -24.16 52.94
N PHE D 25 -1.11 -25.12 52.15
CA PHE D 25 0.14 -24.96 51.38
C PHE D 25 -0.08 -25.38 49.94
N MET D 26 0.69 -24.76 49.05
CA MET D 26 0.67 -25.16 47.64
C MET D 26 2.07 -24.95 47.09
N VAL D 27 2.23 -25.43 45.87
CA VAL D 27 3.49 -25.36 45.14
C VAL D 27 3.83 -23.91 44.82
N SER D 28 5.02 -23.50 45.26
CA SER D 28 5.64 -22.30 44.76
C SER D 28 6.56 -22.70 43.62
N ALA D 29 6.14 -22.40 42.40
CA ALA D 29 6.85 -22.87 41.23
C ALA D 29 8.02 -22.00 40.86
N HIS D 30 8.97 -22.58 40.14
CA HIS D 30 10.01 -21.78 39.55
C HIS D 30 9.84 -21.84 38.02
N PHE D 31 9.40 -20.72 37.45
CA PHE D 31 9.20 -20.55 36.01
C PHE D 31 10.53 -20.08 35.37
N ILE D 32 10.89 -20.71 34.27
CA ILE D 32 11.98 -20.22 33.48
C ILE D 32 11.40 -19.76 32.15
N LEU D 33 11.62 -18.48 31.87
CA LEU D 33 10.97 -17.77 30.77
C LEU D 33 11.99 -17.60 29.64
N ILE D 34 11.61 -18.05 28.45
CA ILE D 34 12.50 -18.16 27.32
C ILE D 34 11.90 -17.44 26.10
N HIS D 35 12.58 -16.37 25.73
CA HIS D 35 12.28 -15.52 24.57
C HIS D 35 12.51 -16.23 23.25
N THR D 36 11.95 -15.64 22.18
CA THR D 36 12.11 -16.10 20.83
C THR D 36 13.32 -15.48 20.16
N ILE D 37 13.63 -15.91 18.93
CA ILE D 37 14.77 -15.37 18.22
C ILE D 37 14.59 -13.86 18.00
N CYS D 38 15.70 -13.13 18.14
CA CYS D 38 15.80 -11.68 17.95
C CYS D 38 15.46 -10.89 19.23
N HIS D 39 14.86 -11.57 20.21
CA HIS D 39 14.38 -10.96 21.42
C HIS D 39 15.31 -11.40 22.56
N GLY D 40 14.95 -11.07 23.78
CA GLY D 40 15.81 -11.32 24.95
C GLY D 40 15.00 -11.32 26.24
N ALA D 41 15.69 -11.55 27.37
CA ALA D 41 15.08 -11.62 28.69
C ALA D 41 14.21 -10.40 28.98
N TRP D 42 14.61 -9.26 28.44
CA TRP D 42 13.89 -7.98 28.62
C TRP D 42 12.41 -8.08 28.31
N LEU D 43 12.05 -8.97 27.41
CA LEU D 43 10.68 -9.04 26.96
C LEU D 43 9.71 -9.45 28.09
N TRP D 44 10.24 -10.15 29.09
CA TRP D 44 9.46 -10.69 30.21
C TRP D 44 9.29 -9.72 31.37
N TYR D 45 9.60 -8.45 31.15
CA TYR D 45 9.72 -7.51 32.24
C TYR D 45 8.39 -7.25 32.97
N LYS D 46 7.26 -7.41 32.27
CA LYS D 46 5.95 -7.18 32.88
C LYS D 46 5.54 -8.38 33.72
N LEU D 47 5.95 -9.55 33.29
CA LEU D 47 5.42 -10.79 33.83
C LEU D 47 6.15 -11.15 35.12
N ILE D 48 7.46 -10.95 35.15
CA ILE D 48 8.26 -11.41 36.30
C ILE D 48 7.75 -10.87 37.67
N PRO D 49 7.48 -9.56 37.78
CA PRO D 49 7.05 -9.08 39.10
C PRO D 49 5.71 -9.65 39.53
N LEU D 50 4.86 -10.03 38.58
CA LEU D 50 3.55 -10.59 38.91
C LEU D 50 3.66 -12.01 39.46
N LEU D 51 4.56 -12.79 38.86
CA LEU D 51 4.74 -14.15 39.34
C LEU D 51 5.42 -14.13 40.69
N GLN D 52 6.34 -13.22 40.89
CA GLN D 52 7.05 -13.13 42.13
C GLN D 52 6.15 -12.60 43.24
N SER D 53 5.34 -11.58 42.95
CA SER D 53 4.45 -11.01 43.99
C SER D 53 3.47 -12.07 44.49
N ALA D 54 3.04 -12.92 43.58
CA ALA D 54 2.14 -14.00 43.87
C ALA D 54 2.78 -15.12 44.71
N GLY D 55 4.11 -15.12 44.84
CA GLY D 55 4.77 -16.16 45.64
C GLY D 55 5.63 -17.16 44.87
N HIS D 56 5.68 -17.01 43.53
CA HIS D 56 6.46 -17.93 42.71
C HIS D 56 7.80 -17.31 42.40
N ASN D 57 8.67 -18.10 41.78
CA ASN D 57 9.94 -17.63 41.32
C ASN D 57 9.89 -17.62 39.81
N ALA D 58 10.54 -16.61 39.24
CA ALA D 58 10.53 -16.46 37.80
C ALA D 58 11.86 -15.90 37.35
N THR D 59 12.46 -16.59 36.38
CA THR D 59 13.78 -16.23 35.88
C THR D 59 13.72 -16.15 34.35
N ALA D 60 14.12 -15.00 33.83
CA ALA D 60 14.29 -14.81 32.39
C ALA D 60 15.77 -14.69 32.09
N ILE D 61 16.20 -15.36 31.02
CA ILE D 61 17.60 -15.29 30.62
C ILE D 61 17.73 -14.91 29.15
N ASP D 62 18.88 -14.36 28.80
CA ASP D 62 19.26 -14.11 27.40
C ASP D 62 19.88 -15.41 26.85
N LEU D 63 19.36 -15.93 25.74
CA LEU D 63 20.06 -16.96 24.98
C LEU D 63 21.25 -16.38 24.22
N VAL D 64 22.06 -17.24 23.63
CA VAL D 64 23.29 -16.76 23.04
C VAL D 64 22.95 -15.74 21.96
N ALA D 65 23.72 -14.64 21.93
CA ALA D 65 23.62 -13.58 20.92
C ALA D 65 22.26 -12.90 20.95
N SER D 66 21.61 -12.95 22.11
CA SER D 66 20.27 -12.37 22.28
C SER D 66 20.28 -11.41 23.45
N GLY D 67 19.41 -10.40 23.42
CA GLY D 67 19.36 -9.43 24.49
C GLY D 67 20.72 -8.74 24.59
N ILE D 68 21.26 -8.60 25.79
CA ILE D 68 22.58 -8.03 25.94
C ILE D 68 23.70 -9.10 26.06
N ASP D 69 23.45 -10.32 25.60
CA ASP D 69 24.51 -11.35 25.60
C ASP D 69 25.59 -10.85 24.65
N PRO D 70 26.87 -10.93 25.06
CA PRO D 70 27.95 -10.36 24.26
C PRO D 70 28.35 -11.13 23.00
N ARG D 71 27.84 -12.34 22.78
CA ARG D 71 28.16 -13.05 21.54
C ARG D 71 27.38 -12.46 20.37
N GLN D 72 27.95 -12.55 19.17
CA GLN D 72 27.24 -12.16 17.97
C GLN D 72 26.82 -13.43 17.28
N LEU D 73 25.79 -13.31 16.44
CA LEU D 73 25.09 -14.46 15.96
C LEU D 73 26.01 -15.36 15.12
N GLU D 74 26.89 -14.74 14.35
CA GLU D 74 27.82 -15.46 13.50
C GLU D 74 28.72 -16.42 14.24
N GLN D 75 28.79 -16.28 15.57
CA GLN D 75 29.53 -17.22 16.39
C GLN D 75 28.84 -18.54 16.61
N ILE D 76 27.58 -18.68 16.23
CA ILE D 76 26.88 -19.93 16.44
C ILE D 76 26.10 -20.31 15.23
N GLY D 77 25.80 -21.57 15.16
CA GLY D 77 25.05 -22.13 14.05
C GLY D 77 24.04 -23.20 14.37
N THR D 78 23.89 -23.52 15.67
CA THR D 78 23.03 -24.61 16.06
C THR D 78 22.15 -24.28 17.29
N TRP D 79 21.05 -25.02 17.40
CA TRP D 79 20.09 -24.85 18.48
C TRP D 79 20.69 -25.23 19.82
N GLU D 80 21.60 -26.20 19.81
CA GLU D 80 22.26 -26.59 21.05
C GLU D 80 23.22 -25.53 21.53
N GLN D 81 23.94 -24.87 20.60
CA GLN D 81 24.75 -23.77 21.02
C GLN D 81 23.85 -22.65 21.54
N TYR D 82 22.85 -22.34 20.73
CA TYR D 82 21.96 -21.17 21.03
C TYR D 82 21.32 -21.34 22.43
N SER D 83 20.97 -22.59 22.74
CA SER D 83 20.22 -22.93 23.95
C SER D 83 21.11 -23.16 25.19
N GLU D 84 22.43 -23.05 25.05
CA GLU D 84 23.34 -23.33 26.17
C GLU D 84 23.00 -22.64 27.49
N PRO D 85 22.58 -21.37 27.46
CA PRO D 85 22.22 -20.75 28.73
C PRO D 85 21.05 -21.39 29.46
N LEU D 86 20.14 -21.98 28.71
CA LEU D 86 19.00 -22.63 29.29
C LEU D 86 19.44 -23.99 29.85
N PHE D 87 20.27 -24.72 29.11
CA PHE D 87 20.77 -26.01 29.59
C PHE D 87 21.59 -25.81 30.87
N THR D 88 22.41 -24.79 30.88
CA THR D 88 23.24 -24.54 32.05
C THR D 88 22.42 -24.19 33.28
N LEU D 89 21.39 -23.38 33.10
CA LEU D 89 20.49 -23.05 34.19
C LEU D 89 19.84 -24.28 34.75
N ILE D 90 19.32 -25.13 33.87
CA ILE D 90 18.67 -26.33 34.28
C ILE D 90 19.62 -27.25 35.06
N GLU D 91 20.84 -27.36 34.59
CA GLU D 91 21.84 -28.20 35.21
C GLU D 91 22.11 -27.73 36.64
N SER D 92 21.82 -26.46 36.92
CA SER D 92 22.06 -25.89 38.24
C SER D 92 20.87 -26.07 39.21
N ILE D 93 19.78 -26.63 38.74
CA ILE D 93 18.61 -26.81 39.59
C ILE D 93 18.94 -27.93 40.58
N PRO D 94 18.70 -27.71 41.89
CA PRO D 94 18.96 -28.76 42.89
C PRO D 94 18.31 -30.10 42.59
N GLU D 95 18.99 -31.18 42.98
CA GLU D 95 18.43 -32.53 42.89
C GLU D 95 17.04 -32.61 43.50
N GLY D 96 16.15 -33.31 42.81
CA GLY D 96 14.77 -33.43 43.21
C GLY D 96 13.86 -32.24 42.92
N LYS D 97 14.41 -31.12 42.49
CA LYS D 97 13.56 -29.96 42.18
C LYS D 97 13.32 -29.83 40.71
N LYS D 98 12.23 -29.17 40.35
CA LYS D 98 11.76 -29.13 38.96
C LYS D 98 11.31 -27.70 38.60
N VAL D 99 11.35 -27.38 37.30
CA VAL D 99 10.95 -26.04 36.84
C VAL D 99 9.84 -26.17 35.81
N ILE D 100 9.11 -25.07 35.60
CA ILE D 100 8.19 -24.94 34.51
C ILE D 100 8.83 -24.03 33.45
N LEU D 101 8.94 -24.56 32.24
CA LEU D 101 9.58 -23.80 31.16
C LEU D 101 8.44 -23.17 30.37
N VAL D 102 8.59 -21.88 30.09
CA VAL D 102 7.62 -21.12 29.32
C VAL D 102 8.36 -20.57 28.09
N GLY D 103 7.97 -21.03 26.91
CA GLY D 103 8.62 -20.63 25.68
C GLY D 103 7.66 -19.86 24.79
N GLU D 104 8.09 -18.68 24.36
CA GLU D 104 7.28 -17.81 23.48
C GLU D 104 7.80 -17.91 22.06
N SER D 105 6.89 -18.08 21.12
CA SER D 105 7.17 -18.12 19.70
C SER D 105 8.22 -19.20 19.39
N GLY D 106 9.39 -18.80 18.89
CA GLY D 106 10.42 -19.78 18.55
C GLY D 106 11.07 -20.41 19.78
N GLY D 107 10.89 -19.79 20.93
CA GLY D 107 11.27 -20.39 22.23
C GLY D 107 10.64 -21.74 22.55
N GLY D 108 9.51 -22.04 21.92
CA GLY D 108 8.95 -23.41 21.99
C GLY D 108 9.98 -24.47 21.61
N ILE D 109 10.84 -24.17 20.63
CA ILE D 109 11.84 -25.15 20.22
C ILE D 109 12.87 -25.33 21.34
N ASN D 110 13.28 -24.23 21.98
CA ASN D 110 14.23 -24.29 23.07
C ASN D 110 13.70 -25.12 24.23
N ILE D 111 12.44 -24.96 24.57
CA ILE D 111 11.94 -25.65 25.77
C ILE D 111 11.71 -27.12 25.48
N ALA D 112 11.39 -27.44 24.22
CA ALA D 112 11.21 -28.81 23.81
C ALA D 112 12.55 -29.56 23.87
N LEU D 113 13.61 -28.90 23.40
CA LEU D 113 14.96 -29.45 23.46
C LEU D 113 15.38 -29.72 24.91
N ALA D 114 15.14 -28.74 25.77
CA ALA D 114 15.46 -28.84 27.19
C ALA D 114 14.70 -29.97 27.87
N ALA D 115 13.43 -30.16 27.51
CA ALA D 115 12.64 -31.27 28.04
C ALA D 115 13.17 -32.61 27.57
N GLU D 116 13.63 -32.67 26.32
CA GLU D 116 14.17 -33.92 25.78
C GLU D 116 15.44 -34.32 26.57
N LYS D 117 16.29 -33.33 26.83
CA LYS D 117 17.61 -33.55 27.41
C LYS D 117 17.62 -33.66 28.92
N TYR D 118 16.60 -33.09 29.55
CA TYR D 118 16.50 -33.06 31.02
C TYR D 118 15.08 -33.30 31.54
N PRO D 119 14.41 -34.34 31.09
CA PRO D 119 13.02 -34.47 31.48
C PRO D 119 12.73 -34.60 32.98
N GLU D 120 13.71 -35.10 33.75
CA GLU D 120 13.54 -35.25 35.19
C GLU D 120 13.50 -33.88 35.86
N LYS D 121 13.98 -32.84 35.18
CA LYS D 121 14.05 -31.54 35.82
C LYS D 121 12.83 -30.64 35.50
N VAL D 122 11.95 -31.10 34.64
CA VAL D 122 10.90 -30.21 34.08
C VAL D 122 9.54 -30.74 34.48
N SER D 123 8.79 -29.94 35.22
CA SER D 123 7.42 -30.35 35.60
C SER D 123 6.35 -30.06 34.57
N ALA D 124 6.54 -28.98 33.80
CA ALA D 124 5.57 -28.69 32.75
C ALA D 124 6.22 -27.76 31.72
N LEU D 125 5.68 -27.84 30.51
CA LEU D 125 6.06 -26.95 29.41
C LEU D 125 4.85 -26.07 29.06
N VAL D 126 5.06 -24.75 29.06
CA VAL D 126 4.03 -23.85 28.58
C VAL D 126 4.49 -23.16 27.30
N PHE D 127 3.77 -23.46 26.23
CA PHE D 127 3.93 -22.83 24.91
C PHE D 127 3.04 -21.56 24.82
N HIS D 128 3.69 -20.42 24.56
CA HIS D 128 3.05 -19.10 24.50
C HIS D 128 3.13 -18.58 23.04
N ASN D 129 2.03 -18.72 22.29
CA ASN D 129 2.05 -18.55 20.84
C ASN D 129 3.33 -19.12 20.23
N ALA D 130 3.58 -20.40 20.50
CA ALA D 130 4.92 -20.98 20.31
C ALA D 130 4.86 -22.15 19.39
N LEU D 131 5.96 -22.35 18.68
CA LEU D 131 6.20 -23.56 17.95
C LEU D 131 6.29 -24.74 18.92
N MET D 132 5.44 -25.71 18.67
CA MET D 132 5.28 -26.88 19.51
C MET D 132 5.52 -28.15 18.68
N PRO D 133 6.74 -28.70 18.81
CA PRO D 133 7.08 -29.86 18.02
C PRO D 133 6.35 -31.08 18.45
N ASP D 134 6.48 -32.13 17.64
CA ASP D 134 5.93 -33.41 17.94
C ASP D 134 7.04 -34.46 18.04
N ILE D 135 6.67 -35.73 18.05
CA ILE D 135 7.66 -36.82 18.12
C ILE D 135 7.77 -37.68 16.84
N ASP D 136 6.77 -37.62 15.96
CA ASP D 136 6.79 -38.43 14.74
C ASP D 136 7.54 -37.78 13.58
N HIS D 137 7.73 -36.47 13.63
CA HIS D 137 8.44 -35.76 12.60
C HIS D 137 9.71 -35.12 13.11
N SER D 138 10.53 -34.70 12.16
CA SER D 138 11.72 -33.95 12.45
C SER D 138 11.39 -32.71 13.33
N PRO D 139 12.32 -32.30 14.18
CA PRO D 139 12.08 -31.14 15.02
C PRO D 139 11.74 -29.90 14.22
N ALA D 140 12.05 -29.88 12.91
CA ALA D 140 11.80 -28.67 12.09
C ALA D 140 10.39 -28.62 11.54
N PHE D 141 9.65 -29.72 11.71
CA PHE D 141 8.34 -29.91 11.12
C PHE D 141 7.39 -28.71 11.27
N VAL D 142 7.18 -28.23 12.50
CA VAL D 142 6.17 -27.18 12.69
C VAL D 142 6.71 -25.82 12.22
N TYR D 143 8.02 -25.65 12.19
CA TYR D 143 8.63 -24.46 11.63
C TYR D 143 8.49 -24.42 10.11
N LYS D 144 8.62 -25.55 9.46
CA LYS D 144 8.38 -25.59 8.02
C LYS D 144 6.92 -25.27 7.69
N LYS D 145 6.00 -25.79 8.51
CA LYS D 145 4.58 -25.46 8.34
C LYS D 145 4.35 -23.94 8.53
N PHE D 146 4.87 -23.36 9.60
CA PHE D 146 4.77 -21.90 9.78
C PHE D 146 5.33 -21.09 8.59
N SER D 147 6.47 -21.53 8.03
CA SER D 147 7.19 -20.83 6.97
C SER D 147 6.42 -20.89 5.67
N GLU D 148 5.61 -21.92 5.55
CA GLU D 148 4.81 -22.20 4.36
C GLU D 148 3.58 -21.30 4.35
N VAL D 149 3.11 -20.96 5.55
CA VAL D 149 1.81 -20.36 5.76
C VAL D 149 1.94 -18.84 6.11
N PHE D 150 3.12 -18.43 6.53
CA PHE D 150 3.38 -17.00 6.74
C PHE D 150 4.61 -16.54 6.00
N THR D 151 4.44 -15.59 5.08
CA THR D 151 5.53 -15.10 4.23
C THR D 151 5.51 -13.56 4.11
N ASP D 152 4.67 -12.91 4.89
CA ASP D 152 4.48 -11.46 4.83
C ASP D 152 5.49 -10.74 5.76
N TRP D 153 6.76 -10.71 5.37
CA TRP D 153 7.82 -10.23 6.28
C TRP D 153 8.10 -8.74 6.12
N LYS D 154 7.41 -8.11 5.16
CA LYS D 154 7.38 -6.65 5.10
C LYS D 154 8.76 -6.01 5.10
N ASP D 155 9.05 -5.14 6.06
CA ASP D 155 10.35 -4.46 6.15
C ASP D 155 11.41 -5.20 6.97
N SER D 156 11.21 -6.48 7.25
CA SER D 156 12.24 -7.32 7.88
C SER D 156 13.36 -7.64 6.87
N ILE D 157 14.61 -7.72 7.31
CA ILE D 157 15.74 -7.86 6.40
C ILE D 157 16.38 -9.23 6.61
N PHE D 158 16.56 -9.97 5.51
CA PHE D 158 17.19 -11.26 5.55
C PHE D 158 18.63 -11.22 5.10
N SER D 159 19.44 -12.05 5.74
CA SER D 159 20.84 -12.13 5.46
C SER D 159 21.31 -13.57 5.58
N ASN D 160 22.55 -13.78 5.22
CA ASN D 160 23.10 -15.04 5.55
C ASN D 160 24.59 -15.09 5.78
N TYR D 161 24.97 -16.13 6.50
CA TYR D 161 26.35 -16.26 6.88
C TYR D 161 26.65 -17.74 6.94
N THR D 162 27.92 -18.07 6.95
CA THR D 162 28.29 -19.47 6.89
C THR D 162 28.71 -19.90 8.28
N TYR D 163 28.31 -21.10 8.66
CA TYR D 163 28.79 -21.66 9.90
C TYR D 163 29.14 -23.11 9.63
N GLY D 164 30.43 -23.40 9.65
CA GLY D 164 30.91 -24.75 9.35
C GLY D 164 30.41 -25.17 7.99
N ASN D 165 29.67 -26.27 7.94
CA ASN D 165 29.12 -26.68 6.66
C ASN D 165 28.05 -25.69 6.18
N ASP D 166 27.20 -25.24 7.11
CA ASP D 166 25.88 -24.67 6.82
C ASP D 166 25.97 -23.25 6.19
N THR D 167 25.02 -22.87 5.34
CA THR D 167 24.68 -21.46 5.31
C THR D 167 23.40 -21.18 6.12
N VAL D 168 23.55 -20.18 6.97
CA VAL D 168 22.54 -19.87 7.97
C VAL D 168 21.81 -18.63 7.48
N THR D 169 20.48 -18.67 7.52
CA THR D 169 19.67 -17.52 7.16
C THR D 169 19.28 -16.76 8.41
N ALA D 170 19.54 -15.47 8.41
CA ALA D 170 19.27 -14.63 9.56
C ALA D 170 18.25 -13.56 9.19
N VAL D 171 17.54 -13.05 10.21
CA VAL D 171 16.56 -12.00 10.03
C VAL D 171 16.74 -10.87 11.06
N GLU D 172 16.52 -9.65 10.59
CA GLU D 172 16.46 -8.47 11.43
C GLU D 172 15.05 -7.91 11.26
N LEU D 173 14.29 -7.96 12.34
CA LEU D 173 12.87 -7.69 12.28
C LEU D 173 12.61 -6.22 12.00
N GLY D 174 11.72 -5.97 11.05
CA GLY D 174 11.41 -4.61 10.63
C GLY D 174 10.42 -3.90 11.54
N ASP D 175 10.47 -2.56 11.54
CA ASP D 175 9.48 -1.72 12.22
C ASP D 175 8.03 -2.10 11.96
N ARG D 176 7.65 -2.27 10.71
CA ARG D 176 6.27 -2.67 10.43
C ARG D 176 5.97 -4.09 10.93
N THR D 177 6.95 -4.97 10.77
CA THR D 177 6.75 -6.32 11.24
C THR D 177 6.45 -6.27 12.73
N LEU D 178 7.24 -5.52 13.47
CA LEU D 178 7.02 -5.43 14.91
C LEU D 178 5.65 -4.82 15.22
N ALA D 179 5.29 -3.73 14.53
CA ALA D 179 4.06 -3.02 14.90
C ALA D 179 2.82 -3.74 14.41
N GLU D 180 2.90 -4.39 13.26
CA GLU D 180 1.70 -4.90 12.60
C GLU D 180 1.49 -6.37 12.76
N ASN D 181 2.55 -7.12 12.99
CA ASN D 181 2.37 -8.54 13.04
C ASN D 181 2.67 -9.15 14.43
N ILE D 182 3.67 -8.61 15.09
CA ILE D 182 4.13 -9.18 16.38
C ILE D 182 3.50 -8.50 17.60
N PHE D 183 3.74 -7.21 17.77
CA PHE D 183 3.17 -6.41 18.86
C PHE D 183 1.85 -5.71 18.43
N SER D 184 0.98 -6.42 17.73
CA SER D 184 -0.15 -5.79 17.02
C SER D 184 -1.29 -5.28 17.92
N ASN D 185 -1.34 -5.71 19.18
CA ASN D 185 -2.28 -5.15 20.17
C ASN D 185 -1.58 -4.78 21.48
N SER D 186 -0.32 -4.38 21.37
CA SER D 186 0.47 -3.95 22.53
C SER D 186 0.53 -2.45 22.58
N PRO D 187 0.84 -1.87 23.74
CA PRO D 187 1.08 -0.44 23.79
C PRO D 187 2.13 -0.01 22.76
N ILE D 188 1.99 1.19 22.16
CA ILE D 188 2.99 1.55 21.16
C ILE D 188 4.31 1.65 21.83
N GLU D 189 4.35 2.04 23.10
CA GLU D 189 5.66 2.18 23.74
C GLU D 189 6.43 0.84 23.81
N ASP D 190 5.70 -0.27 23.85
CA ASP D 190 6.33 -1.60 23.81
C ASP D 190 6.84 -1.94 22.42
N VAL D 191 6.18 -1.43 21.37
CA VAL D 191 6.71 -1.52 20.01
C VAL D 191 8.02 -0.77 19.95
N GLU D 192 8.04 0.44 20.49
CA GLU D 192 9.26 1.24 20.53
C GLU D 192 10.41 0.62 21.33
N LEU D 193 10.08 0.04 22.47
CA LEU D 193 11.05 -0.71 23.25
C LEU D 193 11.69 -1.80 22.38
N ALA D 194 10.88 -2.61 21.73
CA ALA D 194 11.39 -3.66 20.87
C ALA D 194 12.26 -3.13 19.75
N LYS D 195 11.88 -2.02 19.13
CA LYS D 195 12.68 -1.48 18.04
C LYS D 195 14.10 -1.23 18.46
N HIS D 196 14.30 -0.83 19.72
CA HIS D 196 15.62 -0.48 20.20
C HIS D 196 16.41 -1.66 20.83
N LEU D 197 15.80 -2.84 20.87
CA LEU D 197 16.43 -4.00 21.52
C LEU D 197 16.52 -5.27 20.64
N VAL D 198 15.69 -5.38 19.60
CA VAL D 198 15.75 -6.60 18.82
C VAL D 198 17.06 -6.67 18.04
N ARG D 199 17.55 -7.89 17.86
CA ARG D 199 18.87 -8.14 17.26
C ARG D 199 18.68 -9.17 16.17
N LYS D 200 19.68 -9.32 15.31
CA LYS D 200 19.65 -10.39 14.32
C LYS D 200 19.49 -11.76 14.97
N GLY D 201 18.65 -12.62 14.37
CA GLY D 201 18.43 -13.93 14.88
C GLY D 201 18.21 -14.91 13.74
N SER D 202 18.32 -16.19 14.07
CA SER D 202 18.07 -17.24 13.09
C SER D 202 17.27 -18.40 13.70
N PHE D 203 16.52 -19.09 12.86
CA PHE D 203 15.96 -20.37 13.24
C PHE D 203 16.85 -21.56 12.98
N PHE D 204 18.06 -21.33 12.48
CA PHE D 204 19.00 -22.45 12.22
C PHE D 204 18.34 -23.67 11.57
N GLU D 205 17.61 -23.43 10.49
CA GLU D 205 16.72 -24.47 9.98
C GLU D 205 17.50 -25.76 9.56
N GLN D 206 18.68 -25.60 8.98
CA GLN D 206 19.45 -26.79 8.57
C GLN D 206 19.83 -27.64 9.78
N ASP D 207 20.24 -27.00 10.88
CA ASP D 207 20.54 -27.74 12.10
C ASP D 207 19.28 -28.39 12.65
N LEU D 208 18.23 -27.58 12.73
CA LEU D 208 16.99 -28.02 13.30
C LEU D 208 16.47 -29.27 12.57
N ASP D 209 16.49 -29.24 11.26
CA ASP D 209 15.96 -30.30 10.47
C ASP D 209 16.81 -31.58 10.53
N THR D 210 18.04 -31.53 11.03
CA THR D 210 18.81 -32.76 11.16
C THR D 210 18.98 -33.24 12.58
N LEU D 211 18.35 -32.59 13.54
CA LEU D 211 18.37 -33.07 14.90
C LEU D 211 17.53 -34.33 14.95
N PRO D 212 17.90 -35.25 15.81
CA PRO D 212 17.03 -36.42 15.97
C PRO D 212 15.61 -36.03 16.42
N ASN D 213 14.63 -36.82 16.03
CA ASN D 213 13.26 -36.62 16.50
C ASN D 213 13.21 -36.60 18.01
N PHE D 214 12.32 -35.79 18.55
CA PHE D 214 11.97 -35.86 19.95
C PHE D 214 11.37 -37.22 20.25
N THR D 215 11.37 -37.61 21.52
CA THR D 215 10.89 -38.93 21.90
C THR D 215 9.72 -38.90 22.88
N SER D 216 8.96 -39.99 22.88
CA SER D 216 7.95 -40.24 23.91
C SER D 216 8.48 -40.10 25.30
N GLU D 217 9.63 -40.70 25.58
CA GLU D 217 10.12 -40.72 26.95
C GLU D 217 10.79 -39.41 27.37
N GLY D 218 11.18 -38.59 26.41
CA GLY D 218 11.82 -37.32 26.73
C GLY D 218 10.80 -36.21 26.70
N TYR D 219 10.84 -35.42 25.63
CA TYR D 219 9.91 -34.30 25.42
C TYR D 219 8.45 -34.72 25.57
N GLY D 220 8.14 -35.87 24.99
CA GLY D 220 6.80 -36.41 25.00
C GLY D 220 6.29 -36.92 26.34
N SER D 221 7.08 -36.80 27.39
CA SER D 221 6.64 -37.28 28.70
C SER D 221 6.16 -36.18 29.61
N ILE D 222 6.34 -34.91 29.21
CA ILE D 222 6.17 -33.78 30.11
C ILE D 222 4.79 -33.16 29.84
N ARG D 223 4.11 -32.76 30.91
CA ARG D 223 2.84 -32.04 30.75
C ARG D 223 3.05 -30.83 29.83
N ARG D 224 2.21 -30.68 28.81
CA ARG D 224 2.33 -29.59 27.83
C ARG D 224 1.04 -28.78 27.80
N VAL D 225 1.20 -27.48 28.01
CA VAL D 225 0.07 -26.56 27.97
C VAL D 225 0.26 -25.58 26.80
N TYR D 226 -0.73 -25.46 25.94
CA TYR D 226 -0.66 -24.60 24.77
C TYR D 226 -1.52 -23.33 24.99
N VAL D 227 -0.85 -22.19 25.03
CA VAL D 227 -1.49 -20.90 25.25
C VAL D 227 -1.35 -20.07 23.98
N TYR D 228 -2.47 -19.55 23.49
CA TYR D 228 -2.43 -18.64 22.32
C TYR D 228 -3.30 -17.38 22.48
N GLY D 229 -2.90 -16.34 21.75
CA GLY D 229 -3.59 -15.05 21.73
C GLY D 229 -4.70 -15.08 20.67
N GLU D 230 -5.89 -14.60 21.07
CA GLU D 230 -7.01 -14.49 20.16
C GLU D 230 -6.71 -13.75 18.86
N GLU D 231 -5.89 -12.72 18.90
CA GLU D 231 -5.58 -11.92 17.70
C GLU D 231 -4.10 -11.83 17.39
N ASP D 232 -3.45 -12.99 17.44
CA ASP D 232 -2.11 -13.14 16.93
C ASP D 232 -2.09 -12.92 15.41
N GLN D 233 -1.36 -11.92 14.96
CA GLN D 233 -1.21 -11.61 13.55
C GLN D 233 0.09 -12.14 12.89
N ILE D 234 0.74 -13.14 13.50
CA ILE D 234 1.83 -13.83 12.81
C ILE D 234 1.70 -15.35 12.89
N PHE D 235 1.30 -15.86 14.06
CA PHE D 235 0.85 -17.24 14.16
C PHE D 235 -0.67 -17.24 14.12
N SER D 236 -1.24 -17.57 12.97
CA SER D 236 -2.68 -17.41 12.78
C SER D 236 -3.44 -18.42 13.60
N ARG D 237 -4.74 -18.18 13.74
CA ARG D 237 -5.56 -19.12 14.44
C ARG D 237 -5.47 -20.48 13.77
N ASP D 238 -5.52 -20.50 12.45
CA ASP D 238 -5.53 -21.78 11.75
C ASP D 238 -4.21 -22.53 11.98
N PHE D 239 -3.08 -21.81 12.00
CA PHE D 239 -1.78 -22.46 12.23
C PHE D 239 -1.67 -22.99 13.67
N GLN D 240 -2.18 -22.21 14.61
CA GLN D 240 -2.13 -22.62 16.03
C GLN D 240 -3.04 -23.78 16.36
N LEU D 241 -4.24 -23.78 15.77
CA LEU D 241 -5.12 -24.91 15.85
C LEU D 241 -4.53 -26.14 15.18
N TRP D 242 -3.82 -25.93 14.08
CA TRP D 242 -3.13 -27.01 13.40
C TRP D 242 -2.08 -27.65 14.32
N GLN D 243 -1.30 -26.82 15.01
CA GLN D 243 -0.29 -27.33 15.96
C GLN D 243 -0.93 -28.12 17.07
N ILE D 244 -2.00 -27.58 17.67
CA ILE D 244 -2.70 -28.27 18.74
C ILE D 244 -3.17 -29.65 18.26
N ASN D 245 -3.80 -29.69 17.09
CA ASN D 245 -4.34 -30.92 16.57
C ASN D 245 -3.21 -31.91 16.17
N ASN D 246 -2.09 -31.36 15.72
CA ASN D 246 -0.96 -32.17 15.27
C ASN D 246 -0.37 -33.00 16.41
N TYR D 247 -0.29 -32.41 17.60
CA TYR D 247 0.29 -33.09 18.75
C TYR D 247 -0.42 -32.64 20.04
N LYS D 248 -1.56 -33.28 20.33
CA LYS D 248 -2.47 -32.80 21.32
C LYS D 248 -1.79 -32.53 22.67
N PRO D 249 -1.95 -31.31 23.20
CA PRO D 249 -1.39 -31.01 24.51
C PRO D 249 -2.33 -31.42 25.64
N ASP D 250 -1.92 -31.22 26.88
CA ASP D 250 -2.77 -31.59 28.01
C ASP D 250 -3.85 -30.55 28.27
N LYS D 251 -3.53 -29.29 28.02
CA LYS D 251 -4.50 -28.20 28.22
C LYS D 251 -4.24 -27.10 27.20
N VAL D 252 -5.32 -26.45 26.76
CA VAL D 252 -5.24 -25.32 25.85
C VAL D 252 -5.88 -24.10 26.51
N TYR D 253 -5.27 -22.94 26.33
CA TYR D 253 -5.89 -21.67 26.76
C TYR D 253 -5.86 -20.67 25.60
N CYS D 254 -6.96 -19.96 25.40
CA CYS D 254 -6.99 -18.83 24.44
C CYS D 254 -7.20 -17.54 25.20
N VAL D 255 -6.30 -16.61 24.99
CA VAL D 255 -6.34 -15.36 25.71
C VAL D 255 -7.09 -14.30 24.87
N PRO D 256 -8.21 -13.77 25.41
CA PRO D 256 -8.95 -12.81 24.59
C PRO D 256 -8.15 -11.55 24.35
N SER D 257 -8.31 -11.03 23.14
CA SER D 257 -7.68 -9.82 22.69
C SER D 257 -6.16 -9.79 22.75
N ALA D 258 -5.51 -10.93 22.97
CA ALA D 258 -4.05 -10.88 23.06
C ALA D 258 -3.44 -11.02 21.66
N ASP D 259 -2.36 -10.28 21.42
CA ASP D 259 -1.57 -10.45 20.20
C ASP D 259 -0.49 -11.57 20.36
N HIS D 260 0.54 -11.55 19.53
CA HIS D 260 1.60 -12.57 19.60
C HIS D 260 2.37 -12.49 20.93
N LYS D 261 2.49 -11.28 21.47
CA LYS D 261 3.21 -11.04 22.69
C LYS D 261 2.22 -10.91 23.85
N ILE D 262 1.70 -12.05 24.28
CA ILE D 262 0.74 -12.10 25.41
C ILE D 262 1.36 -11.50 26.66
N GLN D 263 2.63 -11.82 26.89
CA GLN D 263 3.37 -11.25 28.04
C GLN D 263 3.53 -9.73 28.05
N ILE D 264 3.22 -9.11 26.92
CA ILE D 264 3.24 -7.65 26.78
C ILE D 264 1.81 -7.05 26.74
N SER D 265 0.95 -7.66 25.95
CA SER D 265 -0.37 -7.14 25.67
C SER D 265 -1.45 -7.53 26.68
N LYS D 266 -1.36 -8.74 27.26
CA LYS D 266 -2.32 -9.24 28.29
C LYS D 266 -1.58 -9.97 29.44
N VAL D 267 -0.68 -9.28 30.09
CA VAL D 267 0.23 -9.94 30.99
C VAL D 267 -0.53 -10.43 32.24
N ASN D 268 -1.54 -9.68 32.68
CA ASN D 268 -2.30 -10.10 33.87
C ASN D 268 -2.94 -11.43 33.62
N GLU D 269 -3.53 -11.59 32.43
CA GLU D 269 -4.17 -12.81 32.07
C GLU D 269 -3.16 -13.97 31.98
N LEU D 270 -2.00 -13.66 31.40
CA LEU D 270 -0.99 -14.68 31.21
C LEU D 270 -0.54 -15.16 32.59
N ALA D 271 -0.33 -14.24 33.51
CA ALA D 271 0.10 -14.60 34.83
C ALA D 271 -0.90 -15.52 35.53
N GLN D 272 -2.19 -15.22 35.40
CA GLN D 272 -3.24 -16.11 35.89
C GLN D 272 -3.15 -17.55 35.36
N ILE D 273 -3.00 -17.67 34.05
CA ILE D 273 -2.85 -18.97 33.42
C ILE D 273 -1.65 -19.70 34.01
N LEU D 274 -0.49 -19.03 34.11
CA LEU D 274 0.71 -19.72 34.57
C LEU D 274 0.54 -20.19 36.02
N GLN D 275 -0.15 -19.40 36.84
CA GLN D 275 -0.40 -19.80 38.22
C GLN D 275 -1.30 -21.00 38.30
N GLU D 276 -2.28 -21.04 37.42
CA GLU D 276 -3.15 -22.18 37.34
C GLU D 276 -2.40 -23.43 36.88
N VAL D 277 -1.45 -23.26 35.96
CA VAL D 277 -0.58 -24.38 35.59
C VAL D 277 0.27 -24.84 36.75
N ALA D 278 0.83 -23.92 37.53
CA ALA D 278 1.64 -24.32 38.67
C ALA D 278 0.84 -25.14 39.68
N ASN D 279 -0.44 -24.85 39.78
CA ASN D 279 -1.31 -25.47 40.76
C ASN D 279 -2.00 -26.80 40.37
N SER D 280 -2.07 -27.17 39.09
CA SER D 280 -2.79 -28.41 38.76
C SER D 280 -1.94 -29.67 38.94
N GLY E 24 -26.98 29.57 12.25
CA GLY E 24 -26.41 28.32 12.86
C GLY E 24 -25.15 27.85 12.14
N PHE E 25 -24.29 27.14 12.88
CA PHE E 25 -23.09 26.52 12.30
C PHE E 25 -22.99 25.09 12.80
N MET E 26 -22.92 24.15 11.87
CA MET E 26 -22.79 22.73 12.22
C MET E 26 -23.94 22.28 13.13
N VAL E 27 -25.12 22.82 12.92
CA VAL E 27 -26.32 22.26 13.55
C VAL E 27 -26.53 20.84 13.03
N SER E 28 -26.88 19.93 13.94
CA SER E 28 -27.10 18.53 13.63
C SER E 28 -28.61 18.30 13.50
N ALA E 29 -29.07 17.67 12.43
CA ALA E 29 -30.51 17.35 12.26
C ALA E 29 -30.80 15.88 11.91
N HIS E 30 -32.06 15.48 11.98
CA HIS E 30 -32.46 14.15 11.52
C HIS E 30 -33.22 14.27 10.18
N PHE E 31 -32.60 13.75 9.13
CA PHE E 31 -33.22 13.75 7.80
C PHE E 31 -33.87 12.40 7.52
N ILE E 32 -35.06 12.41 6.95
CA ILE E 32 -35.65 11.19 6.39
C ILE E 32 -35.83 11.41 4.90
N LEU E 33 -35.26 10.49 4.13
CA LEU E 33 -35.14 10.63 2.68
C LEU E 33 -36.07 9.61 1.99
N ILE E 34 -36.90 10.11 1.09
CA ILE E 34 -38.00 9.35 0.52
C ILE E 34 -37.93 9.38 -1.02
N HIS E 35 -37.78 8.19 -1.57
CA HIS E 35 -37.66 7.97 -3.01
C HIS E 35 -39.00 8.11 -3.72
N THR E 36 -38.93 8.27 -5.03
CA THR E 36 -40.11 8.31 -5.88
C THR E 36 -40.61 6.93 -6.28
N ILE E 37 -41.70 6.84 -7.02
CA ILE E 37 -42.20 5.54 -7.45
C ILE E 37 -41.18 4.81 -8.36
N CYS E 38 -41.12 3.49 -8.24
CA CYS E 38 -40.24 2.66 -9.07
C CYS E 38 -38.84 2.58 -8.48
N HIS E 39 -38.53 3.46 -7.54
CA HIS E 39 -37.20 3.53 -6.94
C HIS E 39 -37.24 3.05 -5.52
N GLY E 40 -36.16 3.28 -4.77
CA GLY E 40 -36.05 2.78 -3.41
C GLY E 40 -35.02 3.57 -2.61
N ALA E 41 -34.75 3.09 -1.41
CA ALA E 41 -33.84 3.72 -0.46
C ALA E 41 -32.44 3.76 -1.05
N TRP E 42 -32.13 2.74 -1.83
CA TRP E 42 -30.82 2.62 -2.49
C TRP E 42 -30.40 3.90 -3.20
N LEU E 43 -31.37 4.66 -3.69
CA LEU E 43 -31.10 5.80 -4.54
C LEU E 43 -30.30 6.87 -3.77
N TRP E 44 -30.43 6.83 -2.44
CA TRP E 44 -29.84 7.86 -1.55
C TRP E 44 -28.46 7.46 -1.06
N TYR E 45 -27.85 6.46 -1.72
CA TYR E 45 -26.58 5.89 -1.24
C TYR E 45 -25.40 6.89 -1.22
N LYS E 46 -25.38 7.86 -2.12
CA LYS E 46 -24.27 8.81 -2.13
C LYS E 46 -24.50 9.89 -1.06
N LEU E 47 -25.74 10.27 -0.84
CA LEU E 47 -26.07 11.40 0.04
C LEU E 47 -25.93 11.06 1.54
N ILE E 48 -26.33 9.86 1.91
CA ILE E 48 -26.35 9.47 3.31
C ILE E 48 -25.00 9.66 4.02
N PRO E 49 -23.89 9.14 3.45
CA PRO E 49 -22.61 9.30 4.19
C PRO E 49 -22.13 10.76 4.29
N LEU E 50 -22.48 11.56 3.31
CA LEU E 50 -22.15 12.99 3.33
C LEU E 50 -22.83 13.64 4.53
N LEU E 51 -24.13 13.41 4.65
CA LEU E 51 -24.93 13.94 5.74
C LEU E 51 -24.41 13.42 7.08
N GLN E 52 -24.03 12.16 7.11
CA GLN E 52 -23.47 11.61 8.33
C GLN E 52 -22.16 12.27 8.71
N SER E 53 -21.37 12.69 7.73
CA SER E 53 -20.05 13.24 7.99
C SER E 53 -20.16 14.64 8.63
N ALA E 54 -21.29 15.30 8.38
CA ALA E 54 -21.62 16.61 8.95
C ALA E 54 -22.38 16.47 10.27
N GLY E 55 -22.39 15.26 10.83
CA GLY E 55 -23.03 15.01 12.11
C GLY E 55 -24.53 14.77 12.08
N HIS E 56 -25.14 14.70 10.91
CA HIS E 56 -26.57 14.42 10.84
C HIS E 56 -26.87 12.94 10.98
N ASN E 57 -28.09 12.67 11.41
CA ASN E 57 -28.71 11.37 11.28
C ASN E 57 -29.49 11.37 9.97
N ALA E 58 -29.22 10.42 9.10
CA ALA E 58 -29.87 10.38 7.79
C ALA E 58 -30.40 8.97 7.52
N THR E 59 -31.72 8.90 7.31
CA THR E 59 -32.46 7.66 7.21
C THR E 59 -33.16 7.60 5.86
N ALA E 60 -32.93 6.53 5.11
CA ALA E 60 -33.68 6.31 3.88
C ALA E 60 -34.37 4.95 4.00
N ILE E 61 -35.64 4.89 3.64
CA ILE E 61 -36.39 3.64 3.75
C ILE E 61 -37.05 3.30 2.41
N ASP E 62 -37.37 2.02 2.24
CA ASP E 62 -38.19 1.58 1.10
C ASP E 62 -39.67 1.76 1.51
N LEU E 63 -40.43 2.46 0.70
CA LEU E 63 -41.89 2.40 0.77
C LEU E 63 -42.40 1.07 0.25
N VAL E 64 -43.70 0.85 0.35
CA VAL E 64 -44.22 -0.49 0.05
C VAL E 64 -43.99 -0.80 -1.42
N ALA E 65 -43.65 -2.06 -1.70
CA ALA E 65 -43.50 -2.56 -3.07
C ALA E 65 -42.35 -1.86 -3.80
N SER E 66 -41.44 -1.26 -3.03
CA SER E 66 -40.34 -0.48 -3.59
C SER E 66 -39.02 -1.01 -3.04
N GLY E 67 -37.92 -0.80 -3.77
CA GLY E 67 -36.61 -1.28 -3.35
C GLY E 67 -36.65 -2.79 -3.16
N ILE E 68 -36.21 -3.28 -2.00
CA ILE E 68 -36.31 -4.68 -1.69
C ILE E 68 -37.48 -5.03 -0.79
N ASP E 69 -38.44 -4.12 -0.70
CA ASP E 69 -39.65 -4.42 0.08
C ASP E 69 -40.34 -5.65 -0.54
N PRO E 70 -40.72 -6.63 0.28
CA PRO E 70 -41.22 -7.90 -0.26
C PRO E 70 -42.65 -7.88 -0.84
N ARG E 71 -43.41 -6.82 -0.63
CA ARG E 71 -44.74 -6.73 -1.23
C ARG E 71 -44.60 -6.46 -2.73
N GLN E 72 -45.55 -6.98 -3.52
CA GLN E 72 -45.67 -6.57 -4.92
C GLN E 72 -46.74 -5.53 -5.03
N LEU E 73 -46.67 -4.78 -6.13
CA LEU E 73 -47.47 -3.59 -6.31
C LEU E 73 -48.97 -3.89 -6.27
N GLU E 74 -49.37 -5.03 -6.83
CA GLU E 74 -50.78 -5.43 -6.88
C GLU E 74 -51.39 -5.57 -5.50
N GLN E 75 -50.57 -5.75 -4.47
CA GLN E 75 -51.08 -5.85 -3.11
C GLN E 75 -51.56 -4.53 -2.52
N ILE E 76 -51.56 -3.47 -3.32
CA ILE E 76 -51.71 -2.13 -2.79
C ILE E 76 -52.40 -1.27 -3.84
N GLY E 77 -53.20 -0.29 -3.38
CA GLY E 77 -53.90 0.62 -4.30
C GLY E 77 -54.06 2.06 -3.84
N THR E 78 -53.46 2.39 -2.70
CA THR E 78 -53.63 3.73 -2.14
C THR E 78 -52.35 4.31 -1.55
N TRP E 79 -52.33 5.63 -1.45
CA TRP E 79 -51.18 6.36 -0.93
C TRP E 79 -50.98 6.09 0.54
N GLU E 80 -52.08 5.78 1.22
CA GLU E 80 -52.03 5.43 2.63
C GLU E 80 -51.30 4.10 2.83
N GLN E 81 -51.63 3.12 2.01
CA GLN E 81 -50.92 1.85 2.03
C GLN E 81 -49.45 2.03 1.63
N TYR E 82 -49.24 2.73 0.51
CA TYR E 82 -47.91 2.99 -0.05
C TYR E 82 -46.99 3.66 0.97
N SER E 83 -47.54 4.62 1.73
CA SER E 83 -46.73 5.50 2.59
C SER E 83 -46.52 4.92 3.99
N GLU E 84 -47.12 3.76 4.26
CA GLU E 84 -47.18 3.25 5.61
C GLU E 84 -45.82 3.25 6.33
N PRO E 85 -44.74 2.83 5.63
CA PRO E 85 -43.49 2.72 6.37
C PRO E 85 -42.96 4.09 6.80
N LEU E 86 -43.29 5.12 6.04
CA LEU E 86 -42.91 6.47 6.37
C LEU E 86 -43.70 6.95 7.61
N PHE E 87 -45.02 6.78 7.56
CA PHE E 87 -45.88 7.09 8.72
C PHE E 87 -45.37 6.38 9.97
N THR E 88 -45.15 5.07 9.89
CA THR E 88 -44.71 4.28 11.04
C THR E 88 -43.36 4.75 11.61
N LEU E 89 -42.46 5.18 10.74
CA LEU E 89 -41.16 5.74 11.14
C LEU E 89 -41.38 7.03 11.92
N ILE E 90 -42.19 7.91 11.35
CA ILE E 90 -42.47 9.18 11.97
C ILE E 90 -43.13 9.01 13.34
N GLU E 91 -44.04 8.03 13.45
CA GLU E 91 -44.60 7.65 14.74
C GLU E 91 -43.51 7.27 15.75
N SER E 92 -42.46 6.62 15.27
CA SER E 92 -41.43 6.06 16.17
C SER E 92 -40.48 7.12 16.72
N ILE E 93 -40.59 8.36 16.23
CA ILE E 93 -39.69 9.43 16.66
C ILE E 93 -40.02 9.89 18.09
N PRO E 94 -38.99 10.09 18.94
CA PRO E 94 -39.18 10.53 20.34
C PRO E 94 -40.04 11.78 20.50
N GLU E 95 -40.64 11.93 21.69
CA GLU E 95 -41.46 13.10 21.99
C GLU E 95 -40.63 14.36 21.86
N GLY E 96 -41.17 15.37 21.17
CA GLY E 96 -40.52 16.67 21.08
C GLY E 96 -39.32 16.76 20.15
N LYS E 97 -39.02 15.69 19.42
CA LYS E 97 -38.03 15.76 18.35
C LYS E 97 -38.73 15.92 17.01
N LYS E 98 -38.01 16.46 16.03
CA LYS E 98 -38.57 16.67 14.71
C LYS E 98 -37.57 16.24 13.64
N VAL E 99 -38.09 15.93 12.46
CA VAL E 99 -37.25 15.50 11.35
C VAL E 99 -37.42 16.44 10.16
N ILE E 100 -36.41 16.46 9.30
CA ILE E 100 -36.52 17.09 7.99
C ILE E 100 -36.83 16.01 6.94
N LEU E 101 -37.94 16.17 6.24
CA LEU E 101 -38.35 15.20 5.21
C LEU E 101 -37.88 15.69 3.87
N VAL E 102 -37.09 14.87 3.18
CA VAL E 102 -36.69 15.17 1.81
C VAL E 102 -37.35 14.16 0.87
N GLY E 103 -38.07 14.67 -0.13
CA GLY E 103 -38.84 13.84 -1.06
C GLY E 103 -38.41 14.17 -2.46
N GLU E 104 -38.06 13.14 -3.22
CA GLU E 104 -37.62 13.32 -4.60
C GLU E 104 -38.71 12.91 -5.60
N SER E 105 -38.85 13.69 -6.66
CA SER E 105 -39.87 13.42 -7.68
C SER E 105 -41.22 13.17 -6.98
N GLY E 106 -41.85 12.04 -7.26
CA GLY E 106 -43.16 11.73 -6.68
C GLY E 106 -43.19 11.53 -5.18
N GLY E 107 -42.02 11.32 -4.59
CA GLY E 107 -41.88 11.31 -3.15
C GLY E 107 -42.36 12.58 -2.49
N GLY E 108 -42.45 13.67 -3.24
CA GLY E 108 -42.93 14.94 -2.66
C GLY E 108 -44.35 14.78 -2.12
N ILE E 109 -45.13 13.94 -2.80
CA ILE E 109 -46.47 13.60 -2.34
C ILE E 109 -46.42 12.90 -0.99
N ASN E 110 -45.60 11.85 -0.88
CA ASN E 110 -45.46 11.16 0.39
C ASN E 110 -45.16 12.10 1.54
N ILE E 111 -44.24 13.03 1.33
CA ILE E 111 -43.80 13.88 2.45
C ILE E 111 -44.88 14.91 2.81
N ALA E 112 -45.64 15.34 1.82
CA ALA E 112 -46.81 16.19 2.05
C ALA E 112 -47.82 15.45 2.92
N LEU E 113 -48.17 14.25 2.47
CA LEU E 113 -49.02 13.35 3.22
C LEU E 113 -48.56 13.23 4.66
N ALA E 114 -47.27 12.98 4.87
CA ALA E 114 -46.73 12.86 6.23
C ALA E 114 -46.83 14.17 7.02
N ALA E 115 -46.75 15.30 6.32
CA ALA E 115 -46.73 16.61 6.98
C ALA E 115 -48.15 16.97 7.44
N GLU E 116 -49.12 16.66 6.59
CA GLU E 116 -50.53 16.74 6.92
C GLU E 116 -50.86 15.84 8.10
N LYS E 117 -50.36 14.62 8.09
CA LYS E 117 -50.70 13.68 9.17
C LYS E 117 -49.95 13.97 10.46
N TYR E 118 -48.70 14.43 10.37
CA TYR E 118 -47.89 14.59 11.58
C TYR E 118 -47.11 15.90 11.61
N PRO E 119 -47.81 17.03 11.48
CA PRO E 119 -47.14 18.33 11.41
C PRO E 119 -46.27 18.64 12.62
N GLU E 120 -46.56 18.05 13.77
CA GLU E 120 -45.81 18.32 15.01
C GLU E 120 -44.42 17.70 14.96
N LYS E 121 -44.23 16.76 14.02
CA LYS E 121 -43.01 15.96 13.97
C LYS E 121 -42.04 16.45 12.89
N VAL E 122 -42.47 17.39 12.06
CA VAL E 122 -41.68 17.78 10.91
C VAL E 122 -41.18 19.21 11.04
N SER E 123 -39.86 19.39 11.04
CA SER E 123 -39.29 20.74 11.01
C SER E 123 -39.30 21.38 9.62
N ALA E 124 -38.99 20.60 8.58
CA ALA E 124 -39.04 21.14 7.22
C ALA E 124 -39.31 20.05 6.18
N LEU E 125 -39.88 20.49 5.06
CA LEU E 125 -40.09 19.64 3.89
C LEU E 125 -39.11 20.12 2.82
N VAL E 126 -38.25 19.24 2.33
CA VAL E 126 -37.41 19.59 1.18
C VAL E 126 -37.86 18.83 -0.06
N PHE E 127 -38.20 19.59 -1.11
CA PHE E 127 -38.67 19.03 -2.36
C PHE E 127 -37.50 19.06 -3.37
N HIS E 128 -37.20 17.88 -3.92
CA HIS E 128 -36.00 17.59 -4.73
C HIS E 128 -36.51 17.20 -6.12
N ASN E 129 -36.54 18.14 -7.06
CA ASN E 129 -37.32 17.97 -8.30
C ASN E 129 -38.59 17.17 -8.02
N ALA E 130 -39.40 17.67 -7.08
CA ALA E 130 -40.47 16.89 -6.51
C ALA E 130 -41.82 17.54 -6.76
N LEU E 131 -42.83 16.69 -6.92
CA LEU E 131 -44.21 17.13 -6.93
C LEU E 131 -44.49 17.86 -5.61
N MET E 132 -44.96 19.10 -5.71
CA MET E 132 -45.30 19.93 -4.54
C MET E 132 -46.78 20.36 -4.61
N PRO E 133 -47.63 19.64 -3.86
CA PRO E 133 -49.06 19.90 -3.76
C PRO E 133 -49.36 21.25 -3.13
N ASP E 134 -50.63 21.66 -3.24
CA ASP E 134 -51.13 22.86 -2.58
C ASP E 134 -52.33 22.51 -1.72
N ILE E 135 -53.01 23.54 -1.21
CA ILE E 135 -54.15 23.34 -0.33
C ILE E 135 -55.49 23.65 -1.01
N ASP E 136 -55.44 24.38 -2.13
CA ASP E 136 -56.67 24.81 -2.81
C ASP E 136 -57.25 23.80 -3.78
N HIS E 137 -56.40 23.07 -4.50
CA HIS E 137 -56.88 22.03 -5.40
C HIS E 137 -56.68 20.64 -4.81
N SER E 138 -57.16 19.64 -5.55
CA SER E 138 -57.01 18.25 -5.12
C SER E 138 -55.52 17.92 -4.97
N PRO E 139 -55.18 17.06 -3.99
CA PRO E 139 -53.82 16.52 -3.89
C PRO E 139 -53.19 16.04 -5.21
N ALA E 140 -54.01 15.60 -6.17
CA ALA E 140 -53.51 15.16 -7.50
C ALA E 140 -53.22 16.32 -8.43
N PHE E 141 -53.70 17.50 -8.07
CA PHE E 141 -53.65 18.64 -8.98
C PHE E 141 -52.31 18.64 -9.74
N VAL E 142 -51.23 18.63 -8.96
CA VAL E 142 -49.87 18.82 -9.48
C VAL E 142 -49.48 17.64 -10.41
N TYR E 143 -49.85 16.43 -9.99
CA TYR E 143 -49.56 15.24 -10.77
C TYR E 143 -50.26 15.26 -12.13
N LYS E 144 -51.49 15.78 -12.14
CA LYS E 144 -52.29 15.88 -13.38
C LYS E 144 -51.67 16.86 -14.37
N LYS E 145 -51.18 17.99 -13.85
CA LYS E 145 -50.41 18.92 -14.66
C LYS E 145 -49.13 18.29 -15.25
N PHE E 146 -48.42 17.52 -14.43
CA PHE E 146 -47.23 16.82 -14.92
C PHE E 146 -47.61 15.89 -16.09
N SER E 147 -48.70 15.15 -15.94
CA SER E 147 -49.07 14.13 -16.92
C SER E 147 -49.52 14.77 -18.23
N GLU E 148 -50.02 16.00 -18.13
CA GLU E 148 -50.49 16.78 -19.27
C GLU E 148 -49.29 17.28 -20.07
N VAL E 149 -48.28 17.70 -19.33
CA VAL E 149 -47.20 18.53 -19.81
C VAL E 149 -45.98 17.67 -20.21
N PHE E 150 -45.87 16.48 -19.62
CA PHE E 150 -44.87 15.49 -20.07
C PHE E 150 -45.53 14.21 -20.59
N THR E 151 -45.26 13.87 -21.84
CA THR E 151 -45.80 12.63 -22.39
C THR E 151 -44.78 11.76 -23.12
N ASP E 152 -43.50 12.15 -23.09
CA ASP E 152 -42.48 11.51 -23.91
C ASP E 152 -41.84 10.32 -23.15
N TRP E 153 -42.60 9.22 -23.04
CA TRP E 153 -42.25 8.09 -22.16
C TRP E 153 -41.45 6.98 -22.85
N LYS E 154 -41.24 7.13 -24.16
CA LYS E 154 -40.27 6.30 -24.90
C LYS E 154 -40.51 4.79 -24.70
N ASP E 155 -39.54 4.07 -24.15
CA ASP E 155 -39.68 2.62 -24.02
C ASP E 155 -40.25 2.16 -22.68
N SER E 156 -40.74 3.11 -21.87
CA SER E 156 -41.35 2.77 -20.60
C SER E 156 -42.71 2.12 -20.85
N ILE E 157 -43.06 1.14 -20.04
CA ILE E 157 -44.23 0.31 -20.32
C ILE E 157 -45.32 0.53 -19.29
N PHE E 158 -46.50 0.91 -19.78
CA PHE E 158 -47.66 1.09 -18.91
C PHE E 158 -48.56 -0.15 -18.79
N SER E 159 -49.18 -0.32 -17.62
CA SER E 159 -50.03 -1.48 -17.41
C SER E 159 -51.13 -1.10 -16.45
N ASN E 160 -52.13 -1.96 -16.28
CA ASN E 160 -53.06 -1.77 -15.16
C ASN E 160 -53.52 -3.03 -14.50
N TYR E 161 -53.96 -2.87 -13.27
CA TYR E 161 -54.46 -3.99 -12.51
C TYR E 161 -55.63 -3.46 -11.70
N THR E 162 -56.44 -4.37 -11.17
CA THR E 162 -57.59 -3.99 -10.36
C THR E 162 -57.24 -4.01 -8.89
N TYR E 163 -57.60 -2.94 -8.19
CA TYR E 163 -57.57 -2.98 -6.75
C TYR E 163 -58.93 -2.58 -6.16
N GLY E 164 -59.74 -3.57 -5.79
CA GLY E 164 -61.12 -3.32 -5.35
C GLY E 164 -61.95 -2.64 -6.42
N ASN E 165 -62.34 -1.39 -6.17
CA ASN E 165 -63.15 -0.61 -7.11
C ASN E 165 -62.31 -0.02 -8.22
N ASP E 166 -61.03 0.23 -7.93
CA ASP E 166 -60.15 0.99 -8.82
C ASP E 166 -59.52 0.11 -9.90
N THR E 167 -59.29 0.72 -11.04
CA THR E 167 -58.24 0.29 -11.95
C THR E 167 -56.99 1.15 -11.69
N VAL E 168 -55.87 0.49 -11.45
CA VAL E 168 -54.60 1.17 -11.13
C VAL E 168 -53.71 1.14 -12.35
N THR E 169 -53.21 2.30 -12.77
CA THR E 169 -52.23 2.39 -13.84
C THR E 169 -50.82 2.37 -13.25
N ALA E 170 -50.04 1.39 -13.69
CA ALA E 170 -48.66 1.20 -13.25
C ALA E 170 -47.69 1.50 -14.39
N VAL E 171 -46.43 1.77 -14.05
CA VAL E 171 -45.42 1.99 -15.07
C VAL E 171 -44.09 1.31 -14.72
N GLU E 172 -43.43 0.81 -15.74
CA GLU E 172 -42.09 0.23 -15.62
C GLU E 172 -41.17 1.00 -16.51
N LEU E 173 -40.16 1.62 -15.88
CA LEU E 173 -39.37 2.62 -16.54
C LEU E 173 -38.41 1.95 -17.52
N GLY E 174 -38.37 2.48 -18.73
CA GLY E 174 -37.57 1.90 -19.81
C GLY E 174 -36.13 2.35 -19.77
N ASP E 175 -35.28 1.65 -20.52
CA ASP E 175 -33.86 1.95 -20.53
C ASP E 175 -33.61 3.36 -21.01
N ARG E 176 -34.39 3.79 -22.01
CA ARG E 176 -34.14 5.10 -22.58
C ARG E 176 -34.65 6.19 -21.66
N THR E 177 -35.81 5.96 -21.07
CA THR E 177 -36.35 6.90 -20.09
C THR E 177 -35.33 7.14 -18.96
N LEU E 178 -34.73 6.06 -18.46
CA LEU E 178 -33.76 6.18 -17.38
C LEU E 178 -32.55 6.99 -17.84
N ALA E 179 -32.02 6.65 -19.02
CA ALA E 179 -30.76 7.24 -19.46
C ALA E 179 -30.94 8.63 -20.01
N GLU E 180 -32.09 8.87 -20.62
CA GLU E 180 -32.26 10.09 -21.40
C GLU E 180 -33.07 11.14 -20.65
N ASN E 181 -33.97 10.72 -19.78
CA ASN E 181 -34.86 11.66 -19.11
C ASN E 181 -34.61 11.80 -17.62
N ILE E 182 -34.25 10.70 -16.96
CA ILE E 182 -34.20 10.65 -15.49
C ILE E 182 -32.78 10.82 -14.96
N PHE E 183 -31.88 9.94 -15.39
CA PHE E 183 -30.45 9.97 -15.00
C PHE E 183 -29.57 10.62 -16.08
N SER E 184 -30.07 11.73 -16.63
CA SER E 184 -29.61 12.22 -17.91
C SER E 184 -28.26 12.93 -17.80
N ASN E 185 -27.85 13.26 -16.58
CA ASN E 185 -26.50 13.79 -16.41
C ASN E 185 -25.77 13.09 -15.28
N SER E 186 -26.07 11.80 -15.11
CA SER E 186 -25.47 10.97 -14.09
C SER E 186 -24.39 10.08 -14.66
N PRO E 187 -23.56 9.50 -13.79
CA PRO E 187 -22.56 8.58 -14.30
C PRO E 187 -23.24 7.37 -14.96
N ILE E 188 -22.64 6.82 -16.00
CA ILE E 188 -23.30 5.65 -16.65
C ILE E 188 -23.44 4.52 -15.70
N GLU E 189 -22.54 4.39 -14.73
CA GLU E 189 -22.70 3.27 -13.82
C GLU E 189 -23.95 3.41 -12.93
N ASP E 190 -24.38 4.65 -12.65
CA ASP E 190 -25.66 4.88 -11.95
C ASP E 190 -26.89 4.54 -12.80
N VAL E 191 -26.77 4.74 -14.10
CA VAL E 191 -27.83 4.31 -15.03
C VAL E 191 -27.95 2.80 -15.05
N GLU E 192 -26.80 2.14 -15.07
CA GLU E 192 -26.78 0.69 -14.97
C GLU E 192 -27.37 0.21 -13.63
N LEU E 193 -26.99 0.87 -12.55
CA LEU E 193 -27.47 0.49 -11.25
C LEU E 193 -28.99 0.58 -11.25
N ALA E 194 -29.53 1.68 -11.72
CA ALA E 194 -31.00 1.85 -11.74
C ALA E 194 -31.73 0.75 -12.56
N LYS E 195 -31.11 0.37 -13.68
CA LYS E 195 -31.69 -0.67 -14.54
C LYS E 195 -31.85 -1.97 -13.82
N HIS E 196 -30.98 -2.24 -12.85
CA HIS E 196 -31.04 -3.50 -12.11
C HIS E 196 -31.89 -3.43 -10.82
N LEU E 197 -32.46 -2.25 -10.55
CA LEU E 197 -33.21 -2.06 -9.33
C LEU E 197 -34.61 -1.48 -9.48
N VAL E 198 -34.87 -0.71 -10.52
CA VAL E 198 -36.19 -0.12 -10.59
C VAL E 198 -37.27 -1.19 -10.75
N ARG E 199 -38.43 -0.89 -10.16
CA ARG E 199 -39.57 -1.79 -10.13
C ARG E 199 -40.85 -1.10 -10.62
N LYS E 200 -41.86 -1.93 -10.91
CA LYS E 200 -43.13 -1.40 -11.32
C LYS E 200 -43.64 -0.48 -10.21
N GLY E 201 -44.17 0.68 -10.59
CA GLY E 201 -44.73 1.61 -9.63
C GLY E 201 -46.00 2.28 -10.13
N SER E 202 -46.69 2.97 -9.23
CA SER E 202 -47.92 3.69 -9.55
C SER E 202 -48.08 4.97 -8.73
N PHE E 203 -48.63 6.00 -9.37
CA PHE E 203 -49.08 7.21 -8.66
C PHE E 203 -50.49 7.10 -8.06
N PHE E 204 -51.16 5.98 -8.30
CA PHE E 204 -52.48 5.73 -7.75
C PHE E 204 -53.41 6.93 -7.91
N GLU E 205 -53.51 7.46 -9.13
CA GLU E 205 -54.12 8.76 -9.33
C GLU E 205 -55.58 8.81 -8.90
N GLN E 206 -56.31 7.72 -9.10
CA GLN E 206 -57.72 7.67 -8.71
C GLN E 206 -57.88 7.89 -7.23
N ASP E 207 -57.05 7.22 -6.42
CA ASP E 207 -57.08 7.45 -4.99
C ASP E 207 -56.61 8.83 -4.62
N LEU E 208 -55.60 9.31 -5.33
CA LEU E 208 -55.04 10.63 -5.04
C LEU E 208 -56.10 11.68 -5.25
N ASP E 209 -56.76 11.59 -6.39
CA ASP E 209 -57.71 12.60 -6.78
C ASP E 209 -59.00 12.52 -5.95
N THR E 210 -59.02 11.57 -5.03
CA THR E 210 -60.18 11.26 -4.20
C THR E 210 -59.96 11.85 -2.80
N LEU E 211 -58.75 12.35 -2.58
CA LEU E 211 -58.28 12.57 -1.24
C LEU E 211 -58.64 13.97 -0.79
N PRO E 212 -59.02 14.11 0.48
CA PRO E 212 -59.26 15.47 0.95
C PRO E 212 -58.05 16.34 0.69
N ASN E 213 -58.29 17.52 0.11
CA ASN E 213 -57.25 18.54 0.02
C ASN E 213 -56.42 18.64 1.30
N PHE E 214 -55.14 18.93 1.12
CA PHE E 214 -54.29 19.34 2.23
C PHE E 214 -54.84 20.62 2.86
N THR E 215 -54.43 20.91 4.10
CA THR E 215 -54.98 22.05 4.82
C THR E 215 -53.90 23.01 5.32
N SER E 216 -54.26 24.29 5.42
CA SER E 216 -53.38 25.31 6.05
C SER E 216 -52.68 24.81 7.30
N GLU E 217 -53.38 24.05 8.13
CA GLU E 217 -52.93 23.79 9.50
C GLU E 217 -52.07 22.53 9.59
N GLY E 218 -52.17 21.68 8.57
CA GLY E 218 -51.25 20.54 8.42
C GLY E 218 -50.10 20.86 7.48
N TYR E 219 -50.16 20.28 6.27
CA TYR E 219 -49.12 20.45 5.26
C TYR E 219 -48.84 21.93 4.97
N GLY E 220 -49.90 22.73 4.95
CA GLY E 220 -49.75 24.17 4.76
C GLY E 220 -49.02 24.88 5.88
N SER E 221 -48.68 24.16 6.95
CA SER E 221 -48.10 24.78 8.11
C SER E 221 -46.60 24.62 8.23
N ILE E 222 -46.00 23.85 7.31
CA ILE E 222 -44.59 23.45 7.45
C ILE E 222 -43.73 24.23 6.47
N ARG E 223 -42.56 24.66 6.95
CA ARG E 223 -41.55 25.28 6.08
C ARG E 223 -41.26 24.39 4.88
N ARG E 224 -41.24 25.00 3.70
CA ARG E 224 -41.08 24.26 2.46
C ARG E 224 -39.95 24.85 1.65
N VAL E 225 -39.00 24.00 1.28
CA VAL E 225 -37.86 24.37 0.43
C VAL E 225 -37.98 23.64 -0.90
N TYR E 226 -37.88 24.36 -2.01
CA TYR E 226 -37.97 23.76 -3.34
C TYR E 226 -36.62 23.76 -4.05
N VAL E 227 -36.06 22.56 -4.28
CA VAL E 227 -34.78 22.41 -4.99
C VAL E 227 -35.01 21.84 -6.39
N TYR E 228 -34.40 22.45 -7.39
CA TYR E 228 -34.45 21.84 -8.70
C TYR E 228 -33.16 21.86 -9.46
N GLY E 229 -33.00 20.81 -10.27
CA GLY E 229 -31.88 20.68 -11.17
C GLY E 229 -32.05 21.50 -12.43
N GLU E 230 -30.96 22.16 -12.80
CA GLU E 230 -30.91 22.96 -14.02
C GLU E 230 -31.23 22.16 -15.29
N GLU E 231 -30.89 20.87 -15.32
CA GLU E 231 -30.94 20.08 -16.57
C GLU E 231 -31.82 18.84 -16.41
N ASP E 232 -32.85 19.02 -15.58
CA ASP E 232 -33.88 18.02 -15.37
C ASP E 232 -34.59 17.83 -16.70
N GLN E 233 -34.52 16.62 -17.25
CA GLN E 233 -35.12 16.31 -18.56
C GLN E 233 -36.46 15.59 -18.44
N ILE E 234 -37.04 15.58 -17.26
CA ILE E 234 -38.40 15.05 -17.15
C ILE E 234 -39.36 16.03 -16.48
N PHE E 235 -38.91 16.72 -15.43
CA PHE E 235 -39.66 17.85 -14.85
C PHE E 235 -39.07 19.13 -15.45
N SER E 236 -39.66 19.61 -16.54
CA SER E 236 -39.14 20.77 -17.28
C SER E 236 -39.01 22.01 -16.40
N ARG E 237 -38.22 22.98 -16.85
CA ARG E 237 -38.10 24.26 -16.16
C ARG E 237 -39.46 24.89 -15.97
N ASP E 238 -40.24 24.95 -17.05
CA ASP E 238 -41.55 25.57 -17.00
C ASP E 238 -42.47 24.83 -16.01
N PHE E 239 -42.37 23.50 -15.93
CA PHE E 239 -43.25 22.78 -15.02
C PHE E 239 -42.86 23.04 -13.58
N GLN E 240 -41.55 23.16 -13.34
CA GLN E 240 -41.06 23.37 -11.98
C GLN E 240 -41.33 24.80 -11.48
N LEU E 241 -41.15 25.80 -12.34
CA LEU E 241 -41.51 27.18 -11.99
C LEU E 241 -43.02 27.34 -11.84
N TRP E 242 -43.80 26.64 -12.67
CA TRP E 242 -45.24 26.52 -12.47
C TRP E 242 -45.59 26.08 -11.05
N GLN E 243 -44.94 25.04 -10.56
CA GLN E 243 -45.23 24.52 -9.23
C GLN E 243 -44.92 25.57 -8.16
N ILE E 244 -43.79 26.25 -8.36
CA ILE E 244 -43.27 27.18 -7.36
C ILE E 244 -44.23 28.36 -7.24
N ASN E 245 -44.74 28.79 -8.39
CA ASN E 245 -45.73 29.86 -8.46
C ASN E 245 -47.05 29.42 -7.91
N ASN E 246 -47.47 28.22 -8.26
CA ASN E 246 -48.74 27.71 -7.81
C ASN E 246 -48.86 27.67 -6.29
N TYR E 247 -47.74 27.61 -5.59
CA TYR E 247 -47.76 27.56 -4.14
C TYR E 247 -46.39 27.92 -3.58
N LYS E 248 -46.09 29.22 -3.54
CA LYS E 248 -44.75 29.69 -3.20
C LYS E 248 -44.19 29.01 -1.96
N PRO E 249 -42.95 28.51 -2.06
CA PRO E 249 -42.27 27.99 -0.89
C PRO E 249 -41.54 29.07 -0.10
N ASP E 250 -41.01 28.71 1.07
CA ASP E 250 -40.12 29.58 1.85
C ASP E 250 -38.79 29.86 1.16
N LYS E 251 -38.29 28.92 0.36
CA LYS E 251 -36.96 29.03 -0.23
C LYS E 251 -36.86 28.17 -1.48
N VAL E 252 -36.17 28.66 -2.50
CA VAL E 252 -35.98 27.96 -3.76
C VAL E 252 -34.50 27.91 -4.08
N TYR E 253 -33.94 26.72 -4.27
CA TYR E 253 -32.60 26.57 -4.84
C TYR E 253 -32.63 25.93 -6.23
N CYS E 254 -31.67 26.32 -7.07
CA CYS E 254 -31.43 25.67 -8.37
C CYS E 254 -29.99 25.14 -8.36
N VAL E 255 -29.79 23.86 -8.73
CA VAL E 255 -28.44 23.31 -8.79
C VAL E 255 -27.96 23.29 -10.24
N PRO E 256 -26.89 24.02 -10.53
CA PRO E 256 -26.34 24.00 -11.88
C PRO E 256 -25.89 22.59 -12.30
N SER E 257 -26.32 22.20 -13.50
CA SER E 257 -25.87 21.00 -14.18
C SER E 257 -26.46 19.72 -13.57
N ALA E 258 -27.42 19.86 -12.68
CA ALA E 258 -28.02 18.68 -12.05
C ALA E 258 -29.13 18.17 -12.95
N ASP E 259 -29.28 16.84 -13.01
CA ASP E 259 -30.42 16.25 -13.67
C ASP E 259 -31.56 16.07 -12.67
N HIS E 260 -32.54 15.25 -13.04
CA HIS E 260 -33.67 14.92 -12.18
C HIS E 260 -33.23 14.25 -10.89
N LYS E 261 -32.09 13.55 -10.93
CA LYS E 261 -31.58 12.81 -9.76
C LYS E 261 -30.39 13.54 -9.15
N ILE E 262 -30.68 14.65 -8.49
CA ILE E 262 -29.61 15.50 -7.97
C ILE E 262 -28.77 14.76 -6.96
N GLN E 263 -29.40 13.86 -6.21
CA GLN E 263 -28.69 13.11 -5.20
C GLN E 263 -27.69 12.10 -5.79
N ILE E 264 -27.75 11.93 -7.12
CA ILE E 264 -26.81 11.09 -7.87
C ILE E 264 -25.85 11.94 -8.70
N SER E 265 -26.38 12.95 -9.37
CA SER E 265 -25.59 13.73 -10.32
C SER E 265 -24.77 14.86 -9.68
N LYS E 266 -25.25 15.42 -8.57
CA LYS E 266 -24.62 16.59 -7.92
C LYS E 266 -24.81 16.46 -6.41
N VAL E 267 -24.37 15.35 -5.86
CA VAL E 267 -24.67 15.05 -4.50
C VAL E 267 -24.04 16.05 -3.49
N ASN E 268 -22.83 16.56 -3.78
CA ASN E 268 -22.17 17.53 -2.89
C ASN E 268 -22.97 18.79 -2.81
N GLU E 269 -23.53 19.24 -3.93
CA GLU E 269 -24.29 20.48 -3.97
C GLU E 269 -25.61 20.31 -3.21
N LEU E 270 -26.17 19.11 -3.27
CA LEU E 270 -27.37 18.81 -2.51
C LEU E 270 -27.11 18.79 -1.01
N ALA E 271 -26.02 18.14 -0.59
CA ALA E 271 -25.69 18.08 0.82
C ALA E 271 -25.45 19.49 1.41
N GLN E 272 -24.91 20.39 0.59
CA GLN E 272 -24.64 21.76 1.03
C GLN E 272 -25.96 22.46 1.30
N ILE E 273 -26.89 22.29 0.36
CA ILE E 273 -28.23 22.83 0.48
C ILE E 273 -28.93 22.27 1.73
N LEU E 274 -28.84 20.97 1.94
CA LEU E 274 -29.51 20.38 3.08
C LEU E 274 -28.85 20.87 4.38
N GLN E 275 -27.54 21.12 4.34
CA GLN E 275 -26.84 21.67 5.53
C GLN E 275 -27.38 23.07 5.87
N GLU E 276 -27.62 23.88 4.85
CA GLU E 276 -28.26 25.18 5.05
C GLU E 276 -29.63 25.05 5.68
N VAL E 277 -30.45 24.18 5.11
CA VAL E 277 -31.78 23.95 5.66
C VAL E 277 -31.69 23.50 7.13
N ALA E 278 -30.70 22.69 7.48
CA ALA E 278 -30.60 22.23 8.87
C ALA E 278 -30.10 23.36 9.78
N ASN E 279 -29.17 24.15 9.28
CA ASN E 279 -28.62 25.29 10.01
C ASN E 279 -29.63 26.45 10.13
N SER E 280 -30.72 26.41 9.36
CA SER E 280 -31.75 27.46 9.41
C SER E 280 -33.04 26.95 10.08
N ALA E 281 -33.71 25.98 9.44
CA ALA E 281 -35.00 25.45 9.90
C ALA E 281 -35.33 25.89 11.32
N GLY F 24 -6.16 -8.76 -37.13
CA GLY F 24 -6.95 -7.52 -37.00
C GLY F 24 -8.28 -7.67 -36.29
N PHE F 25 -8.58 -8.86 -35.76
CA PHE F 25 -9.81 -9.10 -34.99
C PHE F 25 -9.52 -9.80 -33.68
N MET F 26 -10.50 -9.76 -32.78
CA MET F 26 -10.37 -10.31 -31.43
C MET F 26 -11.75 -10.79 -31.02
N VAL F 27 -11.80 -11.64 -30.01
CA VAL F 27 -13.05 -12.07 -29.42
C VAL F 27 -13.77 -10.95 -28.70
N SER F 28 -15.04 -10.74 -29.04
CA SER F 28 -15.95 -9.94 -28.22
C SER F 28 -16.77 -10.85 -27.34
N ALA F 29 -16.34 -11.00 -26.08
CA ALA F 29 -16.92 -12.02 -25.20
C ALA F 29 -18.23 -11.58 -24.63
N HIS F 30 -19.01 -12.54 -24.20
CA HIS F 30 -20.20 -12.25 -23.43
C HIS F 30 -20.02 -12.80 -22.03
N PHE F 31 -19.91 -11.87 -21.08
CA PHE F 31 -19.70 -12.20 -19.68
C PHE F 31 -21.07 -12.24 -19.00
N ILE F 32 -21.33 -13.31 -18.28
CA ILE F 32 -22.45 -13.38 -17.40
C ILE F 32 -21.92 -13.29 -15.96
N LEU F 33 -22.48 -12.36 -15.22
CA LEU F 33 -21.94 -11.99 -13.89
C LEU F 33 -22.92 -12.42 -12.81
N ILE F 34 -22.44 -13.25 -11.88
CA ILE F 34 -23.28 -13.90 -10.88
C ILE F 34 -22.81 -13.50 -9.45
N HIS F 35 -23.73 -12.86 -8.76
CA HIS F 35 -23.56 -12.38 -7.37
C HIS F 35 -23.56 -13.53 -6.37
N THR F 36 -23.15 -13.23 -5.15
CA THR F 36 -23.15 -14.19 -4.06
C THR F 36 -24.46 -14.11 -3.27
N ILE F 37 -24.64 -15.01 -2.32
CA ILE F 37 -25.86 -14.98 -1.51
C ILE F 37 -25.99 -13.63 -0.79
N CYS F 38 -27.23 -13.17 -0.63
CA CYS F 38 -27.61 -11.90 0.02
C CYS F 38 -27.42 -10.69 -0.89
N HIS F 39 -26.72 -10.86 -2.02
CA HIS F 39 -26.51 -9.77 -2.91
C HIS F 39 -27.39 -9.97 -4.17
N GLY F 40 -27.09 -9.23 -5.23
CA GLY F 40 -27.95 -9.19 -6.43
C GLY F 40 -27.19 -8.62 -7.60
N ALA F 41 -27.85 -8.52 -8.75
CA ALA F 41 -27.27 -8.00 -10.00
C ALA F 41 -26.68 -6.57 -9.83
N TRP F 42 -27.36 -5.79 -9.01
CA TRP F 42 -26.94 -4.42 -8.69
C TRP F 42 -25.45 -4.29 -8.37
N LEU F 43 -24.87 -5.32 -7.76
CA LEU F 43 -23.47 -5.29 -7.32
C LEU F 43 -22.50 -5.05 -8.48
N TRP F 44 -22.92 -5.42 -9.69
CA TRP F 44 -22.05 -5.36 -10.83
C TRP F 44 -22.16 -4.04 -11.60
N TYR F 45 -22.76 -3.02 -10.98
CA TYR F 45 -23.06 -1.80 -11.71
C TYR F 45 -21.86 -1.06 -12.28
N LYS F 46 -20.72 -1.13 -11.60
CA LYS F 46 -19.51 -0.42 -12.05
C LYS F 46 -18.84 -1.16 -13.20
N LEU F 47 -18.95 -2.48 -13.18
CA LEU F 47 -18.17 -3.31 -14.09
C LEU F 47 -18.81 -3.34 -15.48
N ILE F 48 -20.14 -3.40 -15.52
CA ILE F 48 -20.82 -3.62 -16.82
C ILE F 48 -20.44 -2.58 -17.87
N PRO F 49 -20.55 -1.30 -17.56
CA PRO F 49 -20.23 -0.28 -18.54
C PRO F 49 -18.80 -0.35 -19.05
N LEU F 50 -17.87 -0.80 -18.23
CA LEU F 50 -16.48 -0.84 -18.65
C LEU F 50 -16.31 -1.95 -19.69
N LEU F 51 -16.92 -3.10 -19.44
CA LEU F 51 -16.79 -4.23 -20.37
C LEU F 51 -17.48 -3.86 -21.70
N GLN F 52 -18.61 -3.17 -21.63
CA GLN F 52 -19.36 -2.79 -22.83
C GLN F 52 -18.65 -1.70 -23.62
N SER F 53 -18.09 -0.73 -22.91
CA SER F 53 -17.31 0.34 -23.55
C SER F 53 -16.15 -0.23 -24.37
N ALA F 54 -15.48 -1.24 -23.81
CA ALA F 54 -14.35 -1.90 -24.46
C ALA F 54 -14.76 -2.76 -25.67
N GLY F 55 -16.06 -3.04 -25.80
CA GLY F 55 -16.59 -3.79 -27.00
C GLY F 55 -17.14 -5.18 -26.67
N HIS F 56 -17.09 -5.57 -25.40
CA HIS F 56 -17.62 -6.85 -24.95
C HIS F 56 -19.07 -6.69 -24.49
N ASN F 57 -19.73 -7.81 -24.22
CA ASN F 57 -21.07 -7.80 -23.64
C ASN F 57 -21.01 -8.29 -22.20
N ALA F 58 -21.90 -7.75 -21.37
CA ALA F 58 -21.94 -8.16 -19.99
C ALA F 58 -23.34 -8.09 -19.44
N THR F 59 -23.76 -9.19 -18.84
CA THR F 59 -25.10 -9.33 -18.29
C THR F 59 -24.99 -9.75 -16.83
N ALA F 60 -25.76 -9.08 -15.98
CA ALA F 60 -25.89 -9.53 -14.61
C ALA F 60 -27.34 -9.80 -14.35
N ILE F 61 -27.62 -10.86 -13.62
CA ILE F 61 -28.99 -11.17 -13.25
C ILE F 61 -29.12 -11.40 -11.75
N ASP F 62 -30.36 -11.29 -11.27
CA ASP F 62 -30.72 -11.75 -9.92
C ASP F 62 -31.00 -13.24 -9.91
N LEU F 63 -30.36 -13.96 -8.99
CA LEU F 63 -30.77 -15.29 -8.61
C LEU F 63 -32.04 -15.26 -7.77
N VAL F 64 -32.61 -16.43 -7.53
CA VAL F 64 -33.92 -16.48 -6.92
C VAL F 64 -33.81 -15.86 -5.51
N ALA F 65 -34.82 -15.06 -5.15
CA ALA F 65 -34.91 -14.47 -3.79
C ALA F 65 -33.71 -13.51 -3.51
N SER F 66 -33.12 -13.00 -4.59
CA SER F 66 -31.94 -12.11 -4.48
C SER F 66 -32.23 -10.83 -5.23
N GLY F 67 -31.59 -9.74 -4.82
CA GLY F 67 -31.79 -8.47 -5.50
C GLY F 67 -33.25 -8.04 -5.46
N ILE F 68 -33.83 -7.68 -6.59
CA ILE F 68 -35.25 -7.38 -6.59
C ILE F 68 -36.13 -8.56 -7.06
N ASP F 69 -35.59 -9.76 -7.08
CA ASP F 69 -36.39 -10.93 -7.45
C ASP F 69 -37.53 -11.05 -6.43
N PRO F 70 -38.76 -11.32 -6.92
CA PRO F 70 -39.94 -11.30 -6.03
C PRO F 70 -40.13 -12.53 -5.15
N ARG F 71 -39.37 -13.61 -5.36
CA ARG F 71 -39.47 -14.73 -4.45
C ARG F 71 -38.83 -14.43 -3.08
N GLN F 72 -39.34 -15.07 -2.06
CA GLN F 72 -38.72 -15.00 -0.75
C GLN F 72 -37.98 -16.30 -0.52
N LEU F 73 -36.92 -16.19 0.28
CA LEU F 73 -36.01 -17.28 0.50
C LEU F 73 -36.71 -18.57 0.94
N GLU F 74 -37.81 -18.43 1.68
CA GLU F 74 -38.46 -19.62 2.28
C GLU F 74 -39.09 -20.52 1.20
N GLN F 75 -39.30 -19.95 0.04
CA GLN F 75 -39.84 -20.67 -1.13
C GLN F 75 -38.84 -21.60 -1.79
N ILE F 76 -37.58 -21.56 -1.38
CA ILE F 76 -36.60 -22.47 -1.93
C ILE F 76 -35.72 -23.12 -0.88
N GLY F 77 -35.06 -24.19 -1.29
CA GLY F 77 -34.24 -24.98 -0.39
C GLY F 77 -33.05 -25.62 -1.03
N THR F 78 -32.89 -25.41 -2.35
CA THR F 78 -31.85 -26.08 -3.07
C THR F 78 -31.14 -25.17 -4.07
N TRP F 79 -29.93 -25.60 -4.42
CA TRP F 79 -29.07 -24.89 -5.35
C TRP F 79 -29.66 -24.91 -6.75
N GLU F 80 -30.27 -26.03 -7.11
CA GLU F 80 -31.00 -26.08 -8.36
C GLU F 80 -32.09 -25.05 -8.50
N GLN F 81 -32.89 -24.87 -7.45
CA GLN F 81 -33.89 -23.85 -7.52
C GLN F 81 -33.21 -22.46 -7.58
N TYR F 82 -32.27 -22.26 -6.65
CA TYR F 82 -31.63 -20.94 -6.46
C TYR F 82 -30.99 -20.49 -7.79
N SER F 83 -30.39 -21.45 -8.48
CA SER F 83 -29.66 -21.19 -9.72
C SER F 83 -30.52 -21.06 -10.98
N GLU F 84 -31.83 -21.24 -10.88
CA GLU F 84 -32.67 -21.34 -12.10
C GLU F 84 -32.48 -20.20 -13.11
N PRO F 85 -32.45 -18.92 -12.65
CA PRO F 85 -32.33 -17.83 -13.61
C PRO F 85 -31.05 -17.89 -14.43
N LEU F 86 -30.02 -18.47 -13.84
CA LEU F 86 -28.74 -18.60 -14.51
C LEU F 86 -28.84 -19.75 -15.53
N PHE F 87 -29.47 -20.87 -15.13
CA PHE F 87 -29.63 -22.05 -16.07
C PHE F 87 -30.50 -21.67 -17.28
N THR F 88 -31.59 -20.97 -17.02
CA THR F 88 -32.45 -20.47 -18.06
C THR F 88 -31.79 -19.50 -19.04
N LEU F 89 -30.97 -18.59 -18.53
CA LEU F 89 -30.21 -17.69 -19.39
C LEU F 89 -29.23 -18.45 -20.30
N ILE F 90 -28.50 -19.40 -19.71
CA ILE F 90 -27.54 -20.17 -20.44
C ILE F 90 -28.22 -21.00 -21.55
N GLU F 91 -29.38 -21.57 -21.23
CA GLU F 91 -30.17 -22.34 -22.21
C GLU F 91 -30.68 -21.48 -23.35
N SER F 92 -30.76 -20.17 -23.15
CA SER F 92 -31.20 -19.26 -24.22
C SER F 92 -30.07 -18.80 -25.14
N ILE F 93 -28.84 -19.14 -24.80
CA ILE F 93 -27.70 -18.83 -25.67
C ILE F 93 -27.79 -19.71 -26.91
N PRO F 94 -27.60 -19.10 -28.09
CA PRO F 94 -27.84 -19.86 -29.34
C PRO F 94 -26.88 -21.01 -29.50
N GLU F 95 -27.26 -21.99 -30.30
CA GLU F 95 -26.45 -23.17 -30.51
C GLU F 95 -25.11 -22.77 -31.11
N GLY F 96 -24.02 -23.35 -30.58
CA GLY F 96 -22.67 -23.07 -31.06
C GLY F 96 -21.99 -21.90 -30.36
N LYS F 97 -22.74 -21.16 -29.55
CA LYS F 97 -22.19 -19.97 -28.89
C LYS F 97 -21.90 -20.28 -27.45
N LYS F 98 -21.03 -19.47 -26.87
CA LYS F 98 -20.57 -19.72 -25.51
C LYS F 98 -20.46 -18.39 -24.76
N VAL F 99 -20.46 -18.53 -23.44
CA VAL F 99 -20.22 -17.39 -22.52
C VAL F 99 -19.05 -17.65 -21.58
N ILE F 100 -18.55 -16.55 -21.00
CA ILE F 100 -17.70 -16.56 -19.80
C ILE F 100 -18.53 -16.28 -18.54
N LEU F 101 -18.51 -17.20 -17.59
CA LEU F 101 -19.25 -17.06 -16.34
C LEU F 101 -18.31 -16.50 -15.31
N VAL F 102 -18.73 -15.43 -14.65
CA VAL F 102 -17.97 -14.81 -13.57
C VAL F 102 -18.77 -14.89 -12.27
N GLY F 103 -18.27 -15.66 -11.30
CA GLY F 103 -18.96 -15.80 -10.02
C GLY F 103 -18.15 -15.19 -8.87
N GLU F 104 -18.83 -14.38 -8.05
CA GLU F 104 -18.21 -13.76 -6.88
C GLU F 104 -18.63 -14.45 -5.61
N SER F 105 -17.65 -14.73 -4.78
CA SER F 105 -17.88 -15.31 -3.48
C SER F 105 -18.68 -16.60 -3.62
N GLY F 106 -19.84 -16.68 -2.98
CA GLY F 106 -20.69 -17.85 -3.07
C GLY F 106 -21.15 -18.18 -4.49
N GLY F 107 -21.14 -17.18 -5.37
CA GLY F 107 -21.52 -17.38 -6.79
C GLY F 107 -20.58 -18.28 -7.54
N GLY F 108 -19.41 -18.54 -6.95
CA GLY F 108 -18.54 -19.62 -7.44
C GLY F 108 -19.27 -20.95 -7.55
N ILE F 109 -20.16 -21.23 -6.60
CA ILE F 109 -20.88 -22.48 -6.59
C ILE F 109 -21.88 -22.50 -7.73
N ASN F 110 -22.54 -21.39 -7.98
CA ASN F 110 -23.50 -21.35 -9.06
C ASN F 110 -22.84 -21.58 -10.41
N ILE F 111 -21.67 -21.00 -10.65
CA ILE F 111 -21.06 -21.12 -11.97
C ILE F 111 -20.50 -22.52 -12.19
N ALA F 112 -20.05 -23.16 -11.12
CA ALA F 112 -19.60 -24.54 -11.22
C ALA F 112 -20.75 -25.46 -11.59
N LEU F 113 -21.90 -25.25 -10.96
CA LEU F 113 -23.12 -26.00 -11.23
C LEU F 113 -23.55 -25.79 -12.67
N ALA F 114 -23.46 -24.55 -13.15
CA ALA F 114 -23.88 -24.23 -14.50
C ALA F 114 -22.96 -24.89 -15.53
N ALA F 115 -21.67 -24.93 -15.20
CA ALA F 115 -20.67 -25.54 -16.06
C ALA F 115 -20.88 -27.05 -16.10
N GLU F 116 -21.28 -27.65 -14.99
CA GLU F 116 -21.46 -29.10 -14.95
C GLU F 116 -22.66 -29.51 -15.81
N LYS F 117 -23.70 -28.68 -15.78
CA LYS F 117 -24.95 -28.95 -16.45
C LYS F 117 -24.88 -28.64 -17.94
N TYR F 118 -24.17 -27.56 -18.28
CA TYR F 118 -24.06 -27.06 -19.65
C TYR F 118 -22.64 -26.76 -20.09
N PRO F 119 -21.76 -27.75 -20.01
CA PRO F 119 -20.37 -27.45 -20.31
C PRO F 119 -20.17 -26.95 -21.74
N GLU F 120 -21.09 -27.33 -22.62
CA GLU F 120 -20.96 -26.98 -24.02
C GLU F 120 -21.13 -25.48 -24.22
N LYS F 121 -21.70 -24.78 -23.22
CA LYS F 121 -22.09 -23.36 -23.39
C LYS F 121 -21.08 -22.39 -22.74
N VAL F 122 -20.09 -22.94 -22.07
CA VAL F 122 -19.22 -22.11 -21.21
C VAL F 122 -17.82 -22.21 -21.74
N SER F 123 -17.23 -21.07 -22.11
CA SER F 123 -15.85 -21.06 -22.57
C SER F 123 -14.86 -20.97 -21.43
N ALA F 124 -15.21 -20.26 -20.36
CA ALA F 124 -14.34 -20.14 -19.19
C ALA F 124 -15.12 -19.74 -17.96
N LEU F 125 -14.57 -20.15 -16.81
CA LEU F 125 -15.07 -19.79 -15.49
C LEU F 125 -14.09 -18.86 -14.79
N VAL F 126 -14.60 -17.71 -14.36
CA VAL F 126 -13.78 -16.77 -13.57
C VAL F 126 -14.33 -16.64 -12.17
N PHE F 127 -13.51 -17.10 -11.22
CA PHE F 127 -13.80 -17.01 -9.79
C PHE F 127 -13.26 -15.69 -9.22
N HIS F 128 -14.12 -14.95 -8.54
CA HIS F 128 -13.79 -13.60 -8.04
C HIS F 128 -13.92 -13.63 -6.53
N ASN F 129 -12.80 -13.79 -5.84
CA ASN F 129 -12.81 -14.13 -4.40
C ASN F 129 -13.91 -15.13 -4.11
N ALA F 130 -13.90 -16.23 -4.84
CA ALA F 130 -15.09 -17.10 -4.93
C ALA F 130 -14.73 -18.51 -4.51
N LEU F 131 -15.74 -19.20 -4.00
CA LEU F 131 -15.63 -20.60 -3.67
C LEU F 131 -15.50 -21.40 -4.98
N MET F 132 -14.44 -22.19 -5.06
CA MET F 132 -14.07 -22.93 -6.26
C MET F 132 -14.03 -24.44 -5.93
N PRO F 133 -15.14 -25.14 -6.19
CA PRO F 133 -15.21 -26.57 -5.88
C PRO F 133 -14.23 -27.42 -6.69
N ASP F 134 -14.11 -28.69 -6.29
CA ASP F 134 -13.28 -29.64 -7.02
C ASP F 134 -14.14 -30.83 -7.50
N ILE F 135 -13.49 -31.89 -7.98
CA ILE F 135 -14.27 -33.05 -8.45
C ILE F 135 -14.14 -34.27 -7.54
N ASP F 136 -13.12 -34.28 -6.67
CA ASP F 136 -12.86 -35.42 -5.80
C ASP F 136 -13.66 -35.40 -4.51
N HIS F 137 -14.25 -34.25 -4.18
CA HIS F 137 -14.94 -34.13 -2.90
C HIS F 137 -16.36 -33.67 -3.13
N SER F 138 -17.19 -33.78 -2.08
CA SER F 138 -18.56 -33.31 -2.14
C SER F 138 -18.53 -31.86 -2.68
N PRO F 139 -19.59 -31.44 -3.37
CA PRO F 139 -19.65 -30.02 -3.78
C PRO F 139 -19.50 -29.00 -2.62
N ALA F 140 -19.73 -29.45 -1.39
CA ALA F 140 -19.77 -28.56 -0.23
C ALA F 140 -18.38 -28.39 0.38
N PHE F 141 -17.40 -29.15 -0.13
CA PHE F 141 -16.10 -29.27 0.51
C PHE F 141 -15.44 -27.92 0.79
N VAL F 142 -15.36 -27.07 -0.22
CA VAL F 142 -14.74 -25.75 -0.02
C VAL F 142 -15.59 -24.82 0.83
N TYR F 143 -16.89 -24.99 0.83
CA TYR F 143 -17.71 -24.21 1.74
C TYR F 143 -17.56 -24.64 3.21
N LYS F 144 -17.44 -25.93 3.44
CA LYS F 144 -17.20 -26.43 4.78
C LYS F 144 -15.86 -25.92 5.30
N LYS F 145 -14.85 -25.86 4.42
CA LYS F 145 -13.53 -25.37 4.81
C LYS F 145 -13.59 -23.89 5.19
N PHE F 146 -14.25 -23.11 4.35
CA PHE F 146 -14.49 -21.69 4.65
C PHE F 146 -15.12 -21.51 6.03
N SER F 147 -16.18 -22.27 6.29
CA SER F 147 -16.97 -22.16 7.51
C SER F 147 -16.16 -22.55 8.74
N GLU F 148 -15.21 -23.46 8.53
CA GLU F 148 -14.36 -23.93 9.61
C GLU F 148 -13.39 -22.81 9.98
N VAL F 149 -12.94 -22.09 8.96
CA VAL F 149 -11.79 -21.23 9.03
C VAL F 149 -12.19 -19.75 9.25
N PHE F 150 -13.46 -19.40 9.05
CA PHE F 150 -13.94 -18.05 9.31
C PHE F 150 -15.21 -18.12 10.12
N THR F 151 -15.18 -17.55 11.33
CA THR F 151 -16.35 -17.51 12.20
C THR F 151 -16.58 -16.12 12.81
N ASP F 152 -15.89 -15.12 12.27
CA ASP F 152 -15.94 -13.75 12.78
C ASP F 152 -17.10 -12.96 12.15
N TRP F 153 -18.33 -13.34 12.52
CA TRP F 153 -19.56 -12.86 11.87
C TRP F 153 -20.18 -11.61 12.52
N LYS F 154 -19.56 -11.16 13.60
CA LYS F 154 -19.92 -9.89 14.23
C LYS F 154 -21.43 -9.72 14.38
N ASP F 155 -22.00 -8.69 13.75
CA ASP F 155 -23.43 -8.40 13.87
C ASP F 155 -24.33 -9.04 12.80
N SER F 156 -23.79 -10.00 12.04
CA SER F 156 -24.62 -10.80 11.15
C SER F 156 -25.44 -11.78 11.95
N ILE F 157 -26.64 -12.06 11.46
CA ILE F 157 -27.65 -12.80 12.19
C ILE F 157 -28.02 -14.08 11.45
N PHE F 158 -27.94 -15.21 12.15
CA PHE F 158 -28.38 -16.49 11.61
C PHE F 158 -29.76 -16.89 12.05
N SER F 159 -30.43 -17.56 11.13
CA SER F 159 -31.78 -18.01 11.34
C SER F 159 -32.00 -19.38 10.68
N ASN F 160 -33.16 -19.96 10.93
CA ASN F 160 -33.56 -21.05 10.09
C ASN F 160 -35.03 -21.19 9.79
N TYR F 161 -35.26 -21.92 8.70
CA TYR F 161 -36.60 -22.25 8.26
C TYR F 161 -36.54 -23.68 7.75
N THR F 162 -37.71 -24.25 7.58
CA THR F 162 -37.80 -25.63 7.14
C THR F 162 -38.24 -25.65 5.68
N TYR F 163 -37.57 -26.46 4.89
CA TYR F 163 -37.97 -26.65 3.52
C TYR F 163 -38.05 -28.16 3.33
N GLY F 164 -39.26 -28.65 3.10
CA GLY F 164 -39.49 -30.10 3.00
C GLY F 164 -38.89 -30.84 4.17
N ASN F 165 -37.91 -31.69 3.92
CA ASN F 165 -37.24 -32.46 4.97
C ASN F 165 -36.23 -31.61 5.76
N ASP F 166 -35.56 -30.69 5.07
CA ASP F 166 -34.41 -29.97 5.62
C ASP F 166 -34.83 -28.81 6.54
N THR F 167 -34.00 -28.51 7.54
CA THR F 167 -33.94 -27.15 8.02
C THR F 167 -32.77 -26.42 7.38
N VAL F 168 -33.08 -25.25 6.86
CA VAL F 168 -32.11 -24.46 6.11
C VAL F 168 -31.57 -23.39 7.06
N THR F 169 -30.27 -23.12 7.02
CA THR F 169 -29.70 -22.02 7.82
C THR F 169 -29.49 -20.82 6.92
N ALA F 170 -30.08 -19.71 7.32
CA ALA F 170 -29.98 -18.45 6.60
C ALA F 170 -29.16 -17.41 7.38
N VAL F 171 -28.66 -16.39 6.66
CA VAL F 171 -27.90 -15.30 7.25
C VAL F 171 -28.42 -13.96 6.74
N GLU F 172 -28.40 -12.98 7.62
CA GLU F 172 -28.68 -11.62 7.26
C GLU F 172 -27.46 -10.81 7.69
N LEU F 173 -26.81 -10.21 6.71
CA LEU F 173 -25.49 -9.62 6.90
C LEU F 173 -25.57 -8.30 7.69
N GLY F 174 -24.72 -8.20 8.70
CA GLY F 174 -24.71 -7.03 9.59
C GLY F 174 -23.93 -5.86 9.02
N ASP F 175 -24.21 -4.67 9.54
CA ASP F 175 -23.51 -3.46 9.12
C ASP F 175 -22.01 -3.58 9.29
N ARG F 176 -21.56 -4.13 10.42
CA ARG F 176 -20.12 -4.23 10.63
C ARG F 176 -19.50 -5.26 9.69
N THR F 177 -20.16 -6.41 9.54
CA THR F 177 -19.72 -7.40 8.56
C THR F 177 -19.53 -6.74 7.21
N LEU F 178 -20.52 -5.98 6.74
CA LEU F 178 -20.40 -5.34 5.42
C LEU F 178 -19.24 -4.34 5.36
N ALA F 179 -19.13 -3.47 6.36
CA ALA F 179 -18.09 -2.44 6.35
C ALA F 179 -16.70 -2.97 6.60
N GLU F 180 -16.57 -3.94 7.50
CA GLU F 180 -15.26 -4.33 8.00
C GLU F 180 -14.72 -5.57 7.37
N ASN F 181 -15.61 -6.45 6.90
CA ASN F 181 -15.14 -7.69 6.32
C ASN F 181 -15.37 -7.86 4.80
N ILE F 182 -16.42 -7.28 4.27
CA ILE F 182 -16.82 -7.53 2.89
C ILE F 182 -16.42 -6.36 1.99
N PHE F 183 -16.93 -5.17 2.31
CA PHE F 183 -16.63 -3.94 1.56
C PHE F 183 -15.52 -3.13 2.26
N SER F 184 -14.49 -3.83 2.69
CA SER F 184 -13.53 -3.27 3.64
C SER F 184 -12.59 -2.23 3.02
N ASN F 185 -12.45 -2.20 1.70
CA ASN F 185 -11.68 -1.17 1.05
C ASN F 185 -12.49 -0.55 -0.09
N SER F 186 -13.79 -0.40 0.12
CA SER F 186 -14.66 0.18 -0.89
C SER F 186 -15.11 1.55 -0.42
N PRO F 187 -15.56 2.37 -1.35
CA PRO F 187 -16.14 3.65 -0.96
C PRO F 187 -17.30 3.54 0.04
N ILE F 188 -17.36 4.46 1.02
CA ILE F 188 -18.38 4.30 2.05
C ILE F 188 -19.72 4.29 1.38
N GLU F 189 -19.91 5.02 0.29
CA GLU F 189 -21.23 5.01 -0.35
C GLU F 189 -21.64 3.63 -0.90
N ASP F 190 -20.68 2.80 -1.21
CA ASP F 190 -20.97 1.44 -1.62
C ASP F 190 -21.36 0.57 -0.44
N VAL F 191 -20.83 0.91 0.73
CA VAL F 191 -21.24 0.20 1.94
C VAL F 191 -22.66 0.58 2.21
N GLU F 192 -22.99 1.85 2.04
CA GLU F 192 -24.35 2.30 2.28
C GLU F 192 -25.34 1.67 1.26
N LEU F 193 -24.93 1.63 0.01
CA LEU F 193 -25.73 0.95 -1.03
C LEU F 193 -26.03 -0.46 -0.62
N ALA F 194 -25.02 -1.23 -0.24
CA ALA F 194 -25.25 -2.60 0.15
C ALA F 194 -26.19 -2.72 1.34
N LYS F 195 -26.01 -1.86 2.35
CA LYS F 195 -26.87 -1.87 3.52
C LYS F 195 -28.36 -1.77 3.16
N HIS F 196 -28.68 -1.02 2.10
CA HIS F 196 -30.06 -0.86 1.68
C HIS F 196 -30.55 -1.90 0.67
N LEU F 197 -29.69 -2.86 0.34
CA LEU F 197 -30.04 -3.86 -0.69
C LEU F 197 -29.81 -5.31 -0.30
N VAL F 198 -28.94 -5.60 0.67
CA VAL F 198 -28.70 -7.00 1.00
C VAL F 198 -29.97 -7.66 1.60
N ARG F 199 -30.13 -8.96 1.31
CA ARG F 199 -31.32 -9.71 1.72
C ARG F 199 -30.87 -10.98 2.40
N LYS F 200 -31.80 -11.61 3.11
CA LYS F 200 -31.52 -12.87 3.73
C LYS F 200 -31.14 -13.91 2.67
N GLY F 201 -30.13 -14.73 2.96
CA GLY F 201 -29.57 -15.64 1.98
C GLY F 201 -29.17 -16.90 2.67
N SER F 202 -28.95 -17.97 1.90
CA SER F 202 -28.49 -19.25 2.42
C SER F 202 -27.54 -19.93 1.46
N PHE F 203 -26.60 -20.69 2.02
CA PHE F 203 -25.80 -21.63 1.25
C PHE F 203 -26.41 -23.02 1.11
N PHE F 204 -27.62 -23.23 1.63
CA PHE F 204 -28.31 -24.54 1.48
C PHE F 204 -27.36 -25.72 1.69
N GLU F 205 -26.60 -25.70 2.77
CA GLU F 205 -25.53 -26.69 2.93
C GLU F 205 -26.01 -28.16 2.86
N GLN F 206 -27.21 -28.45 3.34
CA GLN F 206 -27.66 -29.85 3.39
C GLN F 206 -27.94 -30.36 1.98
N ASP F 207 -28.46 -29.48 1.14
CA ASP F 207 -28.55 -29.78 -0.27
C ASP F 207 -27.17 -29.94 -0.90
N LEU F 208 -26.36 -28.89 -0.81
CA LEU F 208 -25.04 -28.91 -1.44
C LEU F 208 -24.29 -30.19 -1.15
N ASP F 209 -24.31 -30.60 0.12
CA ASP F 209 -23.41 -31.63 0.61
C ASP F 209 -23.91 -33.03 0.21
N THR F 210 -25.10 -33.06 -0.34
CA THR F 210 -25.78 -34.28 -0.69
C THR F 210 -25.78 -34.45 -2.22
N LEU F 211 -25.29 -33.44 -2.92
CA LEU F 211 -25.31 -33.45 -4.36
C LEU F 211 -24.19 -34.36 -4.88
N PRO F 212 -24.41 -35.01 -6.04
CA PRO F 212 -23.27 -35.80 -6.53
C PRO F 212 -22.09 -34.90 -6.86
N ASN F 213 -20.89 -35.43 -6.69
CA ASN F 213 -19.69 -34.74 -7.11
C ASN F 213 -19.74 -34.15 -8.51
N PHE F 214 -19.05 -33.02 -8.67
CA PHE F 214 -18.72 -32.51 -9.98
C PHE F 214 -17.86 -33.55 -10.72
N THR F 215 -17.91 -33.51 -12.05
CA THR F 215 -17.19 -34.48 -12.87
C THR F 215 -16.11 -33.85 -13.72
N SER F 216 -15.12 -34.68 -14.09
CA SER F 216 -14.10 -34.31 -15.06
C SER F 216 -14.66 -33.79 -16.36
N GLU F 217 -15.74 -34.42 -16.85
CA GLU F 217 -16.29 -34.10 -18.16
C GLU F 217 -17.29 -32.94 -18.14
N GLY F 218 -17.76 -32.56 -16.95
CA GLY F 218 -18.60 -31.38 -16.87
C GLY F 218 -17.78 -30.18 -16.44
N TYR F 219 -17.93 -29.81 -15.17
CA TYR F 219 -17.23 -28.67 -14.58
C TYR F 219 -15.71 -28.79 -14.71
N GLY F 220 -15.20 -30.02 -14.57
CA GLY F 220 -13.76 -30.28 -14.65
C GLY F 220 -13.13 -30.13 -16.03
N SER F 221 -13.97 -29.92 -17.05
CA SER F 221 -13.53 -29.77 -18.44
C SER F 221 -13.33 -28.32 -18.88
N ILE F 222 -13.68 -27.36 -18.03
CA ILE F 222 -13.76 -25.94 -18.44
C ILE F 222 -12.56 -25.17 -17.90
N ARG F 223 -11.97 -24.29 -18.71
CA ARG F 223 -10.90 -23.38 -18.25
C ARG F 223 -11.38 -22.62 -17.01
N ARG F 224 -10.55 -22.59 -15.96
CA ARG F 224 -10.90 -21.96 -14.68
C ARG F 224 -9.83 -20.94 -14.38
N VAL F 225 -10.27 -19.72 -14.08
CA VAL F 225 -9.38 -18.64 -13.69
C VAL F 225 -9.75 -18.16 -12.30
N TYR F 226 -8.75 -18.03 -11.43
CA TYR F 226 -8.97 -17.72 -10.00
C TYR F 226 -8.38 -16.36 -9.69
N VAL F 227 -9.25 -15.40 -9.37
CA VAL F 227 -8.89 -14.00 -9.11
C VAL F 227 -9.15 -13.72 -7.62
N TYR F 228 -8.17 -13.13 -6.92
CA TYR F 228 -8.40 -12.74 -5.53
C TYR F 228 -7.85 -11.37 -5.22
N GLY F 229 -8.49 -10.72 -4.25
CA GLY F 229 -8.10 -9.41 -3.78
C GLY F 229 -7.02 -9.52 -2.71
N GLU F 230 -5.98 -8.70 -2.86
CA GLU F 230 -4.85 -8.68 -1.93
C GLU F 230 -5.30 -8.45 -0.49
N GLU F 231 -6.38 -7.72 -0.30
CA GLU F 231 -6.82 -7.27 1.04
C GLU F 231 -8.21 -7.79 1.41
N ASP F 232 -8.54 -8.99 0.97
CA ASP F 232 -9.84 -9.57 1.27
C ASP F 232 -9.92 -9.86 2.77
N GLN F 233 -10.92 -9.29 3.44
CA GLN F 233 -11.02 -9.42 4.90
C GLN F 233 -12.07 -10.45 5.32
N ILE F 234 -12.51 -11.30 4.38
CA ILE F 234 -13.36 -12.42 4.75
C ILE F 234 -12.84 -13.78 4.23
N PHE F 235 -12.44 -13.83 2.96
CA PHE F 235 -11.68 -14.96 2.41
C PHE F 235 -10.21 -14.63 2.53
N SER F 236 -9.58 -15.16 3.59
CA SER F 236 -8.17 -14.87 3.89
C SER F 236 -7.26 -15.32 2.76
N ARG F 237 -6.07 -14.74 2.70
CA ARG F 237 -5.06 -15.18 1.77
C ARG F 237 -4.83 -16.68 1.88
N ASP F 238 -4.66 -17.17 3.10
CA ASP F 238 -4.37 -18.60 3.30
C ASP F 238 -5.53 -19.49 2.84
N PHE F 239 -6.77 -19.04 3.07
CA PHE F 239 -7.91 -19.83 2.56
C PHE F 239 -7.91 -19.83 1.01
N GLN F 240 -7.60 -18.70 0.40
CA GLN F 240 -7.69 -18.65 -1.04
C GLN F 240 -6.53 -19.37 -1.69
N LEU F 241 -5.37 -19.32 -1.06
CA LEU F 241 -4.25 -20.15 -1.53
C LEU F 241 -4.54 -21.64 -1.32
N TRP F 242 -5.34 -21.93 -0.29
CA TRP F 242 -5.73 -23.31 -0.03
C TRP F 242 -6.62 -23.86 -1.16
N GLN F 243 -7.60 -23.05 -1.56
CA GLN F 243 -8.48 -23.37 -2.69
C GLN F 243 -7.69 -23.55 -3.98
N ILE F 244 -6.79 -22.62 -4.26
CA ILE F 244 -5.97 -22.72 -5.46
C ILE F 244 -5.17 -24.04 -5.46
N ASN F 245 -4.58 -24.36 -4.30
CA ASN F 245 -3.74 -25.54 -4.20
C ASN F 245 -4.59 -26.80 -4.21
N ASN F 246 -5.79 -26.71 -3.68
CA ASN F 246 -6.72 -27.81 -3.70
C ASN F 246 -7.14 -28.33 -5.08
N TYR F 247 -7.33 -27.42 -6.04
CA TYR F 247 -7.77 -27.83 -7.37
C TYR F 247 -7.25 -26.84 -8.38
N LYS F 248 -6.04 -27.08 -8.86
CA LYS F 248 -5.23 -26.03 -9.44
C LYS F 248 -5.97 -25.47 -10.67
N PRO F 249 -6.07 -24.14 -10.75
CA PRO F 249 -6.73 -23.57 -11.94
C PRO F 249 -5.76 -23.40 -13.08
N ASP F 250 -6.28 -22.88 -14.19
CA ASP F 250 -5.46 -22.60 -15.36
C ASP F 250 -4.72 -21.28 -15.22
N LYS F 251 -5.22 -20.37 -14.40
CA LYS F 251 -4.54 -19.08 -14.24
C LYS F 251 -5.01 -18.47 -12.93
N VAL F 252 -4.11 -17.73 -12.28
CA VAL F 252 -4.38 -17.04 -11.01
C VAL F 252 -4.03 -15.56 -11.16
N TYR F 253 -4.92 -14.69 -10.68
CA TYR F 253 -4.63 -13.25 -10.59
C TYR F 253 -4.80 -12.76 -9.14
N CYS F 254 -3.97 -11.81 -8.75
CA CYS F 254 -4.12 -11.13 -7.46
C CYS F 254 -4.20 -9.65 -7.75
N VAL F 255 -5.24 -9.01 -7.22
CA VAL F 255 -5.45 -7.59 -7.46
C VAL F 255 -4.98 -6.76 -6.26
N PRO F 256 -3.99 -5.88 -6.50
CA PRO F 256 -3.45 -5.11 -5.39
C PRO F 256 -4.51 -4.25 -4.73
N SER F 257 -4.55 -4.32 -3.40
CA SER F 257 -5.35 -3.39 -2.57
C SER F 257 -6.85 -3.67 -2.67
N ALA F 258 -7.26 -4.75 -3.34
CA ALA F 258 -8.69 -5.00 -3.48
C ALA F 258 -9.21 -5.71 -2.26
N ASP F 259 -10.45 -5.38 -1.89
CA ASP F 259 -11.16 -6.13 -0.87
C ASP F 259 -11.94 -7.31 -1.46
N HIS F 260 -12.87 -7.85 -0.71
CA HIS F 260 -13.64 -9.01 -1.16
C HIS F 260 -14.52 -8.70 -2.38
N LYS F 261 -14.92 -7.44 -2.50
CA LYS F 261 -15.73 -6.94 -3.62
C LYS F 261 -14.85 -6.19 -4.64
N ILE F 262 -14.06 -6.96 -5.39
CA ILE F 262 -13.17 -6.35 -6.37
C ILE F 262 -13.93 -5.48 -7.37
N GLN F 263 -15.13 -5.92 -7.76
CA GLN F 263 -15.96 -5.21 -8.74
C GLN F 263 -16.43 -3.87 -8.20
N ILE F 264 -16.31 -3.71 -6.89
CA ILE F 264 -16.58 -2.40 -6.25
C ILE F 264 -15.33 -1.59 -5.94
N SER F 265 -14.29 -2.25 -5.43
CA SER F 265 -13.14 -1.51 -4.88
C SER F 265 -12.04 -1.23 -5.89
N LYS F 266 -11.89 -2.15 -6.87
CA LYS F 266 -10.85 -2.08 -7.91
C LYS F 266 -11.44 -2.55 -9.26
N VAL F 267 -12.49 -1.88 -9.70
CA VAL F 267 -13.26 -2.34 -10.88
C VAL F 267 -12.43 -2.21 -12.15
N ASN F 268 -11.58 -1.18 -12.22
CA ASN F 268 -10.75 -0.96 -13.42
C ASN F 268 -9.79 -2.11 -13.65
N GLU F 269 -9.21 -2.58 -12.55
CA GLU F 269 -8.31 -3.71 -12.59
C GLU F 269 -9.06 -5.01 -12.90
N LEU F 270 -10.22 -5.18 -12.29
CA LEU F 270 -11.07 -6.36 -12.61
C LEU F 270 -11.44 -6.44 -14.09
N ALA F 271 -11.84 -5.31 -14.67
CA ALA F 271 -12.20 -5.25 -16.08
C ALA F 271 -11.02 -5.63 -16.96
N GLN F 272 -9.82 -5.17 -16.61
CA GLN F 272 -8.59 -5.60 -17.30
C GLN F 272 -8.39 -7.10 -17.28
N ILE F 273 -8.53 -7.71 -16.11
CA ILE F 273 -8.36 -9.12 -16.01
C ILE F 273 -9.38 -9.89 -16.89
N LEU F 274 -10.64 -9.49 -16.80
CA LEU F 274 -11.68 -10.16 -17.56
C LEU F 274 -11.44 -10.05 -19.07
N GLN F 275 -10.95 -8.91 -19.53
CA GLN F 275 -10.60 -8.74 -20.92
C GLN F 275 -9.42 -9.59 -21.32
N GLU F 276 -8.45 -9.74 -20.41
CA GLU F 276 -7.34 -10.65 -20.67
C GLU F 276 -7.78 -12.13 -20.75
N VAL F 277 -8.77 -12.49 -19.95
CA VAL F 277 -9.33 -13.84 -20.01
C VAL F 277 -10.01 -14.07 -21.35
N ALA F 278 -10.75 -13.09 -21.84
CA ALA F 278 -11.43 -13.22 -23.14
C ALA F 278 -10.41 -13.39 -24.28
N ASN F 279 -9.24 -12.77 -24.13
CA ASN F 279 -8.18 -12.82 -25.14
C ASN F 279 -7.20 -13.99 -24.87
N SER F 280 -7.38 -15.12 -25.57
CA SER F 280 -6.50 -16.29 -25.39
C SER F 280 -4.99 -16.05 -25.64
N ALA F 281 -4.67 -15.01 -26.41
CA ALA F 281 -3.29 -14.70 -26.83
C ALA F 281 -2.48 -13.94 -25.77
N SER F 282 -3.07 -13.72 -24.58
CA SER F 282 -2.39 -12.97 -23.50
C SER F 282 -2.73 -13.47 -22.09
N ASP F 283 -1.69 -13.53 -21.25
CA ASP F 283 -1.87 -13.68 -19.80
C ASP F 283 -0.88 -12.76 -19.09
N LEU F 284 -0.67 -11.57 -19.68
CA LEU F 284 0.23 -10.52 -19.15
C LEU F 284 0.09 -10.20 -17.64
N LEU F 285 -1.14 -10.05 -17.14
CA LEU F 285 -1.34 -9.57 -15.75
C LEU F 285 -1.37 -10.70 -14.75
N ALA F 286 -1.33 -11.93 -15.25
CA ALA F 286 -1.51 -13.11 -14.40
C ALA F 286 -0.27 -13.28 -13.49
N VAL F 287 -0.48 -13.76 -12.26
CA VAL F 287 0.66 -14.30 -11.49
C VAL F 287 1.17 -15.54 -12.24
N ALA F 288 0.21 -16.32 -12.75
CA ALA F 288 0.26 -17.01 -14.05
C ALA F 288 -0.32 -18.38 -13.80
C1 CIT G . -4.62 4.80 -12.70
O1 CIT G . -5.66 5.47 -12.57
O2 CIT G . -4.29 4.27 -13.78
C2 CIT G . -3.92 4.32 -11.45
C3 CIT G . -3.25 5.49 -10.75
O7 CIT G . -2.50 6.22 -11.68
C4 CIT G . -2.48 5.12 -9.49
C5 CIT G . -1.09 4.70 -9.87
O3 CIT G . -0.14 5.55 -9.86
O4 CIT G . -0.98 3.52 -10.29
C6 CIT G . -4.31 6.42 -10.20
O5 CIT G . -4.13 7.65 -10.21
O6 CIT G . -5.22 5.95 -9.51
C1 EDO H . 6.75 20.42 -23.13
O1 EDO H . 5.32 20.61 -23.01
C2 EDO H . 7.16 20.08 -24.57
O2 EDO H . 6.38 18.98 -25.06
C1 EDO I . -5.80 30.62 -23.62
O1 EDO I . -5.27 31.30 -22.48
C2 EDO I . -6.81 31.54 -24.31
O2 EDO I . -7.95 31.74 -23.47
C1 EDO J . 25.70 25.85 -34.12
O1 EDO J . 25.08 25.09 -35.17
C2 EDO J . 25.79 27.30 -34.52
O2 EDO J . 26.53 27.37 -35.74
C1 EDO K . 9.59 25.52 -26.33
O1 EDO K . 8.18 25.25 -26.42
C2 EDO K . 10.31 25.23 -27.66
O2 EDO K . 11.17 26.29 -28.09
S SO4 L . -2.29 32.12 -40.74
O1 SO4 L . -3.43 32.95 -40.31
O2 SO4 L . -1.16 32.98 -41.11
O3 SO4 L . -1.90 31.27 -39.60
O4 SO4 L . -2.72 31.37 -41.90
S SO4 M . 11.60 31.03 -12.17
O1 SO4 M . 11.99 32.15 -11.28
O2 SO4 M . 11.03 31.58 -13.42
O3 SO4 M . 12.80 30.23 -12.48
O4 SO4 M . 10.55 30.22 -11.49
S SO4 N . -5.55 11.58 -7.66
O1 SO4 N . -5.37 13.05 -7.64
O2 SO4 N . -6.89 11.20 -8.17
O3 SO4 N . -5.43 11.08 -6.27
O4 SO4 N . -4.51 10.98 -8.53
CL CL O . 5.44 17.35 -22.27
C1 CIT P . 5.33 -2.99 -6.56
O1 CIT P . 5.02 -1.82 -6.23
O2 CIT P . 5.54 -3.39 -7.76
C2 CIT P . 5.30 -4.00 -5.43
C3 CIT P . 6.62 -4.26 -4.69
O7 CIT P . 7.79 -4.21 -5.45
C4 CIT P . 6.93 -3.27 -3.58
C5 CIT P . 8.31 -3.59 -3.01
O3 CIT P . 9.18 -2.70 -2.95
O4 CIT P . 8.52 -4.66 -2.40
C6 CIT P . 6.46 -5.68 -4.21
O5 CIT P . 6.89 -6.61 -4.94
O6 CIT P . 5.76 -5.85 -3.19
C1 EDO Q . 24.53 -9.00 -17.45
O1 EDO Q . 24.72 -9.96 -18.49
C2 EDO Q . 23.87 -7.72 -17.96
O2 EDO Q . 22.85 -8.00 -18.94
C1 EDO R . 21.83 7.06 -28.26
O1 EDO R . 23.16 7.56 -28.41
C2 EDO R . 21.07 8.21 -27.69
O2 EDO R . 21.52 9.37 -28.36
C1 EDO S . 41.96 -4.28 -13.46
O1 EDO S . 43.23 -3.99 -14.05
C2 EDO S . 42.03 -3.80 -12.02
O2 EDO S . 42.66 -2.52 -12.04
C1 EDO T . 26.92 -12.01 -22.80
O1 EDO T . 27.05 -11.73 -21.40
C2 EDO T . 27.48 -10.87 -23.64
O2 EDO T . 28.66 -11.23 -24.36
S SO4 U . 43.24 -16.99 -13.97
O1 SO4 U . 41.91 -16.39 -14.12
O2 SO4 U . 43.82 -17.30 -15.29
O3 SO4 U . 44.18 -16.11 -13.24
O4 SO4 U . 43.04 -18.25 -13.22
S SO4 V . 15.24 -20.90 -27.66
O1 SO4 V . 14.91 -22.05 -28.52
O2 SO4 V . 14.96 -19.67 -28.43
O3 SO4 V . 16.64 -20.98 -27.23
O4 SO4 V . 14.44 -21.00 -26.41
S SO4 W . 26.06 -7.09 10.97
O1 SO4 W . 24.81 -7.58 10.37
O2 SO4 W . 26.64 -5.94 10.20
O3 SO4 W . 27.06 -8.18 10.98
O4 SO4 W . 25.75 -6.67 12.36
S SO4 X . 28.51 11.66 3.56
O1 SO4 X . 27.28 11.76 2.75
O2 SO4 X . 29.64 12.35 2.88
O3 SO4 X . 28.24 12.35 4.86
O4 SO4 X . 28.87 10.21 3.76
S SO4 Y . 36.50 -22.90 -9.28
O1 SO4 Y . 37.33 -21.82 -8.70
O2 SO4 Y . 35.90 -22.48 -10.57
O3 SO4 Y . 35.43 -23.28 -8.32
O4 SO4 Y . 37.36 -24.08 -9.52
CL CL Z . 20.69 -7.67 -16.57
C1 CIT AA . 2.59 10.02 33.74
O1 CIT AA . 3.08 10.08 32.59
O2 CIT AA . 2.79 10.93 34.59
C2 CIT AA . 1.62 8.90 34.07
C3 CIT AA . 2.19 8.10 35.21
O7 CIT AA . 3.59 8.10 35.03
C4 CIT AA . 1.60 6.77 35.59
C5 CIT AA . 2.04 5.66 34.70
O3 CIT AA . 1.34 5.48 33.66
O4 CIT AA . 3.03 4.96 35.07
C6 CIT AA . 1.95 8.87 36.48
O5 CIT AA . 0.82 9.39 36.63
O6 CIT AA . 2.82 8.80 37.38
C1 EDO BA . 24.51 6.90 37.95
O1 EDO BA . 24.09 5.88 37.02
C2 EDO BA . 25.15 8.01 37.12
O2 EDO BA . 24.60 7.83 35.81
C1 EDO CA . 30.61 5.52 39.17
O1 EDO CA . 31.86 5.76 38.51
C2 EDO CA . 29.47 6.30 38.49
O2 EDO CA . 29.17 7.47 39.26
S SO4 DA . 39.12 23.41 37.79
O1 SO4 DA . 38.73 24.35 38.86
O2 SO4 DA . 39.29 24.17 36.52
O3 SO4 DA . 40.41 22.75 38.09
O4 SO4 DA . 38.06 22.37 37.70
S SO4 EA . 24.87 -0.87 52.11
O1 SO4 EA . 23.55 -0.18 52.19
O2 SO4 EA . 25.93 0.13 51.95
O3 SO4 EA . 25.07 -1.63 53.36
O4 SO4 EA . 24.92 -1.81 50.96
S SO4 FA . 12.66 21.06 12.54
O1 SO4 FA . 11.60 21.76 11.76
O2 SO4 FA . 13.68 20.53 11.59
O3 SO4 FA . 13.31 22.00 13.48
O4 SO4 FA . 11.99 19.97 13.30
CL CL GA . 20.98 6.71 36.24
C1 CIT HA . -2.63 -2.51 29.66
O1 CIT HA . -2.09 -2.14 28.58
O2 CIT HA . -2.01 -2.52 30.74
C2 CIT HA . -4.12 -2.84 29.72
C3 CIT HA . -4.42 -4.32 29.95
O7 CIT HA . -5.76 -4.64 29.58
C4 CIT HA . -3.83 -5.05 31.20
C5 CIT HA . -3.74 -6.57 31.13
O3 CIT HA . -4.66 -7.20 30.57
O4 CIT HA . -2.78 -7.19 31.66
C6 CIT HA . -3.90 -4.94 28.73
O5 CIT HA . -4.78 -5.03 27.80
O6 CIT HA . -2.67 -5.25 28.76
C1 EDO IA . 10.05 -14.95 16.39
O1 EDO IA . 10.27 -13.98 15.33
C2 EDO IA . 9.51 -16.21 15.75
O2 EDO IA . 9.58 -16.11 14.33
C1 EDO JA . 26.37 -6.30 23.87
O1 EDO JA . 26.68 -7.30 24.85
C2 EDO JA . 25.43 -6.91 22.86
O2 EDO JA . 26.18 -7.85 22.10
C1 EDO KA . 25.78 -34.14 31.81
O1 EDO KA . 27.09 -33.70 32.19
C2 EDO KA . 24.86 -32.95 31.55
O2 EDO KA . 23.56 -33.13 32.15
C1 EDO LA . 13.63 -16.29 9.94
O1 EDO LA . 14.39 -17.02 8.97
C2 EDO LA . 12.14 -16.32 9.60
O2 EDO LA . 11.43 -17.23 10.46
S SO4 MA . 9.72 -35.78 8.69
O1 SO4 MA . 8.94 -34.53 8.64
O2 SO4 MA . 10.72 -35.77 7.60
O3 SO4 MA . 8.81 -36.94 8.65
O4 SO4 MA . 10.44 -35.82 9.96
S SO4 NA . -8.17 -4.70 23.98
O1 SO4 NA . -8.41 -5.15 22.57
O2 SO4 NA . -8.41 -3.24 24.08
O3 SO4 NA . -6.77 -4.94 24.39
O4 SO4 NA . -9.06 -5.43 24.92
S SO4 OA . -0.15 -32.13 7.92
O1 SO4 OA . -0.95 -32.60 6.75
O2 SO4 OA . 0.58 -30.89 7.54
O3 SO4 OA . 0.81 -33.19 8.30
O4 SO4 OA . -1.09 -31.90 9.04
CL CL PA . 8.00 -12.84 17.84
C1 CIT QA . -18.86 12.92 -9.51
O1 CIT QA . -19.58 12.28 -10.34
O2 CIT QA . -18.20 12.34 -8.61
C2 CIT QA . -18.64 14.40 -9.69
C3 CIT QA . -19.74 15.34 -9.16
O7 CIT QA . -21.04 14.73 -9.06
C4 CIT QA . -19.41 15.90 -7.77
C5 CIT QA . -20.61 16.57 -7.13
O3 CIT QA . -20.99 17.67 -7.56
O4 CIT QA . -21.15 16.04 -6.14
C6 CIT QA . -19.81 16.47 -10.18
O5 CIT QA . -20.74 16.45 -11.03
O6 CIT QA . -18.86 17.29 -10.22
C1 EDO RA . -41.88 9.91 -11.36
O1 EDO RA . -41.02 9.18 -10.48
C2 EDO RA . -41.42 9.65 -12.77
O2 EDO RA . -40.86 8.33 -12.80
C1 EDO SA . -38.56 -8.94 -3.37
O1 EDO SA . -38.09 -8.67 -2.05
C2 EDO SA . -39.14 -7.66 -3.94
O2 EDO SA . -39.41 -7.79 -5.36
C1 EDO TA . -45.86 8.07 -14.08
O1 EDO TA . -46.05 9.48 -14.25
C2 EDO TA . -46.97 7.30 -14.81
O2 EDO TA . -48.10 7.08 -13.96
CL CL UA . -37.65 9.61 -11.26
C1 CIT VA . -10.08 1.52 -9.60
O1 CIT VA . -10.99 0.91 -10.19
O2 CIT VA . -8.95 1.04 -9.32
C2 CIT VA . -10.40 2.95 -9.20
C3 CIT VA . -10.72 3.03 -7.72
O7 CIT VA . -11.42 1.89 -7.23
C4 CIT VA . -11.39 4.36 -7.34
C5 CIT VA . -12.14 4.25 -6.05
O3 CIT VA . -13.39 4.30 -6.08
O4 CIT VA . -11.49 4.10 -4.99
C6 CIT VA . -9.39 2.93 -6.98
O5 CIT VA . -8.40 3.59 -7.38
O6 CIT VA . -9.27 2.18 -5.98
C1 EDO WA . -20.77 -15.43 2.23
O1 EDO WA . -21.23 -14.12 2.62
C2 EDO WA . -20.67 -15.38 0.72
O2 EDO WA . -21.13 -14.10 0.27
C1 EDO XA . -22.61 -17.64 5.54
O1 EDO XA . -21.69 -18.69 5.20
C2 EDO XA . -24.04 -18.16 5.64
O2 EDO XA . -24.09 -19.53 6.08
S SO4 YA . -15.80 -35.67 0.88
O1 SO4 YA . -16.24 -34.30 0.51
O2 SO4 YA . -15.33 -36.42 -0.30
O3 SO4 YA . -16.95 -36.36 1.49
O4 SO4 YA . -14.68 -35.54 1.84
S SO4 ZA . -38.02 -12.43 7.69
O1 SO4 ZA . -38.65 -13.46 6.82
O2 SO4 ZA . -37.83 -11.17 6.94
O3 SO4 ZA . -36.68 -12.92 8.07
O4 SO4 ZA . -38.91 -12.22 8.86
S SO4 AB . -6.06 1.91 -2.16
O1 SO4 AB . -5.74 3.30 -1.80
O2 SO4 AB . -7.49 1.80 -2.50
O3 SO4 AB . -5.80 1.03 -1.00
O4 SO4 AB . -5.23 1.56 -3.33
S SO4 BB . -7.51 -29.78 3.53
O1 SO4 BB . -8.63 -29.14 4.26
O2 SO4 BB . -7.15 -28.98 2.33
O3 SO4 BB . -7.90 -31.13 3.06
O4 SO4 BB . -6.31 -29.84 4.40
CL CL CB . -19.83 -11.31 0.10
#